data_1S20
#
_entry.id   1S20
#
_cell.length_a   75.524
_cell.length_b   81.275
_cell.length_c   113.215
_cell.angle_alpha   79.55
_cell.angle_beta   77.22
_cell.angle_gamma   82.01
#
_symmetry.space_group_name_H-M   'P 1'
#
loop_
_entity.id
_entity.type
_entity.pdbx_description
1 polymer 'Hypothetical oxidoreductase yiaK'
2 non-polymer 'L(+)-TARTARIC ACID'
3 non-polymer NICOTINAMIDE-ADENINE-DINUCLEOTIDE
4 water water
#
_entity_poly.entity_id   1
_entity_poly.type   'polypeptide(L)'
_entity_poly.pdbx_seq_one_letter_code
;(MSE)KVTFEQLKAAFNRVLISRGVDSETADACAE(MSE)FARTTESGVYSHGVNRFPRFIQQLENGDIIPDAQPKRITS
LGAIEQWDAQRSIGNLTAKK(MSE)(MSE)DRAIELAADHGIGLVALRNANHW(MSE)RGGSYGWQAAEKGYIGICWTNS
IAV(MSE)PPWGAKECRIGTNPLIVAIPSTPIT(MSE)VD(MSE)S(MSE)S(MSE)FSYG(MSE)LEVNRLAGRQLPVD
GGFDDEGNLTKEPGVIEKNRRILP(MSE)GYWKGSG(MSE)SIVLD(MSE)IATLLSDGASVAEVTQDNSDEYGISQIFI
AIEVDKLIDGPTRDAKLQRI(MSE)DYVTSAERADENQAIRLPGHEFTTLLAENRRNGITVDDSVWAKIQALLEHHHHHH
;
_entity_poly.pdbx_strand_id   A,B,C,D,E,F,G,H
#
# COMPACT_ATOMS: atom_id res chain seq x y z
N LYS A 2 43.26 27.06 53.37
CA LYS A 2 42.67 28.19 52.67
C LYS A 2 43.67 29.33 52.67
N VAL A 3 43.69 30.08 51.57
CA VAL A 3 44.59 31.22 51.44
C VAL A 3 43.93 32.31 50.58
N THR A 4 44.18 33.57 50.93
CA THR A 4 43.61 34.67 50.15
C THR A 4 44.45 34.83 48.88
N PHE A 5 43.88 35.42 47.84
CA PHE A 5 44.57 35.64 46.58
C PHE A 5 45.89 36.35 46.82
N GLU A 6 45.84 37.50 47.48
CA GLU A 6 47.04 38.27 47.77
C GLU A 6 48.03 37.56 48.66
N GLN A 7 47.52 36.74 49.59
CA GLN A 7 48.43 36.00 50.47
C GLN A 7 49.18 34.97 49.61
N LEU A 8 48.49 34.38 48.65
CA LEU A 8 49.11 33.41 47.76
C LEU A 8 50.13 34.13 46.88
N LYS A 9 49.69 35.20 46.22
CA LYS A 9 50.55 35.97 45.35
C LYS A 9 51.79 36.48 46.10
N ALA A 10 51.64 36.75 47.39
CA ALA A 10 52.76 37.23 48.20
C ALA A 10 53.83 36.15 48.34
N ALA A 11 53.40 34.91 48.56
CA ALA A 11 54.36 33.80 48.69
C ALA A 11 55.16 33.64 47.40
N PHE A 12 54.52 33.86 46.26
CA PHE A 12 55.19 33.75 44.97
C PHE A 12 56.19 34.88 44.78
N ASN A 13 55.73 36.11 45.01
CA ASN A 13 56.57 37.28 44.84
C ASN A 13 57.80 37.24 45.75
N ARG A 14 57.59 36.81 46.99
CA ARG A 14 58.66 36.72 47.98
C ARG A 14 59.79 35.82 47.43
N VAL A 15 59.43 34.62 46.98
CA VAL A 15 60.40 33.66 46.45
C VAL A 15 61.06 34.20 45.18
N LEU A 16 60.25 34.78 44.28
CA LEU A 16 60.77 35.34 43.04
C LEU A 16 61.85 36.38 43.33
N ILE A 17 61.51 37.38 44.14
CA ILE A 17 62.46 38.43 44.49
C ILE A 17 63.71 37.87 45.16
N SER A 18 63.55 36.82 45.97
CA SER A 18 64.70 36.22 46.65
C SER A 18 65.59 35.44 45.69
N ARG A 19 65.12 35.29 44.45
CA ARG A 19 65.88 34.58 43.43
C ARG A 19 66.42 35.54 42.37
N GLY A 20 66.51 36.83 42.71
CA GLY A 20 67.03 37.82 41.80
C GLY A 20 66.11 38.37 40.73
N VAL A 21 64.85 37.98 40.80
CA VAL A 21 63.85 38.45 39.85
C VAL A 21 63.53 39.92 40.06
N ASP A 22 63.48 40.67 38.97
CA ASP A 22 63.17 42.09 39.00
C ASP A 22 61.84 42.34 39.72
N SER A 23 61.78 43.42 40.48
CA SER A 23 60.56 43.78 41.23
C SER A 23 59.29 43.76 40.38
N GLU A 24 59.35 44.41 39.21
CA GLU A 24 58.22 44.50 38.30
C GLU A 24 57.84 43.15 37.67
N THR A 25 58.83 42.43 37.14
CA THR A 25 58.55 41.14 36.54
C THR A 25 58.10 40.17 37.62
N ALA A 26 58.70 40.27 38.80
CA ALA A 26 58.35 39.39 39.92
C ALA A 26 56.86 39.51 40.18
N ASP A 27 56.42 40.73 40.45
CA ASP A 27 55.01 40.94 40.69
C ASP A 27 54.16 40.42 39.52
N ALA A 28 54.65 40.58 38.29
CA ALA A 28 53.91 40.14 37.10
C ALA A 28 53.76 38.62 37.05
N CYS A 29 54.86 37.94 37.32
CA CYS A 29 54.89 36.49 37.30
C CYS A 29 54.01 35.93 38.41
N ALA A 30 54.18 36.45 39.63
CA ALA A 30 53.42 36.02 40.79
C ALA A 30 51.92 36.15 40.51
N GLU A 31 51.56 37.24 39.84
CA GLU A 31 50.18 37.54 39.45
C GLU A 31 49.63 36.39 38.62
N PHE A 33 50.86 33.30 38.29
CA PHE A 33 50.84 32.07 39.08
C PHE A 33 49.64 32.04 40.01
N ALA A 34 49.19 33.21 40.46
CA ALA A 34 48.04 33.30 41.35
C ALA A 34 46.73 33.13 40.58
N ARG A 35 46.54 33.94 39.54
CA ARG A 35 45.35 33.88 38.71
C ARG A 35 45.12 32.46 38.18
N THR A 36 46.19 31.84 37.68
CA THR A 36 46.11 30.48 37.16
C THR A 36 45.62 29.53 38.25
N THR A 37 46.11 29.73 39.47
CA THR A 37 45.69 28.90 40.58
C THR A 37 44.22 29.18 40.95
N GLU A 38 43.81 30.44 40.88
CA GLU A 38 42.43 30.80 41.23
C GLU A 38 41.43 30.34 40.18
N SER A 39 41.93 30.04 38.98
CA SER A 39 41.10 29.57 37.89
C SER A 39 40.82 28.09 38.03
N GLY A 40 41.47 27.46 39.00
CA GLY A 40 41.28 26.05 39.23
C GLY A 40 42.36 25.18 38.61
N VAL A 41 43.41 25.80 38.08
CA VAL A 41 44.50 25.05 37.48
C VAL A 41 45.67 25.02 38.46
N TYR A 42 45.68 24.02 39.34
CA TYR A 42 46.73 23.89 40.34
C TYR A 42 47.97 23.17 39.81
N SER A 43 47.73 22.18 38.95
CA SER A 43 48.82 21.40 38.37
C SER A 43 49.85 22.31 37.71
N HIS A 44 49.37 23.33 37.02
CA HIS A 44 50.24 24.26 36.31
C HIS A 44 50.26 25.65 36.96
N GLY A 45 49.61 25.76 38.11
CA GLY A 45 49.57 27.01 38.84
C GLY A 45 50.53 26.96 40.02
N VAL A 46 49.99 26.84 41.23
CA VAL A 46 50.81 26.81 42.43
C VAL A 46 51.66 25.54 42.59
N ASN A 47 51.15 24.39 42.15
CA ASN A 47 51.91 23.14 42.29
C ASN A 47 53.15 23.04 41.39
N ARG A 48 53.21 23.87 40.35
CA ARG A 48 54.35 23.84 39.45
C ARG A 48 55.40 24.89 39.82
N PHE A 49 55.05 25.78 40.76
CA PHE A 49 55.96 26.85 41.17
C PHE A 49 57.33 26.33 41.62
N PRO A 50 57.36 25.39 42.57
CA PRO A 50 58.63 24.84 43.04
C PRO A 50 59.51 24.42 41.86
N ARG A 51 58.95 23.61 40.95
CA ARG A 51 59.69 23.16 39.78
C ARG A 51 60.20 24.37 38.98
N PHE A 52 59.32 25.33 38.77
CA PHE A 52 59.66 26.55 38.05
C PHE A 52 60.91 27.18 38.63
N ILE A 53 60.86 27.46 39.92
CA ILE A 53 61.98 28.09 40.61
C ILE A 53 63.26 27.28 40.47
N GLN A 54 63.13 25.96 40.51
CA GLN A 54 64.31 25.11 40.40
C GLN A 54 65.00 25.31 39.05
N GLN A 55 64.23 25.33 37.96
CA GLN A 55 64.83 25.52 36.64
C GLN A 55 65.41 26.92 36.55
N LEU A 56 64.79 27.86 37.27
CA LEU A 56 65.27 29.23 37.27
C LEU A 56 66.66 29.31 37.89
N GLU A 57 66.82 28.69 39.06
CA GLU A 57 68.11 28.68 39.74
C GLU A 57 69.18 27.95 38.93
N ASN A 58 68.78 26.90 38.22
CA ASN A 58 69.70 26.12 37.40
C ASN A 58 70.16 26.91 36.17
N GLY A 59 69.58 28.09 35.96
CA GLY A 59 69.98 28.90 34.81
C GLY A 59 69.11 28.74 33.57
N ASP A 60 68.27 27.72 33.56
CA ASP A 60 67.38 27.46 32.44
C ASP A 60 66.59 28.74 32.07
N ILE A 61 66.16 29.47 33.09
CA ILE A 61 65.38 30.69 32.87
C ILE A 61 66.14 31.96 33.23
N ILE A 62 66.01 32.97 32.38
CA ILE A 62 66.67 34.26 32.57
C ILE A 62 65.60 35.33 32.76
N PRO A 63 65.27 35.66 34.01
CA PRO A 63 64.25 36.68 34.32
C PRO A 63 64.45 38.01 33.60
N ASP A 64 65.71 38.39 33.42
CA ASP A 64 66.09 39.64 32.76
C ASP A 64 65.69 39.63 31.28
N ALA A 65 66.11 38.60 30.56
CA ALA A 65 65.82 38.45 29.14
C ALA A 65 64.42 38.88 28.72
N GLN A 66 64.33 39.54 27.57
CA GLN A 66 63.05 39.98 27.02
C GLN A 66 62.95 39.49 25.57
N PRO A 67 61.72 39.21 25.11
CA PRO A 67 61.47 38.74 23.75
C PRO A 67 62.01 39.70 22.70
N LYS A 68 62.82 39.16 21.78
CA LYS A 68 63.40 39.95 20.69
C LYS A 68 62.81 39.54 19.35
N ARG A 69 62.18 40.47 18.63
CA ARG A 69 61.61 40.12 17.34
C ARG A 69 62.75 39.90 16.35
N ILE A 70 62.55 38.94 15.45
CA ILE A 70 63.57 38.63 14.47
C ILE A 70 63.13 39.08 13.07
N THR A 71 62.08 38.46 12.56
CA THR A 71 61.60 38.75 11.22
C THR A 71 60.09 38.99 11.19
N SER A 72 59.67 39.81 10.24
CA SER A 72 58.26 40.15 10.07
C SER A 72 57.87 40.09 8.59
N LEU A 73 56.88 39.27 8.26
CA LEU A 73 56.42 39.13 6.88
C LEU A 73 55.08 39.83 6.72
N GLY A 74 54.55 40.36 7.81
CA GLY A 74 53.25 41.03 7.77
C GLY A 74 52.35 40.56 8.88
N ALA A 75 51.52 39.55 8.60
CA ALA A 75 50.60 38.99 9.60
C ALA A 75 51.26 37.90 10.43
N ILE A 76 52.52 37.61 10.10
CA ILE A 76 53.28 36.58 10.80
C ILE A 76 54.65 37.15 11.17
N GLU A 77 55.11 36.82 12.37
CA GLU A 77 56.41 37.27 12.87
C GLU A 77 57.13 36.16 13.62
N GLN A 78 58.45 36.18 13.56
CA GLN A 78 59.30 35.21 14.22
C GLN A 78 60.00 35.93 15.37
N TRP A 79 59.79 35.47 16.60
CA TRP A 79 60.41 36.10 17.76
C TRP A 79 61.32 35.12 18.50
N ASP A 80 62.25 35.69 19.27
CA ASP A 80 63.20 34.92 20.04
C ASP A 80 62.96 35.22 21.52
N ALA A 81 62.52 34.22 22.28
CA ALA A 81 62.26 34.41 23.71
C ALA A 81 63.53 34.63 24.49
N GLN A 82 64.65 34.12 23.97
CA GLN A 82 65.92 34.27 24.64
C GLN A 82 65.92 33.69 26.06
N ARG A 83 65.29 32.54 26.24
CA ARG A 83 65.24 31.89 27.55
C ARG A 83 64.56 32.73 28.63
N SER A 84 63.67 33.63 28.21
CA SER A 84 62.98 34.48 29.16
C SER A 84 61.92 33.67 29.89
N ILE A 85 61.25 34.29 30.87
CA ILE A 85 60.19 33.63 31.64
C ILE A 85 59.09 33.09 30.72
N GLY A 86 58.76 31.82 30.90
CA GLY A 86 57.75 31.18 30.07
C GLY A 86 56.36 31.80 30.00
N ASN A 87 55.66 31.92 31.13
CA ASN A 87 54.32 32.47 31.12
C ASN A 87 54.21 33.95 30.79
N LEU A 88 55.12 34.75 31.35
CA LEU A 88 55.14 36.18 31.11
C LEU A 88 55.40 36.51 29.64
N THR A 89 56.30 35.79 28.99
CA THR A 89 56.60 36.05 27.58
C THR A 89 55.47 35.55 26.68
N ALA A 90 54.98 34.34 26.96
CA ALA A 90 53.89 33.79 26.16
C ALA A 90 52.72 34.78 26.16
N LYS A 91 52.47 35.44 27.28
CA LYS A 91 51.39 36.42 27.35
C LYS A 91 51.66 37.59 26.42
N LYS A 92 52.89 38.10 26.42
CA LYS A 92 53.22 39.22 25.55
C LYS A 92 53.12 38.83 24.07
N ASP A 95 49.77 38.65 22.84
CA ASP A 95 49.27 40.03 22.75
C ASP A 95 49.78 40.63 21.45
N ARG A 96 50.96 40.18 21.00
CA ARG A 96 51.52 40.67 19.75
C ARG A 96 50.77 40.06 18.57
N ALA A 97 50.23 38.86 18.77
CA ALA A 97 49.46 38.18 17.72
C ALA A 97 48.12 38.90 17.61
N ILE A 98 47.54 39.23 18.76
CA ILE A 98 46.26 39.92 18.79
C ILE A 98 46.42 41.28 18.14
N GLU A 99 47.60 41.87 18.31
CA GLU A 99 47.93 43.18 17.76
C GLU A 99 48.00 43.08 16.24
N LEU A 100 48.60 42.00 15.73
CA LEU A 100 48.71 41.78 14.29
C LEU A 100 47.37 41.49 13.65
N ALA A 101 46.55 40.66 14.31
CA ALA A 101 45.23 40.31 13.79
C ALA A 101 44.31 41.54 13.70
N ALA A 102 44.49 42.47 14.64
CA ALA A 102 43.68 43.67 14.65
C ALA A 102 43.80 44.45 13.34
N ASP A 103 44.96 44.41 12.69
CA ASP A 103 45.14 45.12 11.42
C ASP A 103 45.27 44.23 10.18
N HIS A 104 45.49 42.94 10.38
CA HIS A 104 45.62 42.03 9.24
C HIS A 104 44.55 40.94 9.23
N GLY A 105 43.68 40.93 10.22
CA GLY A 105 42.64 39.92 10.28
C GLY A 105 43.09 38.68 11.02
N ILE A 106 44.32 38.25 10.78
CA ILE A 106 44.88 37.08 11.45
C ILE A 106 46.33 37.32 11.79
N GLY A 107 46.73 36.88 12.97
CA GLY A 107 48.10 37.07 13.39
C GLY A 107 48.72 35.79 13.92
N LEU A 108 50.02 35.64 13.68
CA LEU A 108 50.73 34.47 14.14
C LEU A 108 52.12 34.85 14.59
N VAL A 109 52.52 34.34 15.75
CA VAL A 109 53.84 34.63 16.26
C VAL A 109 54.52 33.30 16.58
N ALA A 110 55.66 33.06 15.94
CA ALA A 110 56.41 31.84 16.17
C ALA A 110 57.56 32.24 17.10
N LEU A 111 57.65 31.58 18.25
CA LEU A 111 58.66 31.90 19.24
C LEU A 111 59.66 30.77 19.53
N ARG A 112 60.95 31.09 19.47
CA ARG A 112 61.98 30.10 19.77
C ARG A 112 62.71 30.44 21.06
N ASN A 113 63.48 29.48 21.55
CA ASN A 113 64.27 29.63 22.77
C ASN A 113 63.40 30.02 23.97
N ALA A 114 62.16 29.54 24.00
CA ALA A 114 61.24 29.85 25.10
C ALA A 114 61.29 28.86 26.26
N ASN A 115 60.58 29.16 27.34
CA ASN A 115 60.54 28.28 28.49
C ASN A 115 59.10 27.80 28.68
N HIS A 116 58.92 26.75 29.47
CA HIS A 116 57.60 26.20 29.72
C HIS A 116 56.63 27.32 30.03
N TRP A 117 55.53 27.38 29.27
CA TRP A 117 54.55 28.45 29.45
C TRP A 117 53.48 28.17 30.49
N ARG A 119 50.41 27.20 31.96
CA ARG A 119 49.10 26.81 31.46
C ARG A 119 48.85 27.37 30.06
N GLY A 120 48.94 26.48 29.07
CA GLY A 120 48.73 26.89 27.70
C GLY A 120 47.40 27.57 27.48
N GLY A 121 46.36 27.04 28.12
CA GLY A 121 45.04 27.62 28.00
C GLY A 121 44.96 29.08 28.41
N SER A 122 45.88 29.52 29.27
CA SER A 122 45.87 30.92 29.70
C SER A 122 45.88 31.87 28.49
N TYR A 123 46.73 31.58 27.52
CA TYR A 123 46.90 32.43 26.34
C TYR A 123 45.78 32.37 25.34
N GLY A 124 45.16 31.21 25.21
CA GLY A 124 44.06 31.08 24.29
C GLY A 124 42.93 31.84 24.95
N TRP A 125 42.81 31.66 26.27
CA TRP A 125 41.77 32.34 27.03
C TRP A 125 41.91 33.85 26.93
N GLN A 126 43.13 34.37 27.11
CA GLN A 126 43.32 35.80 27.06
C GLN A 126 42.89 36.38 25.70
N ALA A 127 43.09 35.61 24.64
CA ALA A 127 42.70 36.07 23.31
C ALA A 127 41.18 36.13 23.21
N ALA A 128 40.52 35.07 23.66
CA ALA A 128 39.06 35.00 23.60
C ALA A 128 38.39 36.12 24.40
N GLU A 129 39.00 36.53 25.50
CA GLU A 129 38.46 37.61 26.31
C GLU A 129 38.44 38.90 25.51
N LYS A 130 39.39 39.05 24.60
CA LYS A 130 39.47 40.24 23.75
C LYS A 130 38.55 40.11 22.56
N GLY A 131 37.84 38.99 22.47
CA GLY A 131 36.94 38.79 21.35
C GLY A 131 37.58 38.11 20.16
N TYR A 132 38.83 37.68 20.29
CA TYR A 132 39.54 37.02 19.20
C TYR A 132 39.54 35.50 19.39
N ILE A 133 39.75 34.76 18.31
CA ILE A 133 39.84 33.31 18.37
C ILE A 133 41.27 33.05 18.79
N GLY A 134 41.46 32.24 19.81
CA GLY A 134 42.80 31.97 20.28
C GLY A 134 43.26 30.55 20.01
N ILE A 135 44.39 30.43 19.33
CA ILE A 135 44.98 29.15 19.01
C ILE A 135 46.47 29.23 19.28
N CYS A 136 46.98 28.27 20.04
CA CYS A 136 48.40 28.23 20.36
C CYS A 136 48.85 26.83 20.79
N TRP A 137 50.13 26.57 20.69
CA TRP A 137 50.64 25.28 21.10
C TRP A 137 52.15 25.40 21.28
N THR A 138 52.74 24.43 21.96
CA THR A 138 54.17 24.43 22.24
C THR A 138 54.68 23.01 22.10
N ASN A 139 56.00 22.81 21.99
CA ASN A 139 56.50 21.45 21.96
C ASN A 139 57.14 21.20 23.33
N SER A 140 57.73 20.03 23.52
CA SER A 140 58.35 19.70 24.81
C SER A 140 59.38 18.60 24.63
N ILE A 141 59.92 18.10 25.74
CA ILE A 141 60.89 17.03 25.61
C ILE A 141 60.13 15.76 25.25
N ALA A 142 60.81 14.81 24.61
CA ALA A 142 60.17 13.56 24.23
C ALA A 142 59.84 12.78 25.49
N VAL A 143 58.54 12.69 25.79
CA VAL A 143 58.08 11.97 26.97
C VAL A 143 57.01 10.95 26.56
N PRO A 145 56.16 7.88 23.28
CA PRO A 145 56.59 7.17 22.07
C PRO A 145 55.58 7.34 20.94
N PRO A 146 56.07 7.59 19.72
CA PRO A 146 55.20 7.76 18.56
C PRO A 146 54.47 6.44 18.33
N TRP A 147 53.33 6.49 17.64
CA TRP A 147 52.55 5.28 17.41
C TRP A 147 53.34 4.23 16.67
N GLY A 148 53.41 3.05 17.27
CA GLY A 148 54.17 1.97 16.66
C GLY A 148 55.48 1.78 17.41
N ALA A 149 55.83 2.70 18.31
CA ALA A 149 57.07 2.59 19.09
C ALA A 149 56.84 2.32 20.58
N LYS A 150 57.93 2.07 21.29
CA LYS A 150 57.88 1.81 22.72
C LYS A 150 58.88 2.73 23.39
N GLU A 151 59.56 3.55 22.58
CA GLU A 151 60.55 4.49 23.08
C GLU A 151 60.05 5.92 22.88
N CYS A 152 60.10 6.73 23.93
CA CYS A 152 59.63 8.12 23.82
C CYS A 152 60.48 8.94 22.86
N ARG A 153 59.83 9.45 21.82
CA ARG A 153 60.51 10.27 20.83
C ARG A 153 59.67 11.45 20.39
N ILE A 154 58.49 11.60 21.00
CA ILE A 154 57.62 12.73 20.68
C ILE A 154 57.14 13.45 21.94
N GLY A 155 56.74 14.72 21.80
CA GLY A 155 56.29 15.49 22.95
C GLY A 155 54.79 15.55 23.13
N THR A 156 54.35 16.11 24.25
CA THR A 156 52.93 16.23 24.54
C THR A 156 52.31 17.39 23.76
N ASN A 157 53.17 18.28 23.27
CA ASN A 157 52.78 19.42 22.45
C ASN A 157 51.27 19.75 22.51
N PRO A 158 50.82 20.40 23.59
CA PRO A 158 49.42 20.80 23.85
C PRO A 158 48.88 21.80 22.84
N LEU A 159 47.67 21.54 22.36
CA LEU A 159 47.01 22.42 21.40
C LEU A 159 45.87 23.12 22.12
N ILE A 160 45.89 24.44 22.08
CA ILE A 160 44.86 25.27 22.72
C ILE A 160 44.05 26.00 21.62
N VAL A 161 42.73 25.92 21.72
CA VAL A 161 41.80 26.55 20.78
C VAL A 161 40.65 27.14 21.60
N ALA A 162 40.59 28.46 21.69
CA ALA A 162 39.56 29.16 22.45
C ALA A 162 38.71 30.05 21.56
N ILE A 163 37.40 30.01 21.80
CA ILE A 163 36.41 30.76 21.03
C ILE A 163 35.80 31.85 21.92
N PRO A 164 35.66 33.07 21.38
CA PRO A 164 35.10 34.21 22.12
C PRO A 164 33.60 34.07 22.37
N SER A 165 33.18 32.90 22.80
CA SER A 165 31.77 32.67 23.06
C SER A 165 31.43 33.01 24.50
N THR A 166 30.19 32.79 24.87
CA THR A 166 29.76 33.05 26.22
C THR A 166 29.00 31.81 26.70
N PRO A 167 29.61 31.04 27.63
CA PRO A 167 30.93 31.29 28.21
C PRO A 167 31.97 31.01 27.13
N ILE A 168 33.24 31.27 27.42
CA ILE A 168 34.30 31.01 26.45
C ILE A 168 34.46 29.50 26.27
N THR A 169 34.49 29.05 25.01
CA THR A 169 34.65 27.64 24.72
C THR A 169 36.10 27.41 24.32
N VAL A 171 39.51 24.32 24.17
CA VAL A 171 40.06 22.98 24.32
C VAL A 171 41.54 23.16 24.64
N ASP A 172 41.95 22.77 25.84
CA ASP A 172 43.35 22.87 26.21
C ASP A 172 43.68 21.40 26.40
N SER A 174 46.60 18.03 25.78
CA SER A 174 47.91 17.54 25.42
C SER A 174 47.69 16.44 24.40
N SER A 176 48.89 13.56 24.70
CA SER A 176 48.82 12.29 25.41
C SER A 176 47.39 12.21 25.97
N PHE A 178 46.25 11.01 28.53
CA PHE A 178 46.33 11.42 29.92
C PHE A 178 47.70 12.08 30.14
N SER A 179 47.79 12.95 31.12
CA SER A 179 49.06 13.60 31.45
C SER A 179 49.66 12.78 32.57
N TYR A 180 50.98 12.76 32.67
CA TYR A 180 51.64 12.01 33.72
C TYR A 180 51.14 12.47 35.08
N GLY A 181 50.74 13.74 35.15
CA GLY A 181 50.24 14.27 36.41
C GLY A 181 48.99 13.52 36.84
N LEU A 183 48.12 10.54 35.85
CA LEU A 183 48.42 9.13 36.12
C LEU A 183 48.77 8.98 37.59
N GLU A 184 49.54 9.92 38.12
CA GLU A 184 49.91 9.86 39.53
C GLU A 184 48.66 9.99 40.40
N VAL A 185 47.79 10.93 40.05
CA VAL A 185 46.56 11.16 40.81
C VAL A 185 45.82 9.84 41.00
N ASN A 186 45.60 9.10 39.91
CA ASN A 186 44.89 7.83 40.00
C ASN A 186 45.66 6.77 40.79
N ARG A 187 46.92 6.53 40.42
CA ARG A 187 47.77 5.54 41.09
C ARG A 187 47.74 5.72 42.62
N LEU A 188 47.99 6.95 43.06
CA LEU A 188 48.00 7.28 44.48
C LEU A 188 46.67 6.92 45.13
N ALA A 189 45.58 6.98 44.38
CA ALA A 189 44.28 6.64 44.93
C ALA A 189 43.87 5.20 44.59
N GLY A 190 44.82 4.40 44.12
CA GLY A 190 44.50 3.02 43.76
C GLY A 190 43.33 2.98 42.79
N ARG A 191 43.36 3.88 41.82
CA ARG A 191 42.29 3.99 40.85
C ARG A 191 42.76 3.69 39.44
N GLN A 192 41.92 3.02 38.67
CA GLN A 192 42.24 2.68 37.29
C GLN A 192 41.77 3.84 36.40
N LEU A 193 42.43 4.05 35.28
CA LEU A 193 42.05 5.13 34.36
C LEU A 193 40.69 4.83 33.77
N PRO A 194 39.88 5.86 33.50
CA PRO A 194 38.56 5.65 32.91
C PRO A 194 38.63 5.02 31.51
N VAL A 195 39.76 5.25 30.84
CA VAL A 195 39.96 4.68 29.51
C VAL A 195 41.44 4.35 29.35
N ASP A 196 41.76 3.45 28.42
CA ASP A 196 43.15 3.07 28.18
C ASP A 196 44.02 4.32 28.07
N GLY A 197 45.16 4.31 28.77
CA GLY A 197 46.05 5.46 28.73
C GLY A 197 47.51 5.09 28.51
N GLY A 198 47.76 3.85 28.12
CA GLY A 198 49.13 3.44 27.90
C GLY A 198 49.28 1.96 27.67
N PHE A 199 50.51 1.52 27.46
CA PHE A 199 50.81 0.12 27.21
C PHE A 199 51.58 -0.51 28.38
N ASP A 200 51.41 -1.82 28.57
CA ASP A 200 52.12 -2.50 29.65
C ASP A 200 53.47 -2.97 29.09
N ASP A 201 54.19 -3.75 29.88
CA ASP A 201 55.51 -4.26 29.48
C ASP A 201 55.42 -5.25 28.32
N GLU A 202 54.24 -5.83 28.13
CA GLU A 202 54.05 -6.79 27.05
C GLU A 202 53.47 -6.12 25.80
N GLY A 203 53.30 -4.80 25.85
CA GLY A 203 52.79 -4.08 24.69
C GLY A 203 51.28 -4.15 24.53
N ASN A 204 50.58 -4.30 25.65
CA ASN A 204 49.13 -4.37 25.63
C ASN A 204 48.56 -3.11 26.27
N LEU A 205 47.42 -2.65 25.76
CA LEU A 205 46.77 -1.48 26.30
C LEU A 205 46.44 -1.78 27.77
N THR A 206 46.47 -0.75 28.60
CA THR A 206 46.18 -0.89 30.01
C THR A 206 45.69 0.41 30.60
N LYS A 207 44.91 0.28 31.68
CA LYS A 207 44.34 1.39 32.41
C LYS A 207 45.03 1.47 33.77
N GLU A 208 46.13 0.73 33.91
CA GLU A 208 46.90 0.70 35.17
C GLU A 208 47.98 1.78 35.12
N PRO A 209 47.79 2.89 35.87
CA PRO A 209 48.70 4.03 35.95
C PRO A 209 50.15 3.67 36.24
N GLY A 210 50.34 2.91 37.31
CA GLY A 210 51.65 2.51 37.75
C GLY A 210 52.55 2.02 36.64
N VAL A 211 52.16 0.92 36.01
CA VAL A 211 52.96 0.35 34.94
C VAL A 211 53.33 1.36 33.87
N ILE A 212 52.42 2.29 33.58
CA ILE A 212 52.66 3.31 32.57
C ILE A 212 53.67 4.33 33.04
N GLU A 213 53.54 4.77 34.29
CA GLU A 213 54.47 5.75 34.82
C GLU A 213 55.89 5.17 34.85
N LYS A 214 55.99 3.85 34.82
CA LYS A 214 57.27 3.16 34.88
C LYS A 214 57.98 2.98 33.53
N ASN A 215 57.26 2.48 32.53
CA ASN A 215 57.87 2.28 31.22
C ASN A 215 57.78 3.51 30.33
N ARG A 216 57.02 4.52 30.78
CA ARG A 216 56.87 5.75 30.01
C ARG A 216 56.15 5.52 28.69
N ARG A 217 55.45 4.40 28.56
CA ARG A 217 54.73 4.10 27.32
C ARG A 217 53.32 4.71 27.41
N ILE A 218 53.26 6.02 27.63
CA ILE A 218 51.99 6.72 27.73
C ILE A 218 51.28 6.69 26.38
N LEU A 219 49.95 6.49 26.40
CA LEU A 219 49.16 6.42 25.17
C LEU A 219 48.81 7.76 24.56
N PRO A 220 49.03 7.91 23.24
CA PRO A 220 48.70 9.17 22.56
C PRO A 220 47.19 9.25 22.42
N GLY A 222 43.89 9.35 20.88
CA GLY A 222 43.47 8.91 19.56
C GLY A 222 44.49 8.06 18.83
N TYR A 223 45.35 7.38 19.60
CA TYR A 223 46.36 6.49 19.04
C TYR A 223 47.27 7.13 18.00
N TRP A 224 47.14 6.68 16.76
CA TRP A 224 47.99 7.23 15.70
C TRP A 224 47.59 8.66 15.38
N LYS A 225 46.34 9.01 15.66
CA LYS A 225 45.86 10.36 15.38
C LYS A 225 46.59 11.40 16.21
N GLY A 226 46.68 11.17 17.51
CA GLY A 226 47.38 12.09 18.38
C GLY A 226 48.87 12.09 18.12
N SER A 227 49.44 10.91 17.87
CA SER A 227 50.88 10.79 17.61
C SER A 227 51.25 11.61 16.38
N GLY A 228 50.45 11.47 15.33
CA GLY A 228 50.70 12.20 14.11
C GLY A 228 50.58 13.70 14.31
N SER A 230 51.01 15.42 17.13
CA SER A 230 52.14 15.90 17.93
C SER A 230 53.34 16.20 17.05
N ILE A 231 53.59 15.30 16.10
CA ILE A 231 54.70 15.42 15.16
C ILE A 231 54.54 16.65 14.25
N VAL A 232 53.35 16.88 13.70
CA VAL A 232 53.15 18.03 12.82
C VAL A 232 53.13 19.33 13.58
N LEU A 233 52.64 19.32 14.81
CA LEU A 233 52.64 20.53 15.60
C LEU A 233 54.09 20.90 15.90
N ASP A 234 54.93 19.90 16.16
CA ASP A 234 56.35 20.14 16.46
C ASP A 234 57.05 20.68 15.21
N ILE A 236 55.79 22.41 12.71
CA ILE A 236 55.38 23.80 12.48
C ILE A 236 56.09 24.78 13.40
N ALA A 237 56.09 24.48 14.70
CA ALA A 237 56.72 25.36 15.68
C ALA A 237 58.20 25.47 15.48
N THR A 238 58.80 24.39 15.01
CA THR A 238 60.23 24.36 14.76
C THR A 238 60.58 25.18 13.53
N LEU A 239 59.83 24.98 12.45
CA LEU A 239 60.05 25.70 11.20
C LEU A 239 59.80 27.20 11.27
N LEU A 240 58.58 27.58 11.60
CA LEU A 240 58.21 28.98 11.67
C LEU A 240 59.04 29.81 12.66
N SER A 241 59.57 29.16 13.68
CA SER A 241 60.40 29.86 14.66
C SER A 241 61.87 29.57 14.42
N ASP A 242 62.15 28.64 13.51
CA ASP A 242 63.53 28.25 13.20
C ASP A 242 64.16 27.97 14.55
N GLY A 243 63.46 27.20 15.37
CA GLY A 243 63.95 26.88 16.69
C GLY A 243 64.20 25.41 16.88
N ALA A 244 64.28 25.02 18.16
CA ALA A 244 64.53 23.65 18.53
C ALA A 244 63.26 22.82 18.51
N SER A 245 63.41 21.56 18.07
CA SER A 245 62.31 20.63 17.99
C SER A 245 62.35 19.77 19.23
N VAL A 246 61.43 18.82 19.30
CA VAL A 246 61.39 17.93 20.45
C VAL A 246 62.72 17.20 20.57
N ALA A 247 63.20 16.69 19.43
CA ALA A 247 64.46 15.95 19.40
C ALA A 247 65.61 16.83 19.88
N GLU A 248 65.71 18.04 19.31
CA GLU A 248 66.78 18.94 19.68
C GLU A 248 66.77 19.30 21.16
N VAL A 249 65.63 19.73 21.68
CA VAL A 249 65.56 20.10 23.08
C VAL A 249 65.91 18.95 24.01
N THR A 250 65.39 17.75 23.70
CA THR A 250 65.64 16.56 24.51
C THR A 250 67.11 16.13 24.57
N GLN A 251 67.82 16.24 23.44
CA GLN A 251 69.23 15.82 23.38
C GLN A 251 70.27 16.93 23.50
N ASP A 252 69.96 18.12 23.02
CA ASP A 252 70.90 19.23 23.09
C ASP A 252 70.80 20.06 24.37
N ASN A 253 69.75 19.84 25.16
CA ASN A 253 69.59 20.62 26.39
C ASN A 253 69.68 19.77 27.66
N SER A 254 70.07 20.41 28.76
CA SER A 254 70.20 19.72 30.03
C SER A 254 68.85 19.49 30.71
N ASP A 255 67.85 20.27 30.32
CA ASP A 255 66.50 20.15 30.88
C ASP A 255 65.50 20.71 29.87
N GLU A 256 64.23 20.80 30.29
CA GLU A 256 63.18 21.33 29.43
C GLU A 256 63.23 22.84 29.33
N TYR A 257 64.03 23.37 28.41
CA TYR A 257 64.14 24.80 28.19
C TYR A 257 64.52 24.99 26.73
N GLY A 258 64.28 26.17 26.18
CA GLY A 258 64.62 26.40 24.78
C GLY A 258 63.65 25.75 23.81
N ILE A 259 62.39 25.66 24.22
CA ILE A 259 61.35 25.07 23.38
C ILE A 259 60.74 26.08 22.40
N SER A 260 59.89 25.59 21.52
CA SER A 260 59.25 26.42 20.50
C SER A 260 57.73 26.49 20.69
N GLN A 261 57.19 27.69 20.50
CA GLN A 261 55.76 27.90 20.69
C GLN A 261 55.11 28.73 19.59
N ILE A 262 53.85 28.41 19.29
CA ILE A 262 53.10 29.14 18.26
C ILE A 262 51.90 29.85 18.89
N PHE A 263 51.72 31.11 18.53
CA PHE A 263 50.61 31.93 19.04
C PHE A 263 49.83 32.50 17.85
N ILE A 264 48.53 32.24 17.85
CA ILE A 264 47.64 32.67 16.78
C ILE A 264 46.37 33.34 17.30
N ALA A 265 46.03 34.45 16.68
CA ALA A 265 44.84 35.23 17.03
C ALA A 265 44.10 35.52 15.72
N ILE A 266 42.78 35.44 15.74
CA ILE A 266 41.98 35.70 14.55
C ILE A 266 40.79 36.56 14.96
N GLU A 267 40.62 37.69 14.29
CA GLU A 267 39.51 38.59 14.61
C GLU A 267 38.22 38.02 14.07
N VAL A 268 37.13 38.22 14.82
CA VAL A 268 35.83 37.70 14.45
C VAL A 268 34.82 38.79 14.09
N ASP A 269 34.70 39.79 14.96
CA ASP A 269 33.73 40.87 14.79
C ASP A 269 33.72 41.59 13.46
N LYS A 270 34.83 41.61 12.74
CA LYS A 270 34.84 42.29 11.46
C LYS A 270 34.34 41.38 10.33
N LEU A 271 33.94 40.16 10.68
CA LEU A 271 33.45 39.21 9.68
C LEU A 271 32.03 38.73 9.96
N ILE A 272 31.53 39.03 11.15
CA ILE A 272 30.18 38.64 11.55
C ILE A 272 29.62 39.60 12.60
N ASP A 273 28.32 39.90 12.51
CA ASP A 273 27.66 40.80 13.45
C ASP A 273 27.64 40.27 14.87
N GLY A 274 27.64 41.17 15.85
CA GLY A 274 27.60 40.76 17.24
C GLY A 274 26.42 39.83 17.52
N PRO A 275 25.19 40.24 17.14
CA PRO A 275 23.99 39.43 17.36
C PRO A 275 24.04 38.09 16.61
N THR A 276 24.48 38.14 15.36
CA THR A 276 24.58 36.93 14.56
C THR A 276 25.60 35.99 15.18
N ARG A 277 26.63 36.58 15.79
CA ARG A 277 27.69 35.83 16.44
C ARG A 277 27.15 35.14 17.70
N ASP A 278 26.33 35.85 18.46
CA ASP A 278 25.77 35.28 19.68
C ASP A 278 24.73 34.21 19.37
N ALA A 279 23.95 34.45 18.33
CA ALA A 279 22.91 33.52 17.93
C ALA A 279 23.51 32.23 17.37
N LYS A 280 24.36 32.35 16.37
CA LYS A 280 24.96 31.17 15.76
C LYS A 280 25.74 30.34 16.78
N LEU A 281 26.53 31.02 17.60
CA LEU A 281 27.32 30.35 18.64
C LEU A 281 26.42 29.68 19.67
N GLN A 282 25.28 30.31 19.98
CA GLN A 282 24.35 29.76 20.96
C GLN A 282 23.63 28.54 20.38
N ARG A 283 23.34 28.58 19.09
CA ARG A 283 22.68 27.48 18.43
C ARG A 283 23.59 26.25 18.39
N ILE A 284 24.89 26.48 18.41
CA ILE A 284 25.84 25.39 18.39
C ILE A 284 25.93 24.78 19.78
N ASP A 286 23.78 25.03 22.20
CA ASP A 286 22.50 24.45 22.58
C ASP A 286 22.31 23.09 21.89
N TYR A 287 22.73 23.02 20.63
CA TYR A 287 22.63 21.78 19.87
C TYR A 287 23.42 20.69 20.57
N VAL A 288 24.50 21.08 21.23
CA VAL A 288 25.33 20.12 21.97
C VAL A 288 24.66 19.73 23.28
N THR A 289 24.41 20.73 24.14
CA THR A 289 23.79 20.48 25.44
C THR A 289 22.40 19.89 25.44
N SER A 290 21.67 20.02 24.34
CA SER A 290 20.32 19.47 24.33
C SER A 290 20.31 18.05 23.79
N ALA A 291 21.49 17.48 23.55
CA ALA A 291 21.61 16.13 23.02
C ALA A 291 21.12 15.07 23.97
N GLU A 292 20.49 14.03 23.43
CA GLU A 292 20.00 12.95 24.27
C GLU A 292 21.24 12.38 24.97
N ARG A 293 21.14 12.27 26.29
CA ARG A 293 22.26 11.82 27.11
C ARG A 293 22.44 10.31 27.25
N ALA A 294 23.68 9.90 27.54
CA ALA A 294 23.98 8.50 27.76
C ALA A 294 23.59 8.20 29.21
N ASP A 295 23.55 9.26 30.02
CA ASP A 295 23.16 9.18 31.42
C ASP A 295 22.27 10.39 31.68
N GLU A 296 20.98 10.14 31.80
CA GLU A 296 19.98 11.18 32.02
C GLU A 296 20.32 12.24 33.06
N ASN A 297 21.17 11.90 34.02
CA ASN A 297 21.54 12.86 35.06
C ASN A 297 22.94 13.43 34.91
N GLN A 298 23.53 13.23 33.74
CA GLN A 298 24.86 13.74 33.48
C GLN A 298 24.82 14.68 32.29
N ALA A 299 24.92 15.97 32.59
CA ALA A 299 24.89 17.03 31.58
C ALA A 299 26.01 16.86 30.57
N ILE A 300 25.79 17.36 29.35
CA ILE A 300 26.78 17.31 28.27
C ILE A 300 27.65 18.54 28.45
N ARG A 301 28.93 18.33 28.75
CA ARG A 301 29.86 19.45 28.96
C ARG A 301 30.50 19.98 27.68
N LEU A 302 30.57 21.30 27.57
CA LEU A 302 31.22 21.93 26.44
C LEU A 302 32.65 22.17 26.91
N PRO A 303 33.63 22.02 26.01
CA PRO A 303 35.05 22.22 26.34
C PRO A 303 35.40 23.57 26.91
N GLY A 304 36.00 23.57 28.11
CA GLY A 304 36.42 24.81 28.74
C GLY A 304 35.42 25.57 29.59
N HIS A 305 34.17 25.13 29.60
CA HIS A 305 33.13 25.80 30.35
C HIS A 305 33.19 25.56 31.86
N GLU A 306 34.17 24.77 32.30
CA GLU A 306 34.32 24.48 33.72
C GLU A 306 35.16 25.57 34.40
N PHE A 307 35.86 26.37 33.60
CA PHE A 307 36.72 27.41 34.15
C PHE A 307 35.95 28.62 34.65
N THR A 308 34.65 28.67 34.36
CA THR A 308 33.85 29.80 34.81
C THR A 308 33.36 29.57 36.24
N THR A 309 33.05 28.31 36.56
CA THR A 309 32.58 27.95 37.89
C THR A 309 33.76 27.80 38.86
N LEU A 310 34.86 27.23 38.36
CA LEU A 310 36.05 27.06 39.19
C LEU A 310 36.48 28.42 39.73
N LEU A 311 36.49 29.42 38.84
CA LEU A 311 36.88 30.78 39.20
C LEU A 311 35.90 31.40 40.18
N ALA A 312 34.61 31.28 39.86
CA ALA A 312 33.57 31.83 40.72
C ALA A 312 33.65 31.21 42.12
N GLU A 313 33.78 29.90 42.19
CA GLU A 313 33.84 29.20 43.47
C GLU A 313 35.06 29.60 44.30
N ASN A 314 36.18 29.83 43.63
CA ASN A 314 37.42 30.23 44.32
C ASN A 314 37.35 31.68 44.76
N ARG A 315 36.61 32.49 44.00
CA ARG A 315 36.45 33.90 44.32
C ARG A 315 35.30 34.13 45.29
N ARG A 316 35.00 33.15 46.11
CA ARG A 316 33.90 33.29 47.07
C ARG A 316 34.18 32.51 48.35
N ASN A 317 34.87 31.38 48.21
CA ASN A 317 35.19 30.54 49.37
C ASN A 317 36.69 30.53 49.62
N GLY A 318 37.41 31.42 48.95
CA GLY A 318 38.85 31.49 49.11
C GLY A 318 39.52 30.37 48.33
N ILE A 319 40.84 30.46 48.16
CA ILE A 319 41.58 29.43 47.41
C ILE A 319 42.11 28.30 48.30
N THR A 320 41.92 27.07 47.84
CA THR A 320 42.38 25.89 48.57
C THR A 320 43.67 25.35 47.98
N VAL A 321 44.77 25.53 48.70
CA VAL A 321 46.07 25.05 48.25
C VAL A 321 46.54 23.90 49.13
N ASP A 322 47.26 22.95 48.53
CA ASP A 322 47.78 21.80 49.26
C ASP A 322 48.75 22.33 50.31
N ASP A 323 48.64 21.84 51.54
CA ASP A 323 49.50 22.28 52.64
C ASP A 323 50.97 21.95 52.44
N SER A 324 51.26 20.72 52.03
CA SER A 324 52.64 20.32 51.83
C SER A 324 53.28 21.17 50.72
N VAL A 325 52.47 21.55 49.73
CA VAL A 325 52.96 22.37 48.62
C VAL A 325 53.24 23.78 49.14
N TRP A 326 52.37 24.27 50.01
CA TRP A 326 52.54 25.59 50.57
C TRP A 326 53.82 25.66 51.39
N ALA A 327 54.08 24.61 52.17
CA ALA A 327 55.27 24.55 53.01
C ALA A 327 56.54 24.43 52.18
N LYS A 328 56.44 23.75 51.04
CA LYS A 328 57.57 23.57 50.16
C LYS A 328 57.93 24.90 49.52
N ILE A 329 56.93 25.73 49.26
CA ILE A 329 57.18 27.04 48.67
C ILE A 329 57.83 27.93 49.72
N GLN A 330 57.30 27.90 50.94
CA GLN A 330 57.81 28.69 52.04
C GLN A 330 59.23 28.30 52.39
N ALA A 331 59.50 27.01 52.31
CA ALA A 331 60.82 26.45 52.61
C ALA A 331 61.91 27.00 51.69
N LEU A 332 61.52 27.48 50.51
CA LEU A 332 62.49 28.03 49.57
C LEU A 332 63.13 29.30 50.10
N LEU A 333 62.39 30.01 50.95
CA LEU A 333 62.87 31.27 51.54
C LEU A 333 63.81 31.00 52.73
N GLU A 334 63.82 29.77 53.24
CA GLU A 334 64.68 29.40 54.36
C GLU A 334 66.14 29.57 54.03
N LYS B 2 40.71 -3.86 -12.10
CA LYS B 2 41.86 -3.04 -12.45
C LYS B 2 41.50 -2.09 -13.59
N VAL B 3 41.84 -0.82 -13.42
CA VAL B 3 41.55 0.20 -14.43
C VAL B 3 42.73 1.13 -14.64
N THR B 4 42.50 2.18 -15.41
CA THR B 4 43.54 3.16 -15.71
C THR B 4 43.09 4.54 -15.31
N PHE B 5 44.05 5.45 -15.13
CA PHE B 5 43.74 6.82 -14.75
C PHE B 5 42.76 7.43 -15.76
N GLU B 6 43.04 7.27 -17.04
CA GLU B 6 42.19 7.83 -18.08
C GLU B 6 40.78 7.25 -18.08
N GLN B 7 40.68 5.95 -17.83
CA GLN B 7 39.38 5.30 -17.81
C GLN B 7 38.50 5.89 -16.71
N LEU B 8 39.07 6.01 -15.51
CA LEU B 8 38.34 6.58 -14.37
C LEU B 8 37.84 7.97 -14.71
N LYS B 9 38.76 8.85 -15.11
CA LYS B 9 38.41 10.22 -15.47
C LYS B 9 37.37 10.23 -16.58
N ALA B 10 37.50 9.32 -17.54
CA ALA B 10 36.55 9.24 -18.65
C ALA B 10 35.13 9.09 -18.11
N ALA B 11 34.94 8.08 -17.28
CA ALA B 11 33.62 7.81 -16.69
C ALA B 11 33.10 9.05 -15.97
N PHE B 12 33.89 9.55 -15.03
CA PHE B 12 33.56 10.71 -14.22
C PHE B 12 33.13 11.88 -15.11
N ASN B 13 33.82 12.04 -16.23
CA ASN B 13 33.54 13.12 -17.18
C ASN B 13 32.17 13.02 -17.83
N ARG B 14 31.96 11.94 -18.57
CA ARG B 14 30.68 11.76 -19.25
C ARG B 14 29.50 11.80 -18.30
N VAL B 15 29.64 11.20 -17.13
CA VAL B 15 28.56 11.20 -16.15
C VAL B 15 28.18 12.63 -15.78
N LEU B 16 29.19 13.46 -15.53
CA LEU B 16 28.97 14.85 -15.17
C LEU B 16 28.36 15.63 -16.33
N ILE B 17 28.92 15.45 -17.52
CA ILE B 17 28.43 16.14 -18.70
C ILE B 17 26.95 15.85 -18.95
N SER B 18 26.56 14.59 -18.86
CA SER B 18 25.16 14.21 -19.08
C SER B 18 24.26 14.77 -17.99
N ARG B 19 24.87 15.39 -16.97
CA ARG B 19 24.10 15.97 -15.87
C ARG B 19 24.13 17.50 -15.85
N GLY B 20 24.22 18.09 -17.04
CA GLY B 20 24.23 19.55 -17.15
C GLY B 20 25.50 20.20 -16.65
N VAL B 21 26.62 19.52 -16.79
CA VAL B 21 27.90 20.07 -16.34
C VAL B 21 28.76 20.40 -17.54
N ASP B 22 29.13 21.67 -17.67
CA ASP B 22 29.96 22.11 -18.78
C ASP B 22 31.25 21.30 -18.82
N SER B 23 31.62 20.86 -20.02
CA SER B 23 32.83 20.06 -20.23
C SER B 23 34.02 20.54 -19.40
N GLU B 24 34.30 21.84 -19.45
CA GLU B 24 35.43 22.40 -18.72
C GLU B 24 35.37 22.01 -17.24
N THR B 25 34.29 22.40 -16.57
CA THR B 25 34.11 22.09 -15.16
C THR B 25 34.09 20.58 -14.95
N ALA B 26 33.36 19.87 -15.81
CA ALA B 26 33.27 18.43 -15.72
C ALA B 26 34.66 17.80 -15.74
N ASP B 27 35.47 18.20 -16.72
CA ASP B 27 36.83 17.67 -16.85
C ASP B 27 37.64 17.96 -15.58
N ALA B 28 37.64 19.22 -15.17
CA ALA B 28 38.38 19.61 -13.97
C ALA B 28 37.96 18.75 -12.78
N CYS B 29 36.65 18.68 -12.53
CA CYS B 29 36.11 17.89 -11.43
C CYS B 29 36.44 16.40 -11.58
N ALA B 30 36.31 15.89 -12.80
CA ALA B 30 36.58 14.48 -13.06
C ALA B 30 38.05 14.20 -12.78
N GLU B 31 38.90 15.16 -13.12
CA GLU B 31 40.34 15.05 -12.91
C GLU B 31 40.64 14.78 -11.44
N PHE B 33 38.72 13.68 -9.04
CA PHE B 33 38.21 12.39 -8.59
C PHE B 33 39.17 11.28 -8.98
N ALA B 34 39.76 11.37 -10.15
CA ALA B 34 40.70 10.36 -10.62
C ALA B 34 42.02 10.44 -9.88
N ARG B 35 42.44 11.67 -9.57
CA ARG B 35 43.68 11.89 -8.87
C ARG B 35 43.60 11.37 -7.44
N THR B 36 42.49 11.68 -6.76
CA THR B 36 42.33 11.25 -5.38
C THR B 36 42.39 9.73 -5.26
N THR B 37 41.86 9.03 -6.25
CA THR B 37 41.84 7.57 -6.30
C THR B 37 43.26 7.03 -6.46
N GLU B 38 43.95 7.52 -7.49
CA GLU B 38 45.30 7.08 -7.77
C GLU B 38 46.24 7.27 -6.58
N SER B 39 45.90 8.22 -5.69
CA SER B 39 46.72 8.49 -4.52
C SER B 39 46.47 7.50 -3.40
N GLY B 40 45.40 6.72 -3.52
CA GLY B 40 45.11 5.74 -2.50
C GLY B 40 43.89 6.06 -1.67
N VAL B 41 43.28 7.20 -1.93
CA VAL B 41 42.11 7.59 -1.17
C VAL B 41 40.84 7.24 -1.95
N TYR B 42 40.59 5.94 -2.10
CA TYR B 42 39.43 5.46 -2.85
C TYR B 42 38.12 5.86 -2.17
N SER B 43 38.10 5.80 -0.84
CA SER B 43 36.93 6.14 -0.04
C SER B 43 36.29 7.46 -0.49
N HIS B 44 37.12 8.48 -0.63
CA HIS B 44 36.64 9.80 -1.04
C HIS B 44 36.99 10.09 -2.50
N GLY B 45 37.37 9.04 -3.22
CA GLY B 45 37.69 9.19 -4.63
C GLY B 45 36.63 8.56 -5.49
N VAL B 46 36.95 7.45 -6.13
CA VAL B 46 36.01 6.75 -6.99
C VAL B 46 34.79 6.28 -6.21
N ASN B 47 35.01 5.85 -4.96
CA ASN B 47 33.93 5.35 -4.11
C ASN B 47 32.86 6.37 -3.76
N ARG B 48 33.22 7.65 -3.75
CA ARG B 48 32.26 8.69 -3.39
C ARG B 48 31.59 9.33 -4.60
N PHE B 49 32.04 8.98 -5.79
CA PHE B 49 31.46 9.54 -7.01
C PHE B 49 29.95 9.35 -7.09
N PRO B 50 29.46 8.13 -6.86
CA PRO B 50 28.02 7.87 -6.91
C PRO B 50 27.19 8.79 -6.01
N ARG B 51 27.59 8.93 -4.76
CA ARG B 51 26.87 9.78 -3.81
C ARG B 51 26.99 11.24 -4.24
N PHE B 52 28.13 11.60 -4.83
CA PHE B 52 28.37 12.96 -5.29
C PHE B 52 27.37 13.32 -6.40
N ILE B 53 27.08 12.35 -7.27
CA ILE B 53 26.16 12.56 -8.39
C ILE B 53 24.71 12.80 -7.92
N GLN B 54 24.21 11.95 -7.04
CA GLN B 54 22.84 12.09 -6.55
C GLN B 54 22.62 13.46 -5.92
N GLN B 55 23.61 13.96 -5.18
CA GLN B 55 23.47 15.26 -4.55
C GLN B 55 23.42 16.36 -5.60
N LEU B 56 24.09 16.13 -6.71
CA LEU B 56 24.10 17.08 -7.80
C LEU B 56 22.69 17.16 -8.38
N GLU B 57 22.09 16.01 -8.61
CA GLU B 57 20.75 15.95 -9.16
C GLU B 57 19.74 16.56 -8.19
N ASN B 58 20.00 16.42 -6.90
CA ASN B 58 19.11 16.97 -5.89
C ASN B 58 19.17 18.49 -5.80
N GLY B 59 20.12 19.08 -6.52
CA GLY B 59 20.27 20.52 -6.51
C GLY B 59 21.14 21.06 -5.41
N ASP B 60 21.72 20.16 -4.61
CA ASP B 60 22.59 20.57 -3.52
C ASP B 60 23.82 21.25 -4.10
N ILE B 61 24.20 20.81 -5.29
CA ILE B 61 25.35 21.34 -5.99
C ILE B 61 24.94 22.08 -7.26
N ILE B 62 25.65 23.15 -7.58
CA ILE B 62 25.36 23.93 -8.78
C ILE B 62 26.65 24.03 -9.58
N PRO B 63 26.83 23.14 -10.58
CA PRO B 63 28.04 23.12 -11.41
C PRO B 63 28.39 24.44 -12.09
N ASP B 64 27.37 25.24 -12.40
CA ASP B 64 27.61 26.53 -13.04
C ASP B 64 27.96 27.63 -12.04
N ALA B 65 27.83 27.32 -10.75
CA ALA B 65 28.14 28.29 -9.71
C ALA B 65 29.64 28.45 -9.48
N GLN B 66 30.05 29.65 -9.06
CA GLN B 66 31.46 29.92 -8.79
C GLN B 66 31.61 30.75 -7.51
N PRO B 67 32.72 30.56 -6.78
CA PRO B 67 33.03 31.28 -5.54
C PRO B 67 32.99 32.79 -5.74
N LYS B 68 32.78 33.53 -4.66
CA LYS B 68 32.70 34.99 -4.73
C LYS B 68 33.27 35.54 -3.42
N ARG B 69 34.16 36.52 -3.51
CA ARG B 69 34.75 37.09 -2.30
C ARG B 69 33.78 38.09 -1.68
N ILE B 70 33.58 37.98 -0.36
CA ILE B 70 32.65 38.88 0.33
C ILE B 70 33.38 39.98 1.07
N THR B 71 34.39 39.61 1.85
CA THR B 71 35.12 40.58 2.62
C THR B 71 36.62 40.30 2.64
N SER B 72 37.40 41.35 2.86
CA SER B 72 38.86 41.23 2.91
C SER B 72 39.41 42.07 4.06
N LEU B 73 40.09 41.42 5.01
CA LEU B 73 40.67 42.13 6.15
C LEU B 73 42.18 42.19 6.07
N GLY B 74 42.73 41.72 4.95
CA GLY B 74 44.16 41.71 4.77
C GLY B 74 44.63 40.31 4.47
N ALA B 75 45.09 39.62 5.51
CA ALA B 75 45.57 38.24 5.39
C ALA B 75 44.42 37.25 5.42
N ILE B 76 43.28 37.69 5.90
CA ILE B 76 42.11 36.82 5.97
C ILE B 76 41.07 37.25 4.95
N GLU B 77 40.32 36.29 4.42
CA GLU B 77 39.31 36.59 3.42
C GLU B 77 38.08 35.69 3.54
N GLN B 78 36.91 36.29 3.55
CA GLN B 78 35.67 35.55 3.65
C GLN B 78 35.09 35.43 2.25
N TRP B 79 34.78 34.20 1.85
CA TRP B 79 34.23 33.94 0.53
C TRP B 79 32.91 33.22 0.65
N ASP B 80 32.22 33.09 -0.48
CA ASP B 80 30.93 32.41 -0.55
C ASP B 80 31.01 31.45 -1.74
N ALA B 81 30.98 30.15 -1.46
CA ALA B 81 31.06 29.13 -2.50
C ALA B 81 29.81 29.17 -3.37
N GLN B 82 28.69 29.56 -2.79
CA GLN B 82 27.43 29.63 -3.52
C GLN B 82 27.04 28.26 -4.05
N ARG B 83 27.11 27.26 -3.20
CA ARG B 83 26.73 25.89 -3.57
C ARG B 83 27.48 25.31 -4.77
N SER B 84 28.70 25.81 -5.03
CA SER B 84 29.50 25.32 -6.14
C SER B 84 30.05 23.92 -5.83
N ILE B 85 30.70 23.31 -6.81
CA ILE B 85 31.27 21.98 -6.64
C ILE B 85 32.27 22.00 -5.49
N GLY B 86 32.20 20.98 -4.64
CA GLY B 86 33.08 20.90 -3.48
C GLY B 86 34.59 20.92 -3.68
N ASN B 87 35.12 19.91 -4.36
CA ASN B 87 36.57 19.81 -4.59
C ASN B 87 37.14 20.95 -5.41
N LEU B 88 36.47 21.29 -6.50
CA LEU B 88 36.92 22.37 -7.37
C LEU B 88 37.05 23.70 -6.62
N THR B 89 36.00 24.09 -5.91
CA THR B 89 36.01 25.35 -5.16
C THR B 89 36.99 25.35 -3.99
N ALA B 90 37.16 24.20 -3.35
CA ALA B 90 38.08 24.13 -2.22
C ALA B 90 39.50 24.31 -2.76
N LYS B 91 39.81 23.61 -3.85
CA LYS B 91 41.13 23.71 -4.45
C LYS B 91 41.49 25.15 -4.78
N LYS B 92 40.51 25.89 -5.29
CA LYS B 92 40.73 27.29 -5.62
C LYS B 92 40.94 28.11 -4.35
N ASP B 95 44.30 27.73 -2.97
CA ASP B 95 45.24 28.44 -3.83
C ASP B 95 45.20 29.92 -3.47
N ARG B 96 44.01 30.41 -3.12
CA ARG B 96 43.84 31.81 -2.74
C ARG B 96 44.56 32.10 -1.42
N ALA B 97 44.40 31.18 -0.46
CA ALA B 97 45.06 31.33 0.84
C ALA B 97 46.58 31.37 0.63
N ILE B 98 47.06 30.65 -0.38
CA ILE B 98 48.48 30.62 -0.69
C ILE B 98 48.92 31.97 -1.24
N GLU B 99 48.07 32.57 -2.07
CA GLU B 99 48.36 33.88 -2.65
C GLU B 99 48.43 34.90 -1.53
N LEU B 100 47.44 34.84 -0.63
CA LEU B 100 47.41 35.76 0.50
C LEU B 100 48.63 35.53 1.38
N ALA B 101 49.00 34.27 1.56
CA ALA B 101 50.15 33.94 2.39
C ALA B 101 51.45 34.39 1.72
N ALA B 102 51.45 34.44 0.40
CA ALA B 102 52.62 34.86 -0.35
C ALA B 102 52.96 36.34 -0.12
N ASP B 103 51.92 37.16 0.09
CA ASP B 103 52.13 38.59 0.30
C ASP B 103 51.93 39.06 1.74
N HIS B 104 51.48 38.13 2.60
CA HIS B 104 51.23 38.45 4.00
C HIS B 104 52.00 37.53 4.96
N GLY B 105 52.59 36.48 4.43
CA GLY B 105 53.33 35.54 5.26
C GLY B 105 52.41 34.42 5.70
N ILE B 106 51.13 34.74 5.79
CA ILE B 106 50.14 33.76 6.19
C ILE B 106 48.80 34.19 5.62
N GLY B 107 47.98 33.21 5.27
CA GLY B 107 46.68 33.48 4.70
C GLY B 107 45.61 32.54 5.21
N LEU B 108 44.37 33.00 5.18
CA LEU B 108 43.25 32.23 5.63
C LEU B 108 42.01 32.58 4.82
N VAL B 109 41.29 31.55 4.38
CA VAL B 109 40.07 31.75 3.62
C VAL B 109 38.92 31.04 4.32
N ALA B 110 37.86 31.79 4.63
CA ALA B 110 36.67 31.23 5.27
C ALA B 110 35.63 31.07 4.17
N LEU B 111 35.17 29.84 3.94
CA LEU B 111 34.20 29.54 2.88
C LEU B 111 32.83 29.12 3.41
N ARG B 112 31.77 29.80 3.01
CA ARG B 112 30.43 29.42 3.45
C ARG B 112 29.63 28.90 2.28
N ASN B 113 28.48 28.29 2.59
CA ASN B 113 27.59 27.72 1.59
C ASN B 113 28.34 26.78 0.65
N ALA B 114 29.38 26.13 1.17
CA ALA B 114 30.19 25.21 0.37
C ALA B 114 29.67 23.76 0.37
N ASN B 115 30.18 22.95 -0.54
CA ASN B 115 29.79 21.55 -0.61
C ASN B 115 30.91 20.65 -0.13
N HIS B 116 30.59 19.38 0.07
CA HIS B 116 31.57 18.42 0.56
C HIS B 116 32.81 18.45 -0.34
N TRP B 117 33.97 18.71 0.27
CA TRP B 117 35.22 18.82 -0.49
C TRP B 117 35.93 17.50 -0.75
N ARG B 119 38.15 14.86 -0.35
CA ARG B 119 39.37 14.60 0.45
C ARG B 119 40.02 15.90 0.90
N GLY B 120 40.01 16.12 2.21
CA GLY B 120 40.59 17.33 2.78
C GLY B 120 42.08 17.39 2.57
N GLY B 121 42.74 16.24 2.71
CA GLY B 121 44.18 16.18 2.54
C GLY B 121 44.65 16.66 1.18
N SER B 122 43.74 16.74 0.21
CA SER B 122 44.11 17.20 -1.14
C SER B 122 44.58 18.65 -1.12
N TYR B 123 43.87 19.47 -0.36
CA TYR B 123 44.15 20.90 -0.24
C TYR B 123 45.36 21.19 0.63
N GLY B 124 45.59 20.36 1.64
CA GLY B 124 46.75 20.58 2.48
C GLY B 124 47.96 20.14 1.68
N TRP B 125 47.76 19.10 0.87
CA TRP B 125 48.83 18.54 0.03
C TRP B 125 49.28 19.51 -1.05
N GLN B 126 48.33 20.14 -1.73
CA GLN B 126 48.70 21.07 -2.79
C GLN B 126 49.47 22.26 -2.23
N ALA B 127 49.28 22.54 -0.94
CA ALA B 127 49.98 23.66 -0.32
C ALA B 127 51.39 23.21 0.05
N ALA B 128 51.50 22.07 0.71
CA ALA B 128 52.81 21.56 1.11
C ALA B 128 53.69 21.35 -0.12
N GLU B 129 53.06 21.05 -1.25
CA GLU B 129 53.77 20.84 -2.52
C GLU B 129 54.40 22.14 -3.01
N LYS B 130 53.86 23.25 -2.53
CA LYS B 130 54.38 24.54 -2.94
C LYS B 130 55.28 25.18 -1.90
N GLY B 131 55.72 24.37 -0.94
CA GLY B 131 56.60 24.89 0.09
C GLY B 131 55.92 25.56 1.27
N TYR B 132 54.59 25.59 1.25
CA TYR B 132 53.82 26.20 2.33
C TYR B 132 53.27 25.15 3.31
N ILE B 133 53.01 25.59 4.54
CA ILE B 133 52.43 24.71 5.53
C ILE B 133 50.95 24.83 5.15
N GLY B 134 50.22 23.73 5.20
CA GLY B 134 48.83 23.75 4.84
C GLY B 134 47.98 23.27 5.99
N ILE B 135 46.91 24.00 6.30
CA ILE B 135 46.00 23.63 7.37
C ILE B 135 44.57 23.94 6.96
N CYS B 136 43.71 22.94 6.98
CA CYS B 136 42.33 23.19 6.61
C CYS B 136 41.39 22.20 7.26
N TRP B 137 40.12 22.56 7.29
CA TRP B 137 39.11 21.71 7.86
C TRP B 137 37.75 22.19 7.42
N THR B 138 36.73 21.39 7.70
CA THR B 138 35.38 21.74 7.35
C THR B 138 34.44 21.10 8.36
N ASN B 139 33.20 21.57 8.38
CA ASN B 139 32.23 20.97 9.28
C ASN B 139 31.36 20.06 8.43
N SER B 140 30.29 19.53 8.99
CA SER B 140 29.44 18.62 8.24
C SER B 140 28.11 18.44 8.95
N ILE B 141 27.36 17.43 8.51
CA ILE B 141 26.09 17.15 9.15
C ILE B 141 26.39 16.38 10.44
N ALA B 142 25.45 16.44 11.37
CA ALA B 142 25.57 15.77 12.66
C ALA B 142 25.61 14.26 12.42
N VAL B 143 26.78 13.66 12.55
CA VAL B 143 26.91 12.21 12.33
C VAL B 143 27.53 11.52 13.54
N PRO B 145 27.70 11.75 18.09
CA PRO B 145 27.20 12.37 19.32
C PRO B 145 28.31 13.00 20.15
N PRO B 146 28.05 14.18 20.72
CA PRO B 146 29.08 14.81 21.55
C PRO B 146 29.40 13.91 22.74
N TRP B 147 30.54 14.14 23.38
CA TRP B 147 30.95 13.33 24.52
C TRP B 147 29.94 13.39 25.66
N GLY B 148 29.34 12.25 25.97
CA GLY B 148 28.36 12.16 27.03
C GLY B 148 26.95 12.05 26.50
N ALA B 149 26.79 12.10 25.18
CA ALA B 149 25.47 12.00 24.56
C ALA B 149 25.34 10.72 23.75
N LYS B 150 24.11 10.35 23.41
CA LYS B 150 23.88 9.16 22.60
C LYS B 150 23.19 9.56 21.31
N GLU B 151 23.07 10.88 21.10
CA GLU B 151 22.43 11.39 19.89
C GLU B 151 23.48 12.16 19.09
N CYS B 152 23.44 12.06 17.77
CA CYS B 152 24.41 12.77 16.95
C CYS B 152 24.09 14.27 16.88
N ARG B 153 25.02 15.08 17.38
CA ARG B 153 24.86 16.52 17.37
C ARG B 153 26.12 17.26 16.95
N ILE B 154 27.19 16.52 16.65
CA ILE B 154 28.44 17.12 16.18
C ILE B 154 28.92 16.42 14.93
N GLY B 155 29.71 17.14 14.13
CA GLY B 155 30.21 16.56 12.89
C GLY B 155 31.60 15.97 13.00
N THR B 156 32.00 15.25 11.96
CA THR B 156 33.30 14.60 11.90
C THR B 156 34.40 15.63 11.62
N ASN B 157 33.99 16.84 11.26
CA ASN B 157 34.89 17.96 11.00
C ASN B 157 36.36 17.56 10.91
N PRO B 158 36.79 16.98 9.78
CA PRO B 158 38.18 16.56 9.58
C PRO B 158 39.20 17.69 9.57
N LEU B 159 40.30 17.50 10.30
CA LEU B 159 41.36 18.49 10.36
C LEU B 159 42.55 18.00 9.54
N ILE B 160 43.11 18.90 8.75
CA ILE B 160 44.23 18.57 7.90
C ILE B 160 45.40 19.51 8.18
N VAL B 161 46.57 18.93 8.36
CA VAL B 161 47.79 19.69 8.60
C VAL B 161 48.90 19.03 7.79
N ALA B 162 49.36 19.74 6.76
CA ALA B 162 50.43 19.23 5.90
C ALA B 162 51.67 20.10 6.05
N ILE B 163 52.82 19.42 6.06
CA ILE B 163 54.13 20.05 6.21
C ILE B 163 54.97 19.77 4.98
N PRO B 164 55.54 20.82 4.36
CA PRO B 164 56.36 20.69 3.17
C PRO B 164 57.68 19.95 3.38
N SER B 165 57.63 18.83 4.09
CA SER B 165 58.82 18.03 4.33
C SER B 165 59.05 17.10 3.15
N THR B 166 60.11 16.30 3.21
CA THR B 166 60.44 15.35 2.15
C THR B 166 60.63 13.95 2.72
N PRO B 167 59.67 13.05 2.50
CA PRO B 167 58.44 13.33 1.76
C PRO B 167 57.47 14.18 2.58
N ILE B 168 56.39 14.64 1.95
CA ILE B 168 55.41 15.47 2.63
C ILE B 168 54.81 14.76 3.85
N THR B 169 54.83 15.43 5.00
CA THR B 169 54.27 14.87 6.22
C THR B 169 52.93 15.56 6.45
N VAL B 171 48.78 15.25 8.19
CA VAL B 171 47.78 14.63 9.01
C VAL B 171 46.44 14.99 8.39
N ASP B 172 45.62 13.96 8.15
CA ASP B 172 44.27 14.14 7.60
C ASP B 172 43.40 13.22 8.42
N SER B 174 39.67 12.38 10.81
CA SER B 174 38.29 12.69 11.18
C SER B 174 38.32 12.88 12.70
N SER B 176 36.16 11.60 14.49
CA SER B 176 35.63 10.32 14.95
C SER B 176 36.83 9.37 14.79
N PHE B 178 37.17 6.33 14.01
CA PHE B 178 37.04 5.63 12.75
C PHE B 178 35.98 6.33 11.91
N SER B 179 36.07 6.18 10.59
CA SER B 179 35.08 6.78 9.72
C SER B 179 34.07 5.68 9.45
N TYR B 180 32.81 6.06 9.26
CA TYR B 180 31.76 5.09 8.99
C TYR B 180 32.13 4.20 7.79
N GLY B 181 33.00 4.71 6.92
CA GLY B 181 33.43 3.94 5.77
C GLY B 181 34.28 2.75 6.21
N LEU B 183 34.10 1.29 9.02
CA LEU B 183 33.23 0.34 9.70
C LEU B 183 32.64 -0.65 8.71
N GLU B 184 32.12 -0.15 7.59
CA GLU B 184 31.54 -1.01 6.57
C GLU B 184 32.60 -1.99 6.08
N VAL B 185 33.81 -1.47 5.85
CA VAL B 185 34.89 -2.31 5.37
C VAL B 185 35.09 -3.49 6.31
N ASN B 186 35.23 -3.19 7.61
CA ASN B 186 35.42 -4.24 8.60
C ASN B 186 34.21 -5.17 8.71
N ARG B 187 33.01 -4.59 8.61
CA ARG B 187 31.78 -5.38 8.71
C ARG B 187 31.70 -6.40 7.57
N LEU B 188 31.89 -5.90 6.35
CA LEU B 188 31.84 -6.77 5.17
C LEU B 188 32.95 -7.83 5.23
N ALA B 189 34.11 -7.45 5.74
CA ALA B 189 35.25 -8.37 5.88
C ALA B 189 34.99 -9.37 7.00
N GLY B 190 34.11 -9.00 7.92
CA GLY B 190 33.79 -9.89 9.03
C GLY B 190 34.74 -9.73 10.21
N ARG B 191 35.47 -8.63 10.24
CA ARG B 191 36.41 -8.39 11.32
C ARG B 191 35.93 -7.25 12.19
N GLN B 192 36.50 -7.15 13.39
CA GLN B 192 36.13 -6.09 14.31
C GLN B 192 37.21 -5.01 14.29
N LEU B 193 36.89 -3.84 14.84
CA LEU B 193 37.82 -2.73 14.88
C LEU B 193 39.02 -3.04 15.76
N PRO B 194 40.21 -2.55 15.38
CA PRO B 194 41.41 -2.80 16.18
C PRO B 194 41.31 -2.22 17.59
N VAL B 195 40.52 -1.15 17.73
CA VAL B 195 40.30 -0.49 19.03
C VAL B 195 38.85 -0.05 19.11
N ASP B 196 38.38 0.29 20.31
CA ASP B 196 37.00 0.71 20.47
C ASP B 196 36.73 1.87 19.51
N GLY B 197 35.64 1.75 18.77
CA GLY B 197 35.29 2.79 17.82
C GLY B 197 33.84 3.16 17.91
N GLY B 198 33.22 2.89 19.05
CA GLY B 198 31.83 3.21 19.21
C GLY B 198 31.22 2.70 20.50
N PHE B 199 29.91 2.86 20.62
CA PHE B 199 29.16 2.44 21.80
C PHE B 199 27.98 1.57 21.37
N ASP B 200 27.71 0.51 22.12
CA ASP B 200 26.58 -0.35 21.82
C ASP B 200 25.35 0.25 22.47
N ASP B 201 24.20 -0.39 22.27
CA ASP B 201 22.94 0.09 22.83
C ASP B 201 22.96 0.26 24.35
N GLU B 202 23.74 -0.57 25.05
CA GLU B 202 23.82 -0.48 26.50
C GLU B 202 24.72 0.67 26.96
N GLY B 203 25.38 1.33 25.99
CA GLY B 203 26.25 2.44 26.33
C GLY B 203 27.66 1.97 26.67
N ASN B 204 28.01 0.76 26.25
CA ASN B 204 29.35 0.22 26.50
C ASN B 204 30.21 0.34 25.24
N LEU B 205 31.49 0.68 25.41
CA LEU B 205 32.40 0.81 24.28
C LEU B 205 32.43 -0.52 23.51
N THR B 206 32.58 -0.47 22.19
CA THR B 206 32.60 -1.70 21.43
C THR B 206 33.46 -1.60 20.19
N LYS B 207 33.85 -2.75 19.66
CA LYS B 207 34.67 -2.82 18.46
C LYS B 207 33.84 -3.42 17.34
N GLU B 208 32.57 -3.69 17.65
CA GLU B 208 31.66 -4.28 16.68
C GLU B 208 31.12 -3.21 15.73
N PRO B 209 31.58 -3.21 14.46
CA PRO B 209 31.17 -2.26 13.42
C PRO B 209 29.66 -2.13 13.23
N GLY B 210 29.02 -3.28 12.98
CA GLY B 210 27.60 -3.30 12.76
C GLY B 210 26.79 -2.57 13.82
N VAL B 211 27.08 -2.84 15.09
CA VAL B 211 26.38 -2.20 16.18
C VAL B 211 26.45 -0.68 16.07
N ILE B 212 27.64 -0.16 15.74
CA ILE B 212 27.84 1.28 15.62
C ILE B 212 27.14 1.83 14.38
N GLU B 213 27.20 1.08 13.29
CA GLU B 213 26.57 1.51 12.06
C GLU B 213 25.07 1.69 12.22
N LYS B 214 24.48 0.93 13.14
CA LYS B 214 23.06 0.99 13.40
C LYS B 214 22.64 2.09 14.36
N ASN B 215 23.28 2.18 15.52
CA ASN B 215 22.88 3.21 16.46
C ASN B 215 23.55 4.56 16.23
N ARG B 216 24.49 4.62 15.30
CA ARG B 216 25.19 5.85 14.98
C ARG B 216 25.99 6.41 16.16
N ARG B 217 26.28 5.58 17.16
CA ARG B 217 27.05 6.06 18.31
C ARG B 217 28.54 5.86 18.10
N ILE B 218 29.03 6.43 17.01
CA ILE B 218 30.43 6.33 16.64
C ILE B 218 31.28 7.06 17.69
N LEU B 219 32.42 6.47 18.04
CA LEU B 219 33.29 7.04 19.07
C LEU B 219 34.24 8.14 18.61
N PRO B 220 34.22 9.28 19.33
CA PRO B 220 35.08 10.41 19.00
C PRO B 220 36.54 10.06 19.30
N GLY B 222 39.98 10.21 20.87
CA GLY B 222 40.35 10.77 22.15
C GLY B 222 39.14 11.06 23.04
N TYR B 223 38.01 10.45 22.73
CA TYR B 223 36.79 10.61 23.53
C TYR B 223 36.34 12.08 23.65
N TRP B 224 36.45 12.65 24.84
CA TRP B 224 36.04 14.04 25.03
C TRP B 224 36.94 15.00 24.28
N LYS B 225 38.19 14.63 24.04
CA LYS B 225 39.09 15.54 23.33
C LYS B 225 38.69 15.74 21.87
N GLY B 226 38.32 14.66 21.19
CA GLY B 226 37.91 14.77 19.81
C GLY B 226 36.59 15.51 19.71
N SER B 227 35.71 15.21 20.65
CA SER B 227 34.39 15.85 20.72
C SER B 227 34.58 17.36 20.84
N GLY B 228 35.43 17.76 21.78
CA GLY B 228 35.70 19.17 22.00
C GLY B 228 36.31 19.84 20.76
N SER B 230 36.03 18.95 17.71
CA SER B 230 35.02 19.05 16.67
C SER B 230 34.17 20.32 16.83
N ILE B 231 33.73 20.57 18.05
CA ILE B 231 32.90 21.73 18.32
C ILE B 231 33.64 23.04 18.07
N VAL B 232 34.88 23.16 18.55
CA VAL B 232 35.63 24.41 18.34
C VAL B 232 35.93 24.65 16.87
N LEU B 233 36.15 23.58 16.11
CA LEU B 233 36.44 23.72 14.69
C LEU B 233 35.16 24.16 13.95
N ASP B 234 34.00 23.76 14.47
CA ASP B 234 32.71 24.10 13.88
C ASP B 234 32.47 25.60 14.13
N ILE B 236 34.69 28.00 14.74
CA ILE B 236 35.61 28.80 13.95
C ILE B 236 35.21 28.85 12.47
N ALA B 237 34.84 27.71 11.89
CA ALA B 237 34.44 27.67 10.50
C ALA B 237 33.14 28.46 10.32
N THR B 238 32.25 28.41 11.30
CA THR B 238 30.97 29.10 11.26
C THR B 238 31.17 30.61 11.42
N LEU B 239 31.92 31.00 12.43
CA LEU B 239 32.19 32.40 12.73
C LEU B 239 32.94 33.14 11.62
N LEU B 240 34.10 32.64 11.22
CA LEU B 240 34.90 33.30 10.19
C LEU B 240 34.24 33.39 8.82
N SER B 241 33.39 32.43 8.48
CA SER B 241 32.73 32.44 7.18
C SER B 241 31.30 32.97 7.29
N ASP B 242 30.89 33.28 8.51
CA ASP B 242 29.53 33.72 8.78
C ASP B 242 28.63 32.79 8.00
N GLY B 243 28.90 31.50 8.10
CA GLY B 243 28.11 30.51 7.39
C GLY B 243 27.26 29.65 8.29
N ALA B 244 26.91 28.47 7.81
CA ALA B 244 26.08 27.54 8.57
C ALA B 244 26.92 26.61 9.42
N SER B 245 26.46 26.35 10.64
CA SER B 245 27.17 25.46 11.55
C SER B 245 26.65 24.05 11.35
N VAL B 246 27.14 23.11 12.16
CA VAL B 246 26.69 21.72 12.04
C VAL B 246 25.20 21.67 12.31
N ALA B 247 24.78 22.37 13.36
CA ALA B 247 23.38 22.44 13.73
C ALA B 247 22.56 22.97 12.55
N GLU B 248 22.93 24.15 12.05
CA GLU B 248 22.19 24.76 10.94
C GLU B 248 22.07 23.86 9.71
N VAL B 249 23.20 23.37 9.20
CA VAL B 249 23.20 22.50 8.03
C VAL B 249 22.36 21.23 8.24
N THR B 250 22.29 20.76 9.47
CA THR B 250 21.54 19.54 9.76
C THR B 250 20.05 19.78 9.89
N GLN B 251 19.68 20.78 10.69
CA GLN B 251 18.28 21.09 10.93
C GLN B 251 17.57 21.93 9.86
N ASP B 252 18.33 22.69 9.08
CA ASP B 252 17.77 23.57 8.04
C ASP B 252 17.90 23.07 6.61
N ASN B 253 18.88 22.22 6.34
CA ASN B 253 19.06 21.71 4.99
C ASN B 253 18.53 20.30 4.81
N SER B 254 18.27 19.94 3.55
CA SER B 254 17.72 18.63 3.19
C SER B 254 18.75 17.52 3.13
N ASP B 255 20.01 17.90 3.13
CA ASP B 255 21.10 16.94 3.09
C ASP B 255 22.36 17.68 3.50
N GLU B 256 23.51 17.07 3.27
CA GLU B 256 24.78 17.69 3.62
C GLU B 256 25.29 18.61 2.50
N TYR B 257 24.99 19.90 2.62
CA TYR B 257 25.44 20.91 1.67
C TYR B 257 25.36 22.26 2.36
N GLY B 258 26.03 23.26 1.81
CA GLY B 258 26.00 24.58 2.43
C GLY B 258 26.85 24.63 3.68
N ILE B 259 27.78 23.69 3.78
CA ILE B 259 28.67 23.62 4.94
C ILE B 259 29.69 24.75 4.92
N SER B 260 30.55 24.80 5.94
CA SER B 260 31.56 25.84 6.08
C SER B 260 32.98 25.24 6.13
N GLN B 261 33.94 25.88 5.46
CA GLN B 261 35.31 25.36 5.44
C GLN B 261 36.37 26.45 5.68
N ILE B 262 37.51 26.04 6.21
CA ILE B 262 38.61 26.97 6.49
C ILE B 262 39.85 26.49 5.76
N PHE B 263 40.60 27.43 5.19
CA PHE B 263 41.81 27.09 4.45
C PHE B 263 42.93 28.01 4.92
N ILE B 264 44.04 27.42 5.35
CA ILE B 264 45.17 28.19 5.83
C ILE B 264 46.47 27.79 5.15
N ALA B 265 47.22 28.79 4.72
CA ALA B 265 48.51 28.57 4.07
C ALA B 265 49.52 29.42 4.82
N ILE B 266 50.68 28.86 5.14
CA ILE B 266 51.70 29.58 5.88
C ILE B 266 53.07 29.54 5.20
N GLU B 267 53.68 30.71 5.02
CA GLU B 267 55.00 30.83 4.40
C GLU B 267 56.04 30.16 5.30
N VAL B 268 57.04 29.56 4.67
CA VAL B 268 58.08 28.87 5.42
C VAL B 268 59.49 29.31 5.05
N ASP B 269 59.82 29.19 3.76
CA ASP B 269 61.16 29.54 3.28
C ASP B 269 61.66 30.92 3.64
N LYS B 270 60.76 31.88 3.81
CA LYS B 270 61.19 33.23 4.18
C LYS B 270 61.35 33.38 5.69
N LEU B 271 61.38 32.25 6.40
CA LEU B 271 61.54 32.28 7.86
C LEU B 271 62.67 31.33 8.27
N ILE B 272 63.02 30.41 7.39
CA ILE B 272 64.06 29.43 7.65
C ILE B 272 64.74 28.98 6.35
N ASP B 273 66.07 28.93 6.37
CA ASP B 273 66.88 28.53 5.21
C ASP B 273 66.58 27.13 4.71
N GLY B 274 66.80 26.90 3.42
CA GLY B 274 66.55 25.60 2.85
C GLY B 274 67.35 24.50 3.52
N PRO B 275 68.67 24.65 3.63
CA PRO B 275 69.51 23.63 4.26
C PRO B 275 69.14 23.36 5.71
N THR B 276 68.75 24.42 6.43
CA THR B 276 68.37 24.30 7.83
C THR B 276 67.02 23.60 7.93
N ARG B 277 66.07 24.03 7.11
CA ARG B 277 64.75 23.41 7.08
C ARG B 277 64.87 21.91 6.87
N ASP B 278 65.68 21.50 5.90
CA ASP B 278 65.84 20.07 5.63
C ASP B 278 66.51 19.33 6.80
N ALA B 279 67.52 19.96 7.41
CA ALA B 279 68.22 19.32 8.51
C ALA B 279 67.32 19.18 9.73
N LYS B 280 66.65 20.27 10.10
CA LYS B 280 65.74 20.26 11.25
C LYS B 280 64.60 19.28 11.06
N LEU B 281 63.99 19.28 9.88
CA LEU B 281 62.89 18.36 9.57
C LEU B 281 63.36 16.92 9.55
N GLN B 282 64.55 16.70 9.00
CA GLN B 282 65.10 15.37 8.91
C GLN B 282 65.37 14.80 10.30
N ARG B 283 65.89 15.63 11.20
CA ARG B 283 66.18 15.17 12.55
C ARG B 283 64.91 14.74 13.25
N ILE B 284 63.84 15.49 13.03
CA ILE B 284 62.56 15.16 13.65
C ILE B 284 62.06 13.82 13.13
N ASP B 286 63.63 11.32 11.56
CA ASP B 286 64.46 10.17 11.94
C ASP B 286 64.35 9.88 13.43
N TYR B 287 64.12 10.92 14.21
CA TYR B 287 63.99 10.74 15.65
C TYR B 287 62.78 9.87 15.92
N VAL B 288 61.80 9.96 15.03
CA VAL B 288 60.56 9.18 15.15
C VAL B 288 60.74 7.78 14.55
N THR B 289 61.22 7.70 13.32
CA THR B 289 61.39 6.43 12.65
C THR B 289 62.49 5.51 13.18
N SER B 290 63.37 6.03 14.02
CA SER B 290 64.44 5.21 14.58
C SER B 290 64.14 4.73 15.99
N ALA B 291 62.97 5.09 16.51
CA ALA B 291 62.59 4.69 17.86
C ALA B 291 62.40 3.18 17.98
N GLU B 292 62.71 2.63 19.15
CA GLU B 292 62.57 1.19 19.36
C GLU B 292 61.11 0.81 19.06
N ARG B 293 60.93 -0.07 18.07
CA ARG B 293 59.60 -0.48 17.66
C ARG B 293 58.85 -1.38 18.64
N ALA B 294 57.53 -1.25 18.68
CA ALA B 294 56.71 -2.08 19.55
C ALA B 294 56.71 -3.49 18.98
N ASP B 295 56.74 -3.54 17.65
CA ASP B 295 56.77 -4.79 16.88
C ASP B 295 57.89 -4.60 15.85
N GLU B 296 58.97 -5.36 16.02
CA GLU B 296 60.14 -5.29 15.16
C GLU B 296 59.82 -5.43 13.68
N ASN B 297 58.86 -6.28 13.35
CA ASN B 297 58.47 -6.47 11.95
C ASN B 297 57.70 -5.26 11.43
N GLN B 298 56.99 -4.59 12.33
CA GLN B 298 56.22 -3.41 11.95
C GLN B 298 57.07 -2.16 12.15
N ALA B 299 57.40 -1.48 11.06
CA ALA B 299 58.21 -0.26 11.14
C ALA B 299 57.36 0.94 11.51
N ILE B 300 57.96 1.90 12.18
CA ILE B 300 57.27 3.12 12.60
C ILE B 300 57.09 4.01 11.39
N ARG B 301 55.88 4.54 11.22
CA ARG B 301 55.57 5.40 10.08
C ARG B 301 55.19 6.83 10.46
N LEU B 302 55.46 7.75 9.54
CA LEU B 302 55.12 9.16 9.75
C LEU B 302 53.79 9.42 9.06
N PRO B 303 53.00 10.35 9.59
CA PRO B 303 51.70 10.68 9.01
C PRO B 303 51.76 11.19 7.56
N GLY B 304 50.89 10.65 6.71
CA GLY B 304 50.85 11.07 5.33
C GLY B 304 51.88 10.46 4.40
N HIS B 305 52.92 9.87 4.98
CA HIS B 305 53.98 9.26 4.19
C HIS B 305 53.49 8.17 3.25
N GLU B 306 52.37 7.55 3.56
CA GLU B 306 51.86 6.49 2.72
C GLU B 306 51.32 7.03 1.40
N PHE B 307 50.89 8.29 1.40
CA PHE B 307 50.33 8.86 0.17
C PHE B 307 51.38 9.04 -0.91
N THR B 308 52.64 8.86 -0.54
CA THR B 308 53.75 8.98 -1.47
C THR B 308 54.02 7.57 -2.04
N THR B 309 54.04 6.57 -1.16
CA THR B 309 54.30 5.20 -1.57
C THR B 309 53.11 4.61 -2.33
N LEU B 310 51.90 4.87 -1.84
CA LEU B 310 50.70 4.36 -2.49
C LEU B 310 50.62 4.85 -3.92
N LEU B 311 50.85 6.14 -4.12
CA LEU B 311 50.81 6.75 -5.45
C LEU B 311 51.77 6.02 -6.39
N ALA B 312 53.02 5.90 -5.95
CA ALA B 312 54.05 5.24 -6.75
C ALA B 312 53.64 3.83 -7.13
N GLU B 313 52.97 3.14 -6.22
CA GLU B 313 52.54 1.78 -6.48
C GLU B 313 51.48 1.69 -7.58
N ASN B 314 50.52 2.59 -7.54
CA ASN B 314 49.47 2.59 -8.53
C ASN B 314 49.98 2.98 -9.91
N ARG B 315 51.00 3.83 -9.94
CA ARG B 315 51.58 4.27 -11.21
C ARG B 315 52.48 3.18 -11.79
N ARG B 316 52.43 1.99 -11.19
CA ARG B 316 53.25 0.88 -11.65
C ARG B 316 52.43 -0.38 -11.81
N ASN B 317 51.75 -0.77 -10.74
CA ASN B 317 50.94 -1.97 -10.78
C ASN B 317 49.52 -1.65 -11.21
N GLY B 318 49.30 -0.42 -11.69
CA GLY B 318 47.97 -0.01 -12.12
C GLY B 318 47.01 0.21 -10.97
N ILE B 319 45.94 0.95 -11.23
CA ILE B 319 44.94 1.24 -10.19
C ILE B 319 43.85 0.16 -10.15
N THR B 320 43.42 -0.18 -8.94
CA THR B 320 42.39 -1.19 -8.75
C THR B 320 41.22 -0.63 -7.94
N VAL B 321 40.02 -0.76 -8.48
CA VAL B 321 38.82 -0.27 -7.81
C VAL B 321 37.89 -1.41 -7.44
N ASP B 322 37.09 -1.22 -6.40
CA ASP B 322 36.14 -2.24 -5.95
C ASP B 322 35.08 -2.52 -7.02
N ASP B 323 34.93 -3.80 -7.36
CA ASP B 323 33.96 -4.22 -8.37
C ASP B 323 32.59 -3.61 -8.12
N SER B 324 32.06 -3.85 -6.92
CA SER B 324 30.75 -3.32 -6.54
C SER B 324 30.68 -1.82 -6.78
N VAL B 325 31.80 -1.14 -6.60
CA VAL B 325 31.88 0.31 -6.81
C VAL B 325 31.89 0.62 -8.29
N TRP B 326 32.80 -0.02 -9.03
CA TRP B 326 32.91 0.20 -10.46
C TRP B 326 31.61 -0.12 -11.19
N ALA B 327 30.99 -1.24 -10.82
CA ALA B 327 29.75 -1.67 -11.43
C ALA B 327 28.68 -0.59 -11.28
N LYS B 328 28.68 0.04 -10.11
CA LYS B 328 27.71 1.09 -9.84
C LYS B 328 27.92 2.27 -10.78
N ILE B 329 29.18 2.63 -11.01
CA ILE B 329 29.53 3.74 -11.90
C ILE B 329 29.01 3.50 -13.32
N GLN B 330 29.29 2.32 -13.84
CA GLN B 330 28.84 1.95 -15.18
C GLN B 330 27.33 2.13 -15.28
N ALA B 331 26.62 1.80 -14.21
CA ALA B 331 25.16 1.93 -14.19
C ALA B 331 24.70 3.36 -14.44
N LEU B 332 25.46 4.33 -13.93
CA LEU B 332 25.12 5.74 -14.10
C LEU B 332 25.07 6.17 -15.56
N LEU B 333 25.48 5.26 -16.45
CA LEU B 333 25.46 5.51 -17.89
C LEU B 333 24.25 4.87 -18.53
N GLU B 334 23.50 5.69 -19.28
CA GLU B 334 22.31 5.24 -19.98
C GLU B 334 21.17 4.84 -19.03
N LYS C 2 -2.45 -29.88 -29.04
CA LYS C 2 -1.87 -30.83 -29.97
C LYS C 2 -1.04 -31.84 -29.18
N VAL C 3 -1.39 -33.12 -29.30
CA VAL C 3 -0.66 -34.18 -28.61
C VAL C 3 -0.44 -35.38 -29.53
N THR C 4 0.55 -36.20 -29.19
CA THR C 4 0.86 -37.39 -29.96
C THR C 4 0.09 -38.55 -29.37
N PHE C 5 0.02 -39.66 -30.11
CA PHE C 5 -0.69 -40.83 -29.65
C PHE C 5 -0.14 -41.27 -28.29
N GLU C 6 1.19 -41.25 -28.17
CA GLU C 6 1.86 -41.65 -26.94
C GLU C 6 1.46 -40.79 -25.75
N GLN C 7 1.60 -39.47 -25.91
CA GLN C 7 1.25 -38.55 -24.83
C GLN C 7 -0.21 -38.75 -24.44
N LEU C 8 -1.06 -39.06 -25.42
CA LEU C 8 -2.49 -39.26 -25.14
C LEU C 8 -2.69 -40.51 -24.29
N LYS C 9 -2.18 -41.63 -24.77
CA LYS C 9 -2.31 -42.90 -24.05
C LYS C 9 -1.67 -42.83 -22.67
N ALA C 10 -0.59 -42.07 -22.56
CA ALA C 10 0.12 -41.92 -21.29
C ALA C 10 -0.75 -41.24 -20.23
N ALA C 11 -1.39 -40.13 -20.60
CA ALA C 11 -2.26 -39.42 -19.66
C ALA C 11 -3.47 -40.27 -19.28
N PHE C 12 -3.97 -41.08 -20.22
CA PHE C 12 -5.11 -41.94 -19.93
C PHE C 12 -4.64 -43.01 -18.92
N ASN C 13 -3.50 -43.60 -19.22
CA ASN C 13 -2.92 -44.65 -18.40
C ASN C 13 -2.62 -44.19 -16.98
N ARG C 14 -1.98 -43.04 -16.85
CA ARG C 14 -1.66 -42.51 -15.54
C ARG C 14 -2.91 -42.31 -14.70
N VAL C 15 -3.93 -41.67 -15.27
CA VAL C 15 -5.17 -41.42 -14.53
C VAL C 15 -5.84 -42.73 -14.11
N LEU C 16 -5.82 -43.72 -14.98
CA LEU C 16 -6.42 -45.00 -14.67
C LEU C 16 -5.74 -45.66 -13.48
N ILE C 17 -4.42 -45.77 -13.55
CA ILE C 17 -3.66 -46.39 -12.49
C ILE C 17 -3.92 -45.71 -11.15
N SER C 18 -3.96 -44.38 -11.16
CA SER C 18 -4.19 -43.64 -9.93
C SER C 18 -5.60 -43.87 -9.41
N ARG C 19 -6.41 -44.60 -10.16
CA ARG C 19 -7.78 -44.87 -9.74
C ARG C 19 -8.00 -46.32 -9.30
N GLY C 20 -6.91 -47.07 -9.19
CA GLY C 20 -7.03 -48.45 -8.76
C GLY C 20 -6.82 -49.48 -9.86
N VAL C 21 -7.03 -49.08 -11.11
CA VAL C 21 -6.87 -49.99 -12.24
C VAL C 21 -5.44 -50.55 -12.31
N ASP C 22 -5.32 -51.86 -12.47
CA ASP C 22 -4.02 -52.52 -12.54
C ASP C 22 -3.30 -52.19 -13.83
N SER C 23 -1.97 -52.27 -13.80
CA SER C 23 -1.11 -51.96 -14.95
C SER C 23 -1.60 -52.48 -16.28
N GLU C 24 -1.75 -53.79 -16.39
CA GLU C 24 -2.19 -54.43 -17.62
C GLU C 24 -3.48 -53.85 -18.18
N THR C 25 -4.55 -53.92 -17.38
CA THR C 25 -5.85 -53.41 -17.79
C THR C 25 -5.77 -51.91 -18.11
N ALA C 26 -5.05 -51.15 -17.29
CA ALA C 26 -4.92 -49.71 -17.51
C ALA C 26 -4.34 -49.39 -18.88
N ASP C 27 -3.32 -50.14 -19.29
CA ASP C 27 -2.68 -49.92 -20.58
C ASP C 27 -3.64 -50.30 -21.70
N ALA C 28 -4.35 -51.41 -21.55
CA ALA C 28 -5.27 -51.85 -22.58
C ALA C 28 -6.41 -50.85 -22.76
N CYS C 29 -6.98 -50.40 -21.66
CA CYS C 29 -8.07 -49.44 -21.72
C CYS C 29 -7.60 -48.15 -22.35
N ALA C 30 -6.45 -47.66 -21.91
CA ALA C 30 -5.89 -46.43 -22.44
C ALA C 30 -5.61 -46.56 -23.92
N GLU C 31 -5.13 -47.73 -24.33
CA GLU C 31 -4.82 -47.98 -25.73
C GLU C 31 -6.07 -47.77 -26.57
N PHE C 33 -8.76 -46.01 -25.82
CA PHE C 33 -9.18 -44.62 -25.81
C PHE C 33 -8.38 -43.78 -26.79
N ALA C 34 -7.07 -43.98 -26.83
CA ALA C 34 -6.23 -43.20 -27.74
C ALA C 34 -6.48 -43.59 -29.20
N ARG C 35 -6.63 -44.89 -29.46
CA ARG C 35 -6.89 -45.38 -30.81
C ARG C 35 -8.20 -44.81 -31.34
N THR C 36 -9.21 -44.80 -30.47
CA THR C 36 -10.52 -44.28 -30.81
C THR C 36 -10.41 -42.81 -31.23
N THR C 37 -9.66 -42.05 -30.44
CA THR C 37 -9.46 -40.62 -30.72
C THR C 37 -8.63 -40.43 -31.99
N GLU C 38 -7.50 -41.14 -32.08
CA GLU C 38 -6.62 -41.02 -33.23
C GLU C 38 -7.35 -41.37 -34.53
N SER C 39 -8.42 -42.14 -34.41
CA SER C 39 -9.18 -42.52 -35.59
C SER C 39 -10.20 -41.47 -35.98
N GLY C 40 -10.35 -40.45 -35.15
CA GLY C 40 -11.27 -39.38 -35.45
C GLY C 40 -12.57 -39.39 -34.65
N VAL C 41 -12.62 -40.19 -33.60
CA VAL C 41 -13.80 -40.28 -32.76
C VAL C 41 -13.50 -39.61 -31.43
N TYR C 42 -13.76 -38.32 -31.35
CA TYR C 42 -13.49 -37.54 -30.14
C TYR C 42 -14.67 -37.61 -29.18
N SER C 43 -15.88 -37.48 -29.72
CA SER C 43 -17.08 -37.54 -28.89
C SER C 43 -17.02 -38.75 -27.95
N HIS C 44 -16.75 -39.94 -28.49
CA HIS C 44 -16.68 -41.15 -27.65
C HIS C 44 -15.23 -41.59 -27.38
N GLY C 45 -14.30 -40.67 -27.54
CA GLY C 45 -12.91 -40.97 -27.30
C GLY C 45 -12.41 -40.14 -26.14
N VAL C 46 -11.40 -39.31 -26.39
CA VAL C 46 -10.85 -38.49 -25.32
C VAL C 46 -11.89 -37.64 -24.62
N ASN C 47 -12.93 -37.19 -25.33
CA ASN C 47 -13.95 -36.35 -24.70
C ASN C 47 -14.78 -37.08 -23.66
N ARG C 48 -14.89 -38.39 -23.79
CA ARG C 48 -15.69 -39.16 -22.84
C ARG C 48 -14.84 -39.75 -21.70
N PHE C 49 -13.54 -39.50 -21.72
CA PHE C 49 -12.68 -40.05 -20.68
C PHE C 49 -13.07 -39.60 -19.27
N PRO C 50 -13.29 -38.29 -19.07
CA PRO C 50 -13.67 -37.81 -17.74
C PRO C 50 -14.92 -38.53 -17.21
N ARG C 51 -15.94 -38.63 -18.05
CA ARG C 51 -17.19 -39.30 -17.70
C ARG C 51 -16.88 -40.73 -17.28
N PHE C 52 -16.01 -41.38 -18.05
CA PHE C 52 -15.62 -42.77 -17.76
C PHE C 52 -15.00 -42.89 -16.37
N ILE C 53 -14.00 -42.05 -16.09
CA ILE C 53 -13.34 -42.08 -14.79
C ILE C 53 -14.34 -41.79 -13.69
N GLN C 54 -15.20 -40.81 -13.93
CA GLN C 54 -16.21 -40.44 -12.96
C GLN C 54 -17.04 -41.65 -12.54
N GLN C 55 -17.49 -42.41 -13.53
CA GLN C 55 -18.31 -43.60 -13.25
C GLN C 55 -17.49 -44.70 -12.58
N LEU C 56 -16.22 -44.81 -12.95
CA LEU C 56 -15.33 -45.80 -12.37
C LEU C 56 -15.20 -45.55 -10.87
N GLU C 57 -14.97 -44.29 -10.52
CA GLU C 57 -14.82 -43.91 -9.13
C GLU C 57 -16.07 -44.19 -8.33
N ASN C 58 -17.24 -44.03 -8.94
CA ASN C 58 -18.49 -44.25 -8.24
C ASN C 58 -18.73 -45.73 -7.99
N GLY C 59 -17.92 -46.58 -8.61
CA GLY C 59 -18.09 -48.01 -8.41
C GLY C 59 -18.95 -48.68 -9.46
N ASP C 60 -19.47 -47.90 -10.41
CA ASP C 60 -20.32 -48.46 -11.46
C ASP C 60 -19.54 -49.49 -12.26
N ILE C 61 -18.23 -49.30 -12.31
CA ILE C 61 -17.33 -50.18 -13.03
C ILE C 61 -16.42 -50.89 -12.05
N ILE C 62 -16.15 -52.16 -12.31
CA ILE C 62 -15.28 -52.97 -11.46
C ILE C 62 -14.12 -53.43 -12.33
N PRO C 63 -12.97 -52.74 -12.26
CA PRO C 63 -11.77 -53.07 -13.05
C PRO C 63 -11.42 -54.55 -13.10
N ASP C 64 -11.21 -55.13 -11.92
CA ASP C 64 -10.86 -56.55 -11.80
C ASP C 64 -11.87 -57.47 -12.46
N ALA C 65 -13.13 -57.05 -12.53
CA ALA C 65 -14.17 -57.89 -13.12
C ALA C 65 -13.82 -58.38 -14.51
N GLN C 66 -14.34 -59.55 -14.86
CA GLN C 66 -14.09 -60.11 -16.16
C GLN C 66 -15.34 -60.86 -16.62
N PRO C 67 -15.62 -60.86 -17.94
CA PRO C 67 -16.78 -61.54 -18.53
C PRO C 67 -16.88 -63.02 -18.16
N LYS C 68 -18.10 -63.56 -18.21
CA LYS C 68 -18.31 -64.97 -17.90
C LYS C 68 -19.46 -65.49 -18.76
N ARG C 69 -19.27 -66.66 -19.36
CA ARG C 69 -20.29 -67.26 -20.21
C ARG C 69 -21.40 -67.86 -19.36
N ILE C 70 -22.63 -67.78 -19.85
CA ILE C 70 -23.78 -68.31 -19.13
C ILE C 70 -24.42 -69.48 -19.86
N THR C 71 -24.69 -69.30 -21.15
CA THR C 71 -25.30 -70.36 -21.93
C THR C 71 -24.78 -70.39 -23.36
N SER C 72 -24.66 -71.60 -23.91
CA SER C 72 -24.19 -71.77 -25.28
C SER C 72 -25.21 -72.61 -26.04
N LEU C 73 -25.89 -72.00 -27.01
CA LEU C 73 -26.88 -72.69 -27.82
C LEU C 73 -26.30 -73.02 -29.19
N GLY C 74 -25.00 -72.85 -29.34
CA GLY C 74 -24.38 -73.14 -30.62
C GLY C 74 -23.75 -71.90 -31.23
N ALA C 75 -24.46 -71.28 -32.16
CA ALA C 75 -23.95 -70.08 -32.81
C ALA C 75 -24.12 -68.84 -31.93
N ILE C 76 -24.93 -68.96 -30.89
CA ILE C 76 -25.13 -67.84 -29.96
C ILE C 76 -24.77 -68.23 -28.52
N GLU C 77 -24.23 -67.26 -27.78
CA GLU C 77 -23.84 -67.48 -26.39
C GLU C 77 -24.23 -66.26 -25.56
N GLN C 78 -24.70 -66.51 -24.35
CA GLN C 78 -25.12 -65.46 -23.43
C GLN C 78 -24.01 -65.27 -22.39
N TRP C 79 -23.54 -64.04 -22.25
CA TRP C 79 -22.49 -63.71 -21.30
C TRP C 79 -22.91 -62.64 -20.29
N ASP C 80 -22.25 -62.66 -19.14
CA ASP C 80 -22.51 -61.69 -18.08
C ASP C 80 -21.20 -60.90 -17.90
N ALA C 81 -21.24 -59.63 -18.29
CA ALA C 81 -20.09 -58.75 -18.21
C ALA C 81 -19.63 -58.51 -16.78
N GLN C 82 -20.53 -58.74 -15.83
CA GLN C 82 -20.24 -58.54 -14.43
C GLN C 82 -19.73 -57.13 -14.18
N ARG C 83 -20.34 -56.17 -14.85
CA ARG C 83 -19.97 -54.77 -14.69
C ARG C 83 -18.49 -54.49 -14.90
N SER C 84 -17.90 -55.19 -15.85
CA SER C 84 -16.49 -54.99 -16.17
C SER C 84 -16.35 -53.73 -17.04
N ILE C 85 -15.11 -53.41 -17.42
CA ILE C 85 -14.84 -52.25 -18.25
C ILE C 85 -15.57 -52.37 -19.60
N GLY C 86 -16.35 -51.34 -19.92
CA GLY C 86 -17.13 -51.36 -21.15
C GLY C 86 -16.44 -51.69 -22.46
N ASN C 87 -15.42 -50.92 -22.82
CA ASN C 87 -14.75 -51.17 -24.08
C ASN C 87 -13.90 -52.44 -24.10
N LEU C 88 -13.10 -52.65 -23.05
CA LEU C 88 -12.28 -53.83 -22.98
C LEU C 88 -13.11 -55.11 -23.11
N THR C 89 -14.24 -55.18 -22.41
CA THR C 89 -15.11 -56.36 -22.47
C THR C 89 -15.83 -56.50 -23.80
N ALA C 90 -16.23 -55.38 -24.41
CA ALA C 90 -16.92 -55.44 -25.69
C ALA C 90 -15.99 -56.02 -26.75
N LYS C 91 -14.73 -55.62 -26.72
CA LYS C 91 -13.75 -56.11 -27.67
C LYS C 91 -13.65 -57.62 -27.53
N LYS C 92 -13.49 -58.09 -26.30
CA LYS C 92 -13.37 -59.52 -26.03
C LYS C 92 -14.61 -60.26 -26.54
N ASP C 95 -14.87 -60.56 -30.22
CA ASP C 95 -13.91 -61.55 -30.63
C ASP C 95 -14.48 -62.94 -30.41
N ARG C 96 -15.36 -63.06 -29.42
CA ARG C 96 -15.97 -64.35 -29.16
C ARG C 96 -17.01 -64.67 -30.23
N ALA C 97 -17.66 -63.64 -30.74
CA ALA C 97 -18.67 -63.81 -31.77
C ALA C 97 -17.98 -64.25 -33.06
N ILE C 98 -16.80 -63.69 -33.29
CA ILE C 98 -16.00 -64.01 -34.46
C ILE C 98 -15.58 -65.49 -34.41
N GLU C 99 -15.14 -65.94 -33.23
CA GLU C 99 -14.73 -67.34 -33.05
C GLU C 99 -15.91 -68.27 -33.31
N LEU C 100 -17.12 -67.81 -32.99
CA LEU C 100 -18.31 -68.60 -33.20
C LEU C 100 -18.67 -68.58 -34.67
N ALA C 101 -18.45 -67.44 -35.32
CA ALA C 101 -18.74 -67.30 -36.73
C ALA C 101 -17.83 -68.18 -37.56
N ALA C 102 -16.63 -68.43 -37.04
CA ALA C 102 -15.67 -69.26 -37.74
C ALA C 102 -16.06 -70.73 -37.77
N ASP C 103 -16.88 -71.14 -36.80
CA ASP C 103 -17.32 -72.53 -36.70
C ASP C 103 -18.78 -72.75 -37.06
N HIS C 104 -19.56 -71.67 -37.06
CA HIS C 104 -20.97 -71.79 -37.39
C HIS C 104 -21.36 -70.95 -38.60
N GLY C 105 -20.46 -70.09 -39.06
CA GLY C 105 -20.76 -69.25 -40.20
C GLY C 105 -21.26 -67.90 -39.71
N ILE C 106 -21.94 -67.93 -38.57
CA ILE C 106 -22.46 -66.72 -37.96
C ILE C 106 -22.40 -66.88 -36.46
N GLY C 107 -21.98 -65.82 -35.77
CA GLY C 107 -21.87 -65.87 -34.32
C GLY C 107 -22.60 -64.70 -33.68
N LEU C 108 -23.13 -64.91 -32.48
CA LEU C 108 -23.84 -63.85 -31.77
C LEU C 108 -23.60 -63.98 -30.27
N VAL C 109 -23.12 -62.90 -29.66
CA VAL C 109 -22.87 -62.90 -28.23
C VAL C 109 -23.84 -61.92 -27.58
N ALA C 110 -24.63 -62.39 -26.61
CA ALA C 110 -25.56 -61.51 -25.89
C ALA C 110 -24.96 -61.27 -24.52
N LEU C 111 -24.63 -60.01 -24.23
CA LEU C 111 -24.00 -59.66 -22.96
C LEU C 111 -24.85 -58.77 -22.05
N ARG C 112 -24.95 -59.15 -20.78
CA ARG C 112 -25.74 -58.37 -19.83
C ARG C 112 -24.87 -57.81 -18.72
N ASN C 113 -25.43 -56.87 -17.96
CA ASN C 113 -24.73 -56.23 -16.87
C ASN C 113 -23.42 -55.62 -17.33
N ALA C 114 -23.42 -55.02 -18.51
CA ALA C 114 -22.22 -54.42 -19.05
C ALA C 114 -22.14 -52.92 -18.81
N ASN C 115 -21.02 -52.32 -19.20
CA ASN C 115 -20.80 -50.89 -19.09
C ASN C 115 -20.68 -50.27 -20.48
N HIS C 116 -20.84 -48.95 -20.53
CA HIS C 116 -20.79 -48.21 -21.79
C HIS C 116 -19.57 -48.65 -22.61
N TRP C 117 -19.79 -49.00 -23.87
CA TRP C 117 -18.67 -49.47 -24.70
C TRP C 117 -17.93 -48.37 -25.43
N ARG C 119 -17.00 -46.41 -28.04
CA ARG C 119 -17.24 -46.39 -29.48
C ARG C 119 -17.66 -47.75 -29.99
N GLY C 120 -18.93 -47.89 -30.37
CA GLY C 120 -19.37 -49.17 -30.88
C GLY C 120 -18.67 -49.54 -32.19
N GLY C 121 -18.35 -48.54 -33.00
CA GLY C 121 -17.70 -48.81 -34.26
C GLY C 121 -16.35 -49.49 -34.15
N SER C 122 -15.72 -49.41 -32.98
CA SER C 122 -14.44 -50.04 -32.85
C SER C 122 -14.60 -51.57 -32.91
N TYR C 123 -15.78 -52.06 -32.51
CA TYR C 123 -16.05 -53.50 -32.52
C TYR C 123 -16.51 -53.99 -33.90
N GLY C 124 -17.21 -53.14 -34.65
CA GLY C 124 -17.63 -53.53 -35.98
C GLY C 124 -16.38 -53.49 -36.84
N TRP C 125 -15.51 -52.53 -36.55
CA TRP C 125 -14.26 -52.35 -37.28
C TRP C 125 -13.31 -53.54 -37.05
N GLN C 126 -13.08 -53.92 -35.80
CA GLN C 126 -12.17 -55.04 -35.53
C GLN C 126 -12.63 -56.31 -36.27
N ALA C 127 -13.95 -56.44 -36.48
CA ALA C 127 -14.49 -57.59 -37.18
C ALA C 127 -14.15 -57.53 -38.68
N ALA C 128 -14.41 -56.39 -39.32
CA ALA C 128 -14.11 -56.23 -40.75
C ALA C 128 -12.63 -56.36 -41.00
N GLU C 129 -11.83 -55.86 -40.06
CA GLU C 129 -10.38 -55.95 -40.19
C GLU C 129 -9.94 -57.41 -40.30
N LYS C 130 -10.77 -58.31 -39.77
CA LYS C 130 -10.46 -59.74 -39.82
C LYS C 130 -11.25 -60.47 -40.92
N GLY C 131 -11.81 -59.71 -41.85
CA GLY C 131 -12.56 -60.30 -42.96
C GLY C 131 -13.98 -60.73 -42.66
N TYR C 132 -14.49 -60.39 -41.48
CA TYR C 132 -15.84 -60.75 -41.10
C TYR C 132 -16.71 -59.52 -41.15
N ILE C 133 -18.01 -59.71 -41.40
CA ILE C 133 -18.94 -58.60 -41.39
C ILE C 133 -19.24 -58.41 -39.91
N GLY C 134 -19.32 -57.17 -39.46
CA GLY C 134 -19.60 -56.94 -38.05
C GLY C 134 -20.84 -56.11 -37.80
N ILE C 135 -21.69 -56.61 -36.91
CA ILE C 135 -22.92 -55.94 -36.52
C ILE C 135 -23.05 -56.04 -35.01
N CYS C 136 -23.22 -54.90 -34.35
CA CYS C 136 -23.39 -54.87 -32.91
C CYS C 136 -24.16 -53.62 -32.50
N TRP C 137 -24.78 -53.69 -31.34
CA TRP C 137 -25.52 -52.56 -30.81
C TRP C 137 -25.67 -52.73 -29.31
N THR C 138 -26.00 -51.63 -28.63
CA THR C 138 -26.16 -51.67 -27.18
C THR C 138 -27.36 -50.83 -26.80
N ASN C 139 -27.79 -50.93 -25.56
CA ASN C 139 -28.88 -50.12 -25.09
C ASN C 139 -28.23 -49.10 -24.17
N SER C 140 -29.02 -48.33 -23.44
CA SER C 140 -28.43 -47.32 -22.56
C SER C 140 -29.48 -46.76 -21.62
N ILE C 141 -29.09 -45.76 -20.84
CA ILE C 141 -30.03 -45.14 -19.92
C ILE C 141 -30.99 -44.29 -20.76
N ALA C 142 -32.19 -44.04 -20.24
CA ALA C 142 -33.17 -43.24 -20.98
C ALA C 142 -32.68 -41.82 -21.25
N VAL C 143 -32.24 -41.54 -22.47
CA VAL C 143 -31.75 -40.20 -22.81
C VAL C 143 -32.47 -39.60 -24.02
N PRO C 145 -36.60 -39.20 -25.72
CA PRO C 145 -38.04 -39.42 -25.62
C PRO C 145 -38.57 -40.13 -26.85
N PRO C 146 -39.48 -41.10 -26.67
CA PRO C 146 -40.04 -41.84 -27.81
C PRO C 146 -40.84 -40.86 -28.67
N TRP C 147 -40.97 -41.14 -29.96
CA TRP C 147 -41.70 -40.25 -30.84
C TRP C 147 -43.09 -39.91 -30.29
N GLY C 148 -43.35 -38.63 -30.08
CA GLY C 148 -44.64 -38.20 -29.56
C GLY C 148 -44.54 -37.77 -28.11
N ALA C 149 -43.43 -38.11 -27.48
CA ALA C 149 -43.23 -37.74 -26.09
C ALA C 149 -42.21 -36.64 -25.92
N LYS C 150 -42.20 -36.03 -24.73
CA LYS C 150 -41.26 -34.96 -24.43
C LYS C 150 -40.33 -35.41 -23.29
N GLU C 151 -40.61 -36.57 -22.72
CA GLU C 151 -39.82 -37.12 -21.62
C GLU C 151 -38.98 -38.30 -22.12
N CYS C 152 -37.78 -38.44 -21.58
CA CYS C 152 -36.91 -39.52 -22.01
C CYS C 152 -37.35 -40.88 -21.46
N ARG C 153 -37.55 -41.83 -22.36
CA ARG C 153 -37.97 -43.18 -22.00
C ARG C 153 -37.36 -44.20 -22.96
N ILE C 154 -36.53 -43.73 -23.87
CA ILE C 154 -35.86 -44.56 -24.88
C ILE C 154 -34.37 -44.25 -24.87
N GLY C 155 -33.57 -45.17 -25.41
CA GLY C 155 -32.13 -44.95 -25.44
C GLY C 155 -31.60 -44.65 -26.84
N THR C 156 -30.36 -44.17 -26.93
CA THR C 156 -29.74 -43.86 -28.22
C THR C 156 -29.27 -45.12 -28.94
N ASN C 157 -29.34 -46.25 -28.24
CA ASN C 157 -28.96 -47.56 -28.78
C ASN C 157 -28.29 -47.53 -30.17
N PRO C 158 -26.99 -47.15 -30.24
CA PRO C 158 -26.26 -47.08 -31.51
C PRO C 158 -26.16 -48.41 -32.27
N LEU C 159 -26.41 -48.36 -33.59
CA LEU C 159 -26.34 -49.55 -34.44
C LEU C 159 -25.11 -49.50 -35.35
N ILE C 160 -24.26 -50.53 -35.26
CA ILE C 160 -23.06 -50.57 -36.07
C ILE C 160 -23.09 -51.72 -37.07
N VAL C 161 -22.64 -51.42 -38.29
CA VAL C 161 -22.57 -52.40 -39.37
C VAL C 161 -21.31 -52.10 -40.17
N ALA C 162 -20.37 -53.04 -40.15
CA ALA C 162 -19.09 -52.89 -40.86
C ALA C 162 -18.86 -54.04 -41.84
N ILE C 163 -18.37 -53.67 -43.02
CA ILE C 163 -18.09 -54.59 -44.13
C ILE C 163 -16.58 -54.66 -44.39
N PRO C 164 -16.02 -55.87 -44.63
CA PRO C 164 -14.59 -56.08 -44.89
C PRO C 164 -14.17 -55.66 -46.30
N SER C 165 -14.54 -54.43 -46.67
CA SER C 165 -14.20 -53.88 -47.98
C SER C 165 -12.93 -53.07 -47.84
N THR C 166 -12.43 -52.57 -48.96
CA THR C 166 -11.23 -51.74 -48.94
C THR C 166 -11.53 -50.37 -49.57
N PRO C 167 -11.51 -49.31 -48.75
CA PRO C 167 -11.23 -49.37 -47.32
C PRO C 167 -12.51 -49.86 -46.64
N ILE C 168 -12.41 -50.17 -45.34
CA ILE C 168 -13.55 -50.66 -44.57
C ILE C 168 -14.74 -49.71 -44.63
N THR C 169 -15.90 -50.26 -44.98
CA THR C 169 -17.11 -49.46 -45.07
C THR C 169 -17.93 -49.83 -43.84
N VAL C 171 -20.97 -48.23 -40.67
CA VAL C 171 -21.88 -47.25 -40.12
C VAL C 171 -21.86 -47.44 -38.62
N ASP C 172 -21.93 -46.32 -37.89
CA ASP C 172 -21.97 -46.29 -36.43
C ASP C 172 -22.95 -45.16 -36.14
N SER C 174 -26.26 -43.54 -33.94
CA SER C 174 -27.09 -43.62 -32.76
C SER C 174 -28.52 -43.47 -33.26
N SER C 176 -30.47 -41.40 -32.26
CA SER C 176 -30.77 -39.97 -32.21
C SER C 176 -30.00 -39.37 -33.39
N PHE C 178 -28.18 -36.94 -33.80
CA PHE C 178 -26.80 -36.66 -33.37
C PHE C 178 -26.63 -37.30 -31.99
N SER C 179 -25.46 -37.86 -31.71
CA SER C 179 -25.21 -38.45 -30.41
C SER C 179 -25.02 -37.29 -29.43
N TYR C 180 -25.26 -37.51 -28.14
CA TYR C 180 -25.05 -36.43 -27.18
C TYR C 180 -23.57 -35.98 -27.25
N GLY C 181 -22.67 -36.94 -27.39
CA GLY C 181 -21.26 -36.59 -27.49
C GLY C 181 -21.01 -35.64 -28.65
N LEU C 183 -23.16 -33.53 -29.92
CA LEU C 183 -23.76 -32.24 -29.61
C LEU C 183 -22.71 -31.41 -28.87
N GLU C 184 -21.93 -32.07 -28.00
CA GLU C 184 -20.89 -31.41 -27.22
C GLU C 184 -19.75 -30.94 -28.12
N VAL C 185 -19.37 -31.79 -29.07
CA VAL C 185 -18.32 -31.47 -30.01
C VAL C 185 -18.68 -30.16 -30.72
N ASN C 186 -19.92 -30.07 -31.19
CA ASN C 186 -20.37 -28.88 -31.88
C ASN C 186 -20.38 -27.63 -30.98
N ARG C 187 -20.89 -27.77 -29.77
CA ARG C 187 -20.92 -26.66 -28.84
C ARG C 187 -19.52 -26.11 -28.64
N LEU C 188 -18.58 -26.98 -28.28
CA LEU C 188 -17.20 -26.57 -28.05
C LEU C 188 -16.65 -25.86 -29.28
N ALA C 189 -17.05 -26.32 -30.46
CA ALA C 189 -16.59 -25.71 -31.70
C ALA C 189 -17.38 -24.44 -32.02
N GLY C 190 -18.41 -24.17 -31.22
CA GLY C 190 -19.23 -23.00 -31.44
C GLY C 190 -19.96 -23.04 -32.77
N ARG C 191 -20.40 -24.23 -33.18
CA ARG C 191 -21.14 -24.37 -34.43
C ARG C 191 -22.50 -25.00 -34.20
N GLN C 192 -23.48 -24.61 -35.01
CA GLN C 192 -24.83 -25.16 -34.89
C GLN C 192 -24.88 -26.53 -35.56
N LEU C 193 -25.98 -27.26 -35.34
CA LEU C 193 -26.13 -28.58 -35.96
C LEU C 193 -26.51 -28.39 -37.41
N PRO C 194 -25.96 -29.23 -38.31
CA PRO C 194 -26.23 -29.17 -39.75
C PRO C 194 -27.67 -29.49 -40.10
N VAL C 195 -28.44 -29.90 -39.10
CA VAL C 195 -29.84 -30.22 -39.30
C VAL C 195 -30.53 -30.37 -37.93
N ASP C 196 -31.85 -30.29 -37.91
CA ASP C 196 -32.62 -30.40 -36.68
C ASP C 196 -32.20 -31.60 -35.85
N GLY C 197 -31.87 -31.35 -34.59
CA GLY C 197 -31.44 -32.43 -33.73
C GLY C 197 -32.16 -32.49 -32.40
N GLY C 198 -33.27 -31.77 -32.29
CA GLY C 198 -34.01 -31.80 -31.04
C GLY C 198 -35.00 -30.66 -30.93
N PHE C 199 -35.85 -30.72 -29.91
CA PHE C 199 -36.88 -29.70 -29.67
C PHE C 199 -36.47 -28.81 -28.52
N ASP C 200 -36.92 -27.56 -28.52
CA ASP C 200 -36.62 -26.62 -27.43
C ASP C 200 -37.70 -26.76 -26.36
N ASP C 201 -37.67 -25.92 -25.34
CA ASP C 201 -38.67 -26.00 -24.26
C ASP C 201 -40.10 -25.79 -24.74
N GLU C 202 -40.24 -25.11 -25.86
CA GLU C 202 -41.55 -24.81 -26.44
C GLU C 202 -42.02 -25.90 -27.39
N GLY C 203 -41.14 -26.86 -27.68
CA GLY C 203 -41.52 -27.95 -28.57
C GLY C 203 -41.28 -27.68 -30.04
N ASN C 204 -40.31 -26.82 -30.35
CA ASN C 204 -39.99 -26.51 -31.74
C ASN C 204 -38.64 -27.10 -32.12
N LEU C 205 -38.56 -27.65 -33.33
CA LEU C 205 -37.34 -28.23 -33.84
C LEU C 205 -36.21 -27.21 -33.82
N THR C 206 -35.11 -27.54 -33.15
CA THR C 206 -33.98 -26.63 -33.09
C THR C 206 -32.67 -27.28 -33.51
N LYS C 207 -31.67 -26.44 -33.76
CA LYS C 207 -30.37 -26.93 -34.16
C LYS C 207 -29.29 -26.42 -33.21
N GLU C 208 -29.74 -25.86 -32.08
CA GLU C 208 -28.82 -25.32 -31.09
C GLU C 208 -28.45 -26.41 -30.09
N PRO C 209 -27.20 -26.90 -30.15
CA PRO C 209 -26.68 -27.95 -29.25
C PRO C 209 -27.01 -27.79 -27.77
N GLY C 210 -26.71 -26.61 -27.23
CA GLY C 210 -26.96 -26.33 -25.82
C GLY C 210 -28.40 -26.53 -25.38
N VAL C 211 -29.34 -26.08 -26.19
CA VAL C 211 -30.76 -26.22 -25.87
C VAL C 211 -31.15 -27.69 -25.68
N ILE C 212 -30.73 -28.53 -26.62
CA ILE C 212 -31.04 -29.95 -26.55
C ILE C 212 -30.36 -30.66 -25.38
N GLU C 213 -29.13 -30.25 -25.07
CA GLU C 213 -28.40 -30.87 -23.98
C GLU C 213 -29.09 -30.66 -22.62
N LYS C 214 -29.80 -29.54 -22.44
CA LYS C 214 -30.47 -29.31 -21.17
C LYS C 214 -31.88 -29.88 -21.03
N ASN C 215 -32.69 -29.82 -22.08
CA ASN C 215 -34.04 -30.34 -21.99
C ASN C 215 -34.07 -31.82 -22.38
N ARG C 216 -32.95 -32.30 -22.90
CA ARG C 216 -32.80 -33.68 -23.33
C ARG C 216 -33.86 -34.10 -24.33
N ARG C 217 -34.45 -33.14 -25.04
CA ARG C 217 -35.44 -33.51 -26.04
C ARG C 217 -34.75 -33.73 -27.38
N ILE C 218 -33.78 -34.64 -27.38
CA ILE C 218 -32.99 -34.97 -28.56
C ILE C 218 -33.84 -35.65 -29.64
N LEU C 219 -33.66 -35.22 -30.88
CA LEU C 219 -34.45 -35.76 -31.98
C LEU C 219 -33.99 -37.12 -32.52
N PRO C 220 -34.95 -38.05 -32.71
CA PRO C 220 -34.61 -39.39 -33.22
C PRO C 220 -34.29 -39.25 -34.70
N GLY C 222 -34.47 -39.95 -38.43
CA GLY C 222 -35.60 -40.48 -39.17
C GLY C 222 -36.91 -40.31 -38.41
N TYR C 223 -36.87 -39.54 -37.33
CA TYR C 223 -38.05 -39.28 -36.52
C TYR C 223 -38.66 -40.54 -35.92
N TRP C 224 -39.89 -40.85 -36.31
CA TRP C 224 -40.57 -42.03 -35.78
C TRP C 224 -39.83 -43.33 -36.14
N LYS C 225 -39.02 -43.30 -37.20
CA LYS C 225 -38.28 -44.49 -37.57
C LYS C 225 -37.18 -44.80 -36.56
N GLY C 226 -36.42 -43.77 -36.16
CA GLY C 226 -35.37 -43.98 -35.20
C GLY C 226 -35.94 -44.33 -33.84
N SER C 227 -37.09 -43.77 -33.51
CA SER C 227 -37.71 -44.05 -32.24
C SER C 227 -38.07 -45.54 -32.21
N GLY C 228 -38.65 -46.02 -33.29
CA GLY C 228 -39.03 -47.42 -33.38
C GLY C 228 -37.86 -48.39 -33.37
N SER C 230 -34.98 -47.89 -32.13
CA SER C 230 -34.42 -47.83 -30.78
C SER C 230 -35.06 -48.86 -29.86
N ILE C 231 -36.39 -48.88 -29.85
CA ILE C 231 -37.15 -49.80 -29.01
C ILE C 231 -36.90 -51.27 -29.31
N VAL C 232 -37.05 -51.67 -30.57
CA VAL C 232 -36.83 -53.08 -30.94
C VAL C 232 -35.40 -53.49 -30.61
N LEU C 233 -34.45 -52.61 -30.83
CA LEU C 233 -33.06 -52.97 -30.52
C LEU C 233 -32.94 -53.24 -29.04
N ASP C 234 -33.64 -52.46 -28.22
CA ASP C 234 -33.60 -52.64 -26.77
C ASP C 234 -34.21 -53.99 -26.44
N ILE C 236 -34.40 -56.66 -28.19
CA ILE C 236 -33.53 -57.78 -28.54
C ILE C 236 -32.39 -57.88 -27.54
N ALA C 237 -31.76 -56.76 -27.23
CA ALA C 237 -30.62 -56.78 -26.29
C ALA C 237 -31.02 -57.35 -24.93
N THR C 238 -32.22 -57.01 -24.49
CA THR C 238 -32.72 -57.47 -23.20
C THR C 238 -33.10 -58.94 -23.22
N LEU C 239 -33.77 -59.35 -24.29
CA LEU C 239 -34.20 -60.73 -24.41
C LEU C 239 -33.02 -61.71 -24.53
N LEU C 240 -32.22 -61.56 -25.58
CA LEU C 240 -31.07 -62.45 -25.81
C LEU C 240 -30.08 -62.56 -24.68
N SER C 241 -29.96 -61.53 -23.86
CA SER C 241 -29.01 -61.60 -22.77
C SER C 241 -29.73 -61.74 -21.45
N ASP C 242 -31.06 -61.71 -21.47
CA ASP C 242 -31.82 -61.76 -20.23
C ASP C 242 -31.19 -60.75 -19.28
N GLY C 243 -30.96 -59.53 -19.79
CA GLY C 243 -30.35 -58.51 -18.96
C GLY C 243 -31.24 -57.32 -18.78
N ALA C 244 -30.65 -56.20 -18.35
CA ALA C 244 -31.42 -54.99 -18.11
C ALA C 244 -31.74 -54.22 -19.39
N SER C 245 -32.96 -53.72 -19.47
CA SER C 245 -33.42 -52.94 -20.61
C SER C 245 -33.23 -51.47 -20.24
N VAL C 246 -33.58 -50.57 -21.14
CA VAL C 246 -33.46 -49.15 -20.86
C VAL C 246 -34.28 -48.81 -19.61
N ALA C 247 -35.51 -49.30 -19.57
CA ALA C 247 -36.40 -49.05 -18.44
C ALA C 247 -35.78 -49.54 -17.13
N GLU C 248 -35.30 -50.78 -17.11
CA GLU C 248 -34.68 -51.32 -15.90
C GLU C 248 -33.47 -50.50 -15.47
N VAL C 249 -32.53 -50.30 -16.39
CA VAL C 249 -31.33 -49.54 -16.09
C VAL C 249 -31.65 -48.17 -15.48
N THR C 250 -32.47 -47.40 -16.17
CA THR C 250 -32.85 -46.06 -15.72
C THR C 250 -33.49 -46.02 -14.35
N GLN C 251 -34.45 -46.91 -14.12
CA GLN C 251 -35.15 -46.94 -12.84
C GLN C 251 -34.46 -47.72 -11.72
N ASP C 252 -33.97 -48.91 -12.02
CA ASP C 252 -33.33 -49.74 -11.00
C ASP C 252 -31.90 -49.37 -10.66
N ASN C 253 -31.20 -48.77 -11.61
CA ASN C 253 -29.82 -48.38 -11.37
C ASN C 253 -29.63 -46.89 -11.14
N SER C 254 -28.61 -46.55 -10.37
CA SER C 254 -28.32 -45.16 -10.04
C SER C 254 -27.71 -44.38 -11.19
N ASP C 255 -26.95 -45.06 -12.05
CA ASP C 255 -26.32 -44.39 -13.19
C ASP C 255 -26.28 -45.34 -14.38
N GLU C 256 -25.80 -44.85 -15.51
CA GLU C 256 -25.71 -45.68 -16.71
C GLU C 256 -24.70 -46.82 -16.61
N TYR C 257 -25.15 -47.97 -16.11
CA TYR C 257 -24.29 -49.15 -15.99
C TYR C 257 -25.20 -50.37 -15.96
N GLY C 258 -24.65 -51.57 -16.15
CA GLY C 258 -25.48 -52.77 -16.15
C GLY C 258 -26.34 -52.89 -17.41
N ILE C 259 -25.88 -52.26 -18.49
CA ILE C 259 -26.61 -52.30 -19.75
C ILE C 259 -26.44 -53.61 -20.52
N SER C 260 -27.14 -53.70 -21.64
CA SER C 260 -27.11 -54.89 -22.48
C SER C 260 -26.58 -54.61 -23.87
N GLN C 261 -25.74 -55.50 -24.38
CA GLN C 261 -25.13 -55.32 -25.69
C GLN C 261 -25.15 -56.59 -26.53
N ILE C 262 -25.31 -56.42 -27.84
CA ILE C 262 -25.34 -57.54 -28.76
C ILE C 262 -24.20 -57.42 -29.77
N PHE C 263 -23.47 -58.52 -29.97
CA PHE C 263 -22.34 -58.58 -30.89
C PHE C 263 -22.56 -59.69 -31.90
N ILE C 264 -22.45 -59.36 -33.18
CA ILE C 264 -22.65 -60.31 -34.27
C ILE C 264 -21.50 -60.28 -35.27
N ALA C 265 -21.08 -61.46 -35.69
CA ALA C 265 -20.02 -61.59 -36.66
C ALA C 265 -20.51 -62.59 -37.71
N ILE C 266 -20.29 -62.27 -38.98
CA ILE C 266 -20.70 -63.16 -40.05
C ILE C 266 -19.52 -63.41 -40.97
N GLU C 267 -19.24 -64.69 -41.20
CA GLU C 267 -18.13 -65.12 -42.05
C GLU C 267 -18.49 -64.86 -43.50
N VAL C 268 -17.51 -64.41 -44.28
CA VAL C 268 -17.71 -64.08 -45.68
C VAL C 268 -16.98 -64.99 -46.66
N ASP C 269 -15.69 -65.18 -46.43
CA ASP C 269 -14.85 -65.97 -47.33
C ASP C 269 -15.39 -67.32 -47.79
N LYS C 270 -16.16 -68.01 -46.94
CA LYS C 270 -16.69 -69.31 -47.35
C LYS C 270 -17.93 -69.23 -48.21
N LEU C 271 -18.53 -68.05 -48.30
CA LEU C 271 -19.75 -67.89 -49.11
C LEU C 271 -19.48 -67.22 -50.44
N ILE C 272 -18.29 -66.65 -50.59
CA ILE C 272 -17.90 -65.98 -51.82
C ILE C 272 -16.39 -65.84 -51.85
N ASP C 273 -15.79 -66.10 -53.02
CA ASP C 273 -14.34 -66.04 -53.20
C ASP C 273 -13.81 -64.65 -52.95
N GLY C 274 -12.54 -64.58 -52.57
CA GLY C 274 -11.90 -63.30 -52.33
C GLY C 274 -11.90 -62.37 -53.53
N PRO C 275 -11.60 -62.88 -54.74
CA PRO C 275 -11.59 -62.05 -55.95
C PRO C 275 -12.97 -61.45 -56.22
N THR C 276 -13.98 -62.31 -56.21
CA THR C 276 -15.35 -61.88 -56.45
C THR C 276 -15.81 -60.91 -55.36
N ARG C 277 -15.36 -61.14 -54.12
CA ARG C 277 -15.72 -60.28 -53.01
C ARG C 277 -15.23 -58.86 -53.25
N ASP C 278 -13.97 -58.72 -53.66
CA ASP C 278 -13.40 -57.40 -53.92
C ASP C 278 -13.99 -56.75 -55.17
N ALA C 279 -14.31 -57.57 -56.17
CA ALA C 279 -14.87 -57.05 -57.42
C ALA C 279 -16.28 -56.53 -57.20
N LYS C 280 -17.16 -57.35 -56.63
CA LYS C 280 -18.53 -56.92 -56.39
C LYS C 280 -18.61 -55.74 -55.43
N LEU C 281 -17.77 -55.75 -54.40
CA LEU C 281 -17.75 -54.65 -53.44
C LEU C 281 -17.23 -53.38 -54.10
N GLN C 282 -16.30 -53.54 -55.02
CA GLN C 282 -15.73 -52.39 -55.70
C GLN C 282 -16.76 -51.73 -56.60
N ARG C 283 -17.61 -52.53 -57.24
CA ARG C 283 -18.63 -51.98 -58.12
C ARG C 283 -19.67 -51.14 -57.37
N ILE C 284 -20.02 -51.58 -56.16
CA ILE C 284 -20.98 -50.88 -55.31
C ILE C 284 -20.42 -49.52 -54.86
N ASP C 286 -17.95 -47.77 -56.19
CA ASP C 286 -17.76 -46.89 -57.34
C ASP C 286 -19.07 -46.37 -57.87
N TYR C 287 -20.13 -47.18 -57.75
CA TYR C 287 -21.45 -46.77 -58.21
C TYR C 287 -21.97 -45.62 -57.36
N VAL C 288 -21.58 -45.60 -56.09
CA VAL C 288 -22.01 -44.53 -55.18
C VAL C 288 -21.19 -43.25 -55.40
N THR C 289 -19.87 -43.38 -55.32
CA THR C 289 -18.97 -42.24 -55.44
C THR C 289 -18.93 -41.52 -56.79
N SER C 290 -19.29 -42.21 -57.87
CA SER C 290 -19.28 -41.58 -59.19
C SER C 290 -20.56 -40.84 -59.53
N ALA C 291 -21.52 -40.80 -58.60
CA ALA C 291 -22.78 -40.13 -58.82
C ALA C 291 -22.60 -38.62 -58.90
N GLU C 292 -23.54 -37.93 -59.55
CA GLU C 292 -23.47 -36.48 -59.67
C GLU C 292 -23.54 -35.88 -58.27
N ARG C 293 -22.52 -35.11 -57.91
CA ARG C 293 -22.47 -34.47 -56.61
C ARG C 293 -23.51 -33.36 -56.52
N ALA C 294 -24.16 -33.23 -55.36
CA ALA C 294 -25.15 -32.18 -55.17
C ALA C 294 -24.38 -30.86 -55.11
N ASP C 295 -23.10 -30.97 -54.84
CA ASP C 295 -22.21 -29.82 -54.76
C ASP C 295 -20.87 -30.22 -55.37
N GLU C 296 -20.57 -29.68 -56.54
CA GLU C 296 -19.32 -29.98 -57.22
C GLU C 296 -18.09 -29.78 -56.33
N ASN C 297 -18.25 -28.95 -55.29
CA ASN C 297 -17.15 -28.69 -54.36
C ASN C 297 -17.26 -29.56 -53.11
N GLN C 298 -17.66 -30.81 -53.28
CA GLN C 298 -17.83 -31.73 -52.16
C GLN C 298 -18.01 -33.16 -52.67
N ALA C 299 -16.95 -33.95 -52.64
CA ALA C 299 -17.04 -35.32 -53.12
C ALA C 299 -17.94 -36.18 -52.25
N ILE C 300 -18.49 -37.21 -52.86
CA ILE C 300 -19.36 -38.14 -52.17
C ILE C 300 -18.49 -39.09 -51.35
N ARG C 301 -18.86 -39.32 -50.10
CA ARG C 301 -18.07 -40.21 -49.27
C ARG C 301 -18.90 -41.35 -48.72
N LEU C 302 -18.34 -42.54 -48.76
CA LEU C 302 -19.01 -43.73 -48.26
C LEU C 302 -18.92 -43.73 -46.74
N PRO C 303 -19.91 -44.34 -46.08
CA PRO C 303 -19.93 -44.40 -44.63
C PRO C 303 -18.71 -45.09 -44.00
N GLY C 304 -18.08 -44.40 -43.05
CA GLY C 304 -16.92 -44.98 -42.36
C GLY C 304 -15.57 -44.75 -42.99
N HIS C 305 -15.57 -44.33 -44.25
CA HIS C 305 -14.33 -44.09 -44.95
C HIS C 305 -13.50 -42.99 -44.32
N GLU C 306 -14.16 -42.06 -43.61
CA GLU C 306 -13.40 -40.99 -42.99
C GLU C 306 -12.50 -41.57 -41.91
N PHE C 307 -12.84 -42.75 -41.41
CA PHE C 307 -12.03 -43.35 -40.36
C PHE C 307 -10.69 -43.81 -40.91
N THR C 308 -10.54 -43.80 -42.23
CA THR C 308 -9.27 -44.21 -42.81
C THR C 308 -8.46 -42.94 -43.09
N THR C 309 -9.13 -41.95 -43.68
CA THR C 309 -8.49 -40.67 -44.01
C THR C 309 -8.11 -39.85 -42.78
N LEU C 310 -9.01 -39.75 -41.80
CA LEU C 310 -8.72 -38.99 -40.58
C LEU C 310 -7.54 -39.61 -39.86
N LEU C 311 -7.51 -40.95 -39.85
CA LEU C 311 -6.41 -41.65 -39.20
C LEU C 311 -5.10 -41.25 -39.86
N ALA C 312 -5.05 -41.31 -41.18
CA ALA C 312 -3.85 -40.94 -41.92
C ALA C 312 -3.40 -39.53 -41.57
N GLU C 313 -4.37 -38.61 -41.52
CA GLU C 313 -4.07 -37.23 -41.21
C GLU C 313 -3.50 -37.13 -39.80
N ASN C 314 -4.19 -37.73 -38.84
CA ASN C 314 -3.73 -37.69 -37.47
C ASN C 314 -2.30 -38.23 -37.33
N ARG C 315 -1.93 -39.16 -38.20
CA ARG C 315 -0.59 -39.74 -38.15
C ARG C 315 0.46 -38.76 -38.65
N ARG C 316 0.01 -37.79 -39.45
CA ARG C 316 0.90 -36.79 -39.99
C ARG C 316 1.00 -35.51 -39.16
N ASN C 317 -0.12 -35.02 -38.64
CA ASN C 317 -0.10 -33.76 -37.88
C ASN C 317 -0.29 -33.94 -36.39
N GLY C 318 -0.54 -35.16 -35.96
CA GLY C 318 -0.76 -35.40 -34.56
C GLY C 318 -2.23 -35.26 -34.26
N ILE C 319 -2.59 -35.51 -33.02
CA ILE C 319 -3.97 -35.43 -32.58
C ILE C 319 -4.29 -34.10 -31.94
N THR C 320 -5.45 -33.56 -32.28
CA THR C 320 -5.91 -32.29 -31.72
C THR C 320 -7.04 -32.56 -30.75
N VAL C 321 -6.89 -32.12 -29.51
CA VAL C 321 -7.90 -32.30 -28.48
C VAL C 321 -8.43 -30.94 -28.01
N ASP C 322 -9.71 -30.89 -27.65
CA ASP C 322 -10.31 -29.66 -27.17
C ASP C 322 -9.56 -29.24 -25.92
N ASP C 323 -9.23 -27.96 -25.83
CA ASP C 323 -8.50 -27.41 -24.69
C ASP C 323 -9.20 -27.64 -23.34
N SER C 324 -10.51 -27.47 -23.28
CA SER C 324 -11.21 -27.67 -22.00
C SER C 324 -11.21 -29.13 -21.62
N VAL C 325 -11.20 -30.00 -22.62
CA VAL C 325 -11.20 -31.43 -22.35
C VAL C 325 -9.83 -31.84 -21.83
N TRP C 326 -8.78 -31.38 -22.50
CA TRP C 326 -7.43 -31.72 -22.07
C TRP C 326 -7.15 -31.15 -20.68
N ALA C 327 -7.87 -30.11 -20.30
CA ALA C 327 -7.67 -29.49 -18.99
C ALA C 327 -8.30 -30.34 -17.89
N LYS C 328 -9.46 -30.91 -18.18
CA LYS C 328 -10.13 -31.74 -17.19
C LYS C 328 -9.28 -32.96 -16.92
N ILE C 329 -8.62 -33.47 -17.97
CA ILE C 329 -7.79 -34.65 -17.82
C ILE C 329 -6.48 -34.30 -17.10
N GLN C 330 -5.94 -33.13 -17.38
CA GLN C 330 -4.71 -32.70 -16.74
C GLN C 330 -4.94 -32.45 -15.26
N ALA C 331 -6.19 -32.24 -14.89
CA ALA C 331 -6.55 -32.00 -13.50
C ALA C 331 -6.73 -33.34 -12.79
N LEU C 332 -7.19 -34.35 -13.53
CA LEU C 332 -7.40 -35.67 -12.96
C LEU C 332 -6.07 -36.25 -12.47
N LEU C 333 -4.99 -35.80 -13.10
CA LEU C 333 -3.65 -36.24 -12.75
C LEU C 333 -3.15 -35.49 -11.52
N GLU C 334 -3.46 -34.21 -11.44
CA GLU C 334 -3.03 -33.40 -10.32
C GLU C 334 -4.22 -32.91 -9.50
N LYS D 2 -65.75 -52.52 -50.99
CA LYS D 2 -65.48 -53.60 -50.06
C LYS D 2 -65.41 -54.93 -50.81
N VAL D 3 -64.62 -55.86 -50.30
CA VAL D 3 -64.49 -57.18 -50.92
C VAL D 3 -64.18 -58.22 -49.86
N THR D 4 -64.54 -59.48 -50.12
CA THR D 4 -64.28 -60.56 -49.18
C THR D 4 -62.88 -61.12 -49.47
N PHE D 5 -62.31 -61.80 -48.48
CA PHE D 5 -60.99 -62.37 -48.65
C PHE D 5 -60.99 -63.32 -49.85
N GLU D 6 -61.90 -64.28 -49.83
CA GLU D 6 -62.01 -65.26 -50.91
C GLU D 6 -62.23 -64.58 -52.25
N GLN D 7 -63.01 -63.51 -52.23
CA GLN D 7 -63.29 -62.78 -53.47
C GLN D 7 -62.01 -62.17 -54.01
N LEU D 8 -61.14 -61.73 -53.11
CA LEU D 8 -59.89 -61.11 -53.50
C LEU D 8 -58.92 -62.16 -54.03
N LYS D 9 -58.77 -63.24 -53.27
CA LYS D 9 -57.89 -64.32 -53.67
C LYS D 9 -58.27 -64.88 -55.04
N ALA D 10 -59.57 -64.97 -55.30
CA ALA D 10 -60.05 -65.50 -56.58
C ALA D 10 -59.56 -64.63 -57.73
N ALA D 11 -59.69 -63.31 -57.60
CA ALA D 11 -59.25 -62.40 -58.65
C ALA D 11 -57.76 -62.64 -58.96
N PHE D 12 -56.93 -62.69 -57.92
CA PHE D 12 -55.49 -62.91 -58.09
C PHE D 12 -55.26 -64.26 -58.74
N ASN D 13 -56.03 -65.24 -58.29
CA ASN D 13 -55.91 -66.60 -58.79
C ASN D 13 -56.13 -66.71 -60.30
N ARG D 14 -57.27 -66.20 -60.77
CA ARG D 14 -57.64 -66.23 -62.17
C ARG D 14 -56.56 -65.63 -63.07
N VAL D 15 -55.99 -64.50 -62.63
CA VAL D 15 -54.94 -63.83 -63.38
C VAL D 15 -53.69 -64.70 -63.43
N LEU D 16 -53.22 -65.14 -62.26
CA LEU D 16 -52.04 -65.99 -62.19
C LEU D 16 -52.12 -67.16 -63.13
N ILE D 17 -53.30 -67.78 -63.16
CA ILE D 17 -53.51 -68.94 -64.03
C ILE D 17 -53.43 -68.58 -65.50
N SER D 18 -53.96 -67.41 -65.88
CA SER D 18 -53.96 -66.98 -67.27
C SER D 18 -52.56 -66.58 -67.76
N ARG D 19 -51.58 -66.66 -66.87
CA ARG D 19 -50.21 -66.33 -67.22
C ARG D 19 -49.33 -67.57 -67.19
N GLY D 20 -49.90 -68.72 -66.84
CA GLY D 20 -49.12 -69.93 -66.83
C GLY D 20 -48.66 -70.47 -65.50
N VAL D 21 -49.10 -69.85 -64.42
CA VAL D 21 -48.74 -70.30 -63.09
C VAL D 21 -49.61 -71.52 -62.75
N ASP D 22 -48.99 -72.62 -62.35
CA ASP D 22 -49.73 -73.83 -62.00
C ASP D 22 -50.69 -73.56 -60.83
N SER D 23 -51.82 -74.25 -60.81
CA SER D 23 -52.84 -74.08 -59.78
C SER D 23 -52.29 -73.98 -58.36
N GLU D 24 -51.41 -74.91 -58.00
CA GLU D 24 -50.84 -74.93 -56.67
C GLU D 24 -50.11 -73.62 -56.37
N THR D 25 -49.17 -73.25 -57.22
CA THR D 25 -48.43 -72.02 -57.02
C THR D 25 -49.36 -70.80 -57.04
N ALA D 26 -50.27 -70.76 -58.00
CA ALA D 26 -51.21 -69.65 -58.16
C ALA D 26 -52.04 -69.43 -56.92
N ASP D 27 -52.49 -70.52 -56.31
CA ASP D 27 -53.28 -70.45 -55.11
C ASP D 27 -52.47 -69.88 -53.95
N ALA D 28 -51.30 -70.46 -53.70
CA ALA D 28 -50.44 -70.01 -52.61
C ALA D 28 -50.09 -68.56 -52.82
N CYS D 29 -49.69 -68.23 -54.03
CA CYS D 29 -49.32 -66.85 -54.31
C CYS D 29 -50.50 -65.90 -54.10
N ALA D 30 -51.68 -66.30 -54.57
CA ALA D 30 -52.89 -65.48 -54.42
C ALA D 30 -53.21 -65.35 -52.93
N GLU D 31 -52.94 -66.43 -52.19
CA GLU D 31 -53.17 -66.48 -50.76
C GLU D 31 -52.38 -65.40 -50.04
N PHE D 33 -51.01 -62.58 -51.48
CA PHE D 33 -51.43 -61.26 -51.94
C PHE D 33 -52.69 -60.82 -51.22
N ALA D 34 -53.54 -61.77 -50.86
CA ALA D 34 -54.79 -61.48 -50.17
C ALA D 34 -54.52 -61.24 -48.69
N ARG D 35 -53.69 -62.08 -48.08
CA ARG D 35 -53.33 -61.93 -46.68
C ARG D 35 -52.69 -60.57 -46.41
N THR D 36 -51.82 -60.14 -47.32
CA THR D 36 -51.15 -58.86 -47.17
C THR D 36 -52.14 -57.71 -47.22
N THR D 37 -53.14 -57.84 -48.07
CA THR D 37 -54.16 -56.80 -48.21
C THR D 37 -55.04 -56.78 -46.95
N GLU D 38 -55.24 -57.94 -46.34
CA GLU D 38 -56.06 -58.01 -45.13
C GLU D 38 -55.29 -57.45 -43.93
N SER D 39 -53.96 -57.52 -43.97
CA SER D 39 -53.14 -56.99 -42.89
C SER D 39 -53.11 -55.48 -42.90
N GLY D 40 -53.55 -54.89 -44.00
CA GLY D 40 -53.57 -53.45 -44.07
C GLY D 40 -52.50 -52.87 -44.96
N VAL D 41 -51.67 -53.73 -45.55
CA VAL D 41 -50.62 -53.25 -46.44
C VAL D 41 -51.09 -53.37 -47.88
N TYR D 42 -51.84 -52.37 -48.33
CA TYR D 42 -52.35 -52.38 -49.70
C TYR D 42 -51.30 -52.01 -50.73
N SER D 43 -50.46 -51.03 -50.40
CA SER D 43 -49.39 -50.58 -51.30
C SER D 43 -48.58 -51.73 -51.87
N HIS D 44 -48.38 -52.75 -51.03
CA HIS D 44 -47.61 -53.92 -51.43
C HIS D 44 -48.50 -55.16 -51.42
N GLY D 45 -49.80 -54.92 -51.50
CA GLY D 45 -50.74 -56.02 -51.54
C GLY D 45 -51.46 -56.00 -52.87
N VAL D 46 -52.76 -55.69 -52.84
CA VAL D 46 -53.58 -55.66 -54.04
C VAL D 46 -53.13 -54.60 -55.04
N ASN D 47 -52.54 -53.51 -54.54
CA ASN D 47 -52.08 -52.44 -55.42
C ASN D 47 -50.81 -52.76 -56.19
N ARG D 48 -50.06 -53.76 -55.72
CA ARG D 48 -48.84 -54.12 -56.41
C ARG D 48 -49.04 -55.30 -57.36
N PHE D 49 -50.18 -55.97 -57.26
CA PHE D 49 -50.47 -57.12 -58.12
C PHE D 49 -50.32 -56.79 -59.62
N PRO D 50 -50.85 -55.64 -60.07
CA PRO D 50 -50.75 -55.27 -61.50
C PRO D 50 -49.29 -55.22 -61.96
N ARG D 51 -48.46 -54.51 -61.21
CA ARG D 51 -47.04 -54.39 -61.51
C ARG D 51 -46.41 -55.78 -61.50
N PHE D 52 -46.74 -56.56 -60.47
CA PHE D 52 -46.23 -57.92 -60.33
C PHE D 52 -46.51 -58.75 -61.56
N ILE D 53 -47.73 -58.65 -62.07
CA ILE D 53 -48.13 -59.41 -63.24
C ILE D 53 -47.34 -59.02 -64.48
N GLN D 54 -47.13 -57.72 -64.65
CA GLN D 54 -46.40 -57.22 -65.81
C GLN D 54 -44.99 -57.78 -65.84
N GLN D 55 -44.32 -57.75 -64.69
CA GLN D 55 -42.95 -58.25 -64.60
C GLN D 55 -42.95 -59.74 -64.91
N LEU D 56 -44.04 -60.41 -64.56
CA LEU D 56 -44.15 -61.84 -64.83
C LEU D 56 -44.26 -62.04 -66.33
N GLU D 57 -45.07 -61.22 -66.98
CA GLU D 57 -45.27 -61.29 -68.43
C GLU D 57 -44.00 -60.94 -69.19
N ASN D 58 -43.15 -60.11 -68.58
CA ASN D 58 -41.89 -59.71 -69.20
C ASN D 58 -40.81 -60.77 -68.98
N GLY D 59 -41.16 -61.81 -68.23
CA GLY D 59 -40.22 -62.89 -67.96
C GLY D 59 -39.30 -62.64 -66.78
N ASP D 60 -39.52 -61.57 -66.04
CA ASP D 60 -38.67 -61.28 -64.90
C ASP D 60 -38.85 -62.38 -63.89
N ILE D 61 -40.07 -62.90 -63.81
CA ILE D 61 -40.43 -63.96 -62.88
C ILE D 61 -40.69 -65.28 -63.60
N ILE D 62 -40.24 -66.37 -62.98
CA ILE D 62 -40.44 -67.70 -63.54
C ILE D 62 -41.16 -68.52 -62.48
N PRO D 63 -42.50 -68.56 -62.54
CA PRO D 63 -43.35 -69.28 -61.59
C PRO D 63 -42.91 -70.72 -61.28
N ASP D 64 -42.58 -71.48 -62.33
CA ASP D 64 -42.16 -72.86 -62.15
C ASP D 64 -40.90 -72.95 -61.32
N ALA D 65 -40.05 -71.95 -61.43
CA ALA D 65 -38.79 -71.95 -60.69
C ALA D 65 -39.01 -72.13 -59.20
N GLN D 66 -38.03 -72.73 -58.55
CA GLN D 66 -38.10 -72.97 -57.11
C GLN D 66 -36.74 -72.72 -56.46
N PRO D 67 -36.73 -72.31 -55.18
CA PRO D 67 -35.52 -72.03 -54.39
C PRO D 67 -34.59 -73.23 -54.37
N LYS D 68 -33.29 -72.99 -54.36
CA LYS D 68 -32.30 -74.08 -54.33
C LYS D 68 -31.12 -73.71 -53.43
N ARG D 69 -30.81 -74.55 -52.44
CA ARG D 69 -29.69 -74.26 -51.54
C ARG D 69 -28.35 -74.49 -52.25
N ILE D 70 -27.45 -73.53 -52.11
CA ILE D 70 -26.14 -73.64 -52.75
C ILE D 70 -25.10 -74.17 -51.79
N THR D 71 -25.06 -73.60 -50.58
CA THR D 71 -24.09 -74.04 -49.60
C THR D 71 -24.59 -73.83 -48.18
N SER D 72 -24.06 -74.66 -47.28
CA SER D 72 -24.42 -74.64 -45.87
C SER D 72 -23.18 -74.66 -44.98
N LEU D 73 -23.08 -73.68 -44.09
CA LEU D 73 -21.95 -73.61 -43.16
C LEU D 73 -22.45 -73.89 -41.75
N GLY D 74 -23.68 -74.36 -41.63
CA GLY D 74 -24.25 -74.63 -40.32
C GLY D 74 -25.43 -73.74 -40.02
N ALA D 75 -25.19 -72.60 -39.37
CA ALA D 75 -26.28 -71.67 -39.04
C ALA D 75 -26.60 -70.73 -40.19
N ILE D 76 -25.77 -70.74 -41.23
CA ILE D 76 -26.00 -69.87 -42.37
C ILE D 76 -26.02 -70.69 -43.66
N GLU D 77 -26.95 -70.39 -44.55
CA GLU D 77 -27.08 -71.10 -45.81
C GLU D 77 -27.27 -70.12 -46.97
N GLN D 78 -26.60 -70.39 -48.08
CA GLN D 78 -26.69 -69.57 -49.27
C GLN D 78 -27.68 -70.25 -50.21
N TRP D 79 -28.68 -69.50 -50.66
CA TRP D 79 -29.72 -70.02 -51.55
C TRP D 79 -29.88 -69.24 -52.85
N ASP D 80 -30.29 -69.93 -53.91
CA ASP D 80 -30.53 -69.32 -55.19
C ASP D 80 -32.03 -69.37 -55.45
N ALA D 81 -32.67 -68.21 -55.47
CA ALA D 81 -34.12 -68.12 -55.69
C ALA D 81 -34.48 -68.47 -57.13
N GLN D 82 -33.48 -68.47 -58.01
CA GLN D 82 -33.67 -68.79 -59.42
C GLN D 82 -34.77 -68.00 -60.12
N ARG D 83 -34.90 -66.73 -59.75
CA ARG D 83 -35.90 -65.83 -60.34
C ARG D 83 -37.34 -66.30 -60.12
N SER D 84 -37.57 -66.94 -58.97
CA SER D 84 -38.91 -67.41 -58.65
C SER D 84 -39.73 -66.29 -58.03
N ILE D 85 -41.01 -66.56 -57.82
CA ILE D 85 -41.94 -65.60 -57.24
C ILE D 85 -41.36 -65.11 -55.92
N GLY D 86 -41.24 -63.79 -55.79
CA GLY D 86 -40.66 -63.18 -54.60
C GLY D 86 -41.28 -63.43 -53.24
N ASN D 87 -42.60 -63.25 -53.10
CA ASN D 87 -43.23 -63.44 -51.80
C ASN D 87 -43.26 -64.89 -51.36
N LEU D 88 -43.51 -65.77 -52.31
CA LEU D 88 -43.59 -67.20 -52.05
C LEU D 88 -42.24 -67.74 -51.61
N THR D 89 -41.18 -67.33 -52.30
CA THR D 89 -39.85 -67.79 -51.95
C THR D 89 -39.36 -67.17 -50.66
N ALA D 90 -39.68 -65.90 -50.46
CA ALA D 90 -39.27 -65.18 -49.25
C ALA D 90 -39.85 -65.86 -48.02
N LYS D 91 -41.12 -66.25 -48.09
CA LYS D 91 -41.76 -66.92 -46.97
C LYS D 91 -41.04 -68.22 -46.64
N LYS D 92 -40.70 -68.98 -47.68
CA LYS D 92 -40.02 -70.25 -47.50
C LYS D 92 -38.59 -70.08 -47.00
N ASP D 95 -38.68 -69.31 -43.34
CA ASP D 95 -39.03 -70.54 -42.63
C ASP D 95 -37.76 -71.37 -42.48
N ARG D 96 -36.91 -71.36 -43.49
CA ARG D 96 -35.65 -72.11 -43.43
C ARG D 96 -34.75 -71.51 -42.38
N ALA D 97 -34.79 -70.18 -42.25
CA ALA D 97 -33.99 -69.49 -41.25
C ALA D 97 -34.41 -69.91 -39.85
N ILE D 98 -35.72 -70.02 -39.64
CA ILE D 98 -36.27 -70.44 -38.36
C ILE D 98 -35.77 -71.83 -38.00
N GLU D 99 -35.82 -72.71 -38.99
CA GLU D 99 -35.36 -74.08 -38.82
C GLU D 99 -33.92 -74.10 -38.35
N LEU D 100 -33.11 -73.23 -38.94
CA LEU D 100 -31.70 -73.12 -38.57
C LEU D 100 -31.57 -72.61 -37.14
N ALA D 101 -32.33 -71.56 -36.82
CA ALA D 101 -32.30 -70.98 -35.49
C ALA D 101 -32.70 -71.97 -34.41
N ALA D 102 -33.52 -72.95 -34.79
CA ALA D 102 -33.97 -73.96 -33.84
C ALA D 102 -32.84 -74.87 -33.40
N ASP D 103 -31.84 -75.08 -34.26
CA ASP D 103 -30.74 -75.96 -33.88
C ASP D 103 -29.41 -75.25 -33.68
N HIS D 104 -29.39 -73.93 -33.89
CA HIS D 104 -28.17 -73.17 -33.75
C HIS D 104 -28.37 -71.88 -32.94
N GLY D 105 -29.62 -71.59 -32.61
CA GLY D 105 -29.93 -70.39 -31.85
C GLY D 105 -30.19 -69.20 -32.76
N ILE D 106 -29.49 -69.17 -33.89
CA ILE D 106 -29.65 -68.09 -34.85
C ILE D 106 -29.46 -68.67 -36.25
N GLY D 107 -30.37 -68.30 -37.15
CA GLY D 107 -30.30 -68.79 -38.51
C GLY D 107 -30.29 -67.64 -39.50
N LEU D 108 -29.49 -67.80 -40.55
CA LEU D 108 -29.41 -66.76 -41.57
C LEU D 108 -29.43 -67.37 -42.95
N VAL D 109 -30.30 -66.83 -43.81
CA VAL D 109 -30.43 -67.29 -45.17
C VAL D 109 -30.18 -66.13 -46.12
N ALA D 110 -29.22 -66.34 -47.02
CA ALA D 110 -28.84 -65.35 -48.04
C ALA D 110 -29.43 -65.87 -49.35
N LEU D 111 -30.15 -65.00 -50.06
CA LEU D 111 -30.82 -65.41 -51.29
C LEU D 111 -30.49 -64.55 -52.49
N ARG D 112 -29.93 -65.16 -53.53
CA ARG D 112 -29.59 -64.41 -54.74
C ARG D 112 -30.58 -64.72 -55.85
N ASN D 113 -30.54 -63.91 -56.90
CA ASN D 113 -31.41 -64.08 -58.04
C ASN D 113 -32.88 -64.13 -57.63
N ALA D 114 -33.23 -63.38 -56.59
CA ALA D 114 -34.60 -63.35 -56.10
C ALA D 114 -35.43 -62.23 -56.74
N ASN D 115 -36.74 -62.28 -56.55
CA ASN D 115 -37.64 -61.27 -57.07
C ASN D 115 -38.24 -60.52 -55.89
N HIS D 116 -38.83 -59.36 -56.17
CA HIS D 116 -39.45 -58.49 -55.17
C HIS D 116 -40.30 -59.29 -54.20
N TRP D 117 -39.97 -59.20 -52.91
CA TRP D 117 -40.72 -59.94 -51.90
C TRP D 117 -42.03 -59.25 -51.45
N ARG D 119 -44.21 -57.22 -49.39
CA ARG D 119 -44.13 -56.71 -48.01
C ARG D 119 -43.09 -57.45 -47.15
N GLY D 120 -41.95 -56.81 -46.88
CA GLY D 120 -40.93 -57.45 -46.07
C GLY D 120 -41.40 -57.71 -44.66
N GLY D 121 -42.35 -56.91 -44.20
CA GLY D 121 -42.88 -57.08 -42.86
C GLY D 121 -43.50 -58.45 -42.65
N SER D 122 -44.08 -59.02 -43.70
CA SER D 122 -44.70 -60.34 -43.60
C SER D 122 -43.74 -61.33 -42.93
N TYR D 123 -42.56 -61.46 -43.51
CA TYR D 123 -41.54 -62.40 -43.04
C TYR D 123 -41.06 -62.08 -41.63
N GLY D 124 -41.00 -60.81 -41.27
CA GLY D 124 -40.58 -60.44 -39.94
C GLY D 124 -41.68 -60.88 -39.00
N TRP D 125 -42.92 -60.66 -39.43
CA TRP D 125 -44.09 -61.03 -38.64
C TRP D 125 -44.24 -62.55 -38.46
N GLN D 126 -44.11 -63.30 -39.55
CA GLN D 126 -44.25 -64.76 -39.46
C GLN D 126 -43.23 -65.34 -38.48
N ALA D 127 -42.08 -64.71 -38.35
CA ALA D 127 -41.06 -65.19 -37.42
C ALA D 127 -41.51 -64.95 -35.98
N ALA D 128 -41.93 -63.72 -35.70
CA ALA D 128 -42.38 -63.35 -34.37
C ALA D 128 -43.59 -64.18 -33.95
N GLU D 129 -44.37 -64.63 -34.92
CA GLU D 129 -45.54 -65.45 -34.63
C GLU D 129 -45.15 -66.79 -34.05
N LYS D 130 -43.96 -67.27 -34.39
CA LYS D 130 -43.50 -68.55 -33.87
C LYS D 130 -42.54 -68.40 -32.70
N GLY D 131 -42.51 -67.21 -32.11
CA GLY D 131 -41.67 -66.97 -30.96
C GLY D 131 -40.23 -66.61 -31.25
N TYR D 132 -39.90 -66.45 -32.52
CA TYR D 132 -38.53 -66.11 -32.88
C TYR D 132 -38.41 -64.61 -33.16
N ILE D 133 -37.19 -64.11 -33.08
CA ILE D 133 -36.90 -62.72 -33.39
C ILE D 133 -36.69 -62.75 -34.90
N GLY D 134 -37.35 -61.87 -35.62
CA GLY D 134 -37.22 -61.85 -37.06
C GLY D 134 -36.53 -60.61 -37.59
N ILE D 135 -35.60 -60.80 -38.51
CA ILE D 135 -34.88 -59.69 -39.11
C ILE D 135 -34.57 -60.00 -40.56
N CYS D 136 -35.01 -59.13 -41.46
CA CYS D 136 -34.77 -59.33 -42.88
C CYS D 136 -34.69 -58.01 -43.64
N TRP D 137 -34.08 -58.08 -44.81
CA TRP D 137 -33.96 -56.91 -45.67
C TRP D 137 -33.59 -57.39 -47.07
N THR D 138 -33.69 -56.50 -48.03
CA THR D 138 -33.38 -56.84 -49.42
C THR D 138 -32.89 -55.59 -50.09
N ASN D 139 -32.30 -55.72 -51.29
CA ASN D 139 -31.86 -54.55 -52.03
C ASN D 139 -32.86 -54.32 -53.13
N SER D 140 -32.61 -53.30 -53.96
CA SER D 140 -33.50 -52.97 -55.06
C SER D 140 -32.77 -52.11 -56.06
N ILE D 141 -33.41 -51.78 -57.16
CA ILE D 141 -32.78 -50.94 -58.16
C ILE D 141 -32.52 -49.57 -57.56
N ALA D 142 -31.61 -48.82 -58.17
CA ALA D 142 -31.30 -47.49 -57.68
C ALA D 142 -32.52 -46.59 -57.84
N VAL D 143 -33.04 -46.07 -56.74
CA VAL D 143 -34.19 -45.18 -56.78
C VAL D 143 -33.94 -44.02 -55.85
N PRO D 145 -30.74 -41.14 -54.34
CA PRO D 145 -29.36 -40.64 -54.41
C PRO D 145 -28.62 -40.72 -53.08
N PRO D 146 -27.41 -41.29 -53.10
CA PRO D 146 -26.65 -41.39 -51.85
C PRO D 146 -26.38 -40.00 -51.31
N TRP D 147 -26.17 -39.88 -50.00
CA TRP D 147 -25.92 -38.58 -49.40
C TRP D 147 -24.68 -37.93 -50.02
N GLY D 148 -24.85 -36.72 -50.54
CA GLY D 148 -23.76 -35.99 -51.16
C GLY D 148 -23.95 -35.96 -52.67
N ALA D 149 -24.93 -36.71 -53.13
CA ALA D 149 -25.22 -36.81 -54.56
C ALA D 149 -26.61 -36.30 -54.90
N LYS D 150 -26.85 -36.11 -56.19
CA LYS D 150 -28.15 -35.63 -56.66
C LYS D 150 -28.63 -36.54 -57.79
N GLU D 151 -28.14 -37.77 -57.80
CA GLU D 151 -28.50 -38.76 -58.82
C GLU D 151 -28.69 -40.09 -58.08
N CYS D 152 -29.68 -40.88 -58.48
CA CYS D 152 -29.95 -42.14 -57.79
C CYS D 152 -28.90 -43.22 -58.01
N ARG D 153 -28.29 -43.68 -56.92
CA ARG D 153 -27.27 -44.72 -57.03
C ARG D 153 -27.42 -45.80 -55.98
N ILE D 154 -28.34 -45.59 -55.04
CA ILE D 154 -28.59 -46.55 -53.97
C ILE D 154 -30.06 -46.90 -53.86
N GLY D 155 -30.33 -48.04 -53.23
CA GLY D 155 -31.71 -48.48 -53.09
C GLY D 155 -32.35 -48.06 -51.78
N THR D 156 -33.64 -48.38 -51.63
CA THR D 156 -34.37 -48.06 -50.42
C THR D 156 -34.29 -49.21 -49.44
N ASN D 157 -33.65 -50.30 -49.86
CA ASN D 157 -33.42 -51.51 -49.06
C ASN D 157 -34.07 -51.50 -47.67
N PRO D 158 -35.37 -51.83 -47.59
CA PRO D 158 -36.09 -51.84 -46.31
C PRO D 158 -35.56 -52.84 -45.30
N LEU D 159 -35.46 -52.41 -44.05
CA LEU D 159 -34.96 -53.26 -42.98
C LEU D 159 -36.12 -53.60 -42.05
N ILE D 160 -36.31 -54.89 -41.78
CA ILE D 160 -37.41 -55.30 -40.91
C ILE D 160 -36.86 -55.95 -39.66
N VAL D 161 -37.39 -55.54 -38.51
CA VAL D 161 -37.00 -56.12 -37.23
C VAL D 161 -38.30 -56.36 -36.48
N ALA D 162 -38.62 -57.64 -36.23
CA ALA D 162 -39.85 -57.99 -35.52
C ALA D 162 -39.52 -58.75 -34.23
N ILE D 163 -40.21 -58.39 -33.14
CA ILE D 163 -40.01 -59.00 -31.83
C ILE D 163 -41.24 -59.84 -31.44
N PRO D 164 -41.02 -61.02 -30.86
CA PRO D 164 -42.13 -61.90 -30.45
C PRO D 164 -42.82 -61.41 -29.18
N SER D 165 -43.21 -60.14 -29.19
CA SER D 165 -43.88 -59.54 -28.05
C SER D 165 -45.39 -59.59 -28.21
N THR D 166 -46.10 -59.30 -27.12
CA THR D 166 -47.56 -59.30 -27.14
C THR D 166 -48.06 -57.86 -26.92
N PRO D 167 -48.52 -57.19 -27.98
CA PRO D 167 -48.60 -57.71 -29.35
C PRO D 167 -47.22 -57.63 -30.03
N ILE D 168 -47.11 -58.18 -31.23
CA ILE D 168 -45.84 -58.16 -31.95
C ILE D 168 -45.35 -56.73 -32.17
N THR D 169 -44.09 -56.49 -31.80
CA THR D 169 -43.46 -55.18 -31.98
C THR D 169 -42.55 -55.34 -33.18
N VAL D 171 -40.77 -53.26 -36.94
CA VAL D 171 -40.52 -52.08 -37.77
C VAL D 171 -40.25 -52.58 -39.20
N ASP D 172 -40.75 -51.86 -40.20
CA ASP D 172 -40.54 -52.23 -41.59
C ASP D 172 -40.30 -50.86 -42.25
N SER D 174 -38.16 -48.16 -44.89
CA SER D 174 -37.34 -47.98 -46.08
C SER D 174 -36.23 -47.04 -45.69
N SER D 176 -35.35 -44.70 -47.22
CA SER D 176 -35.77 -43.34 -47.59
C SER D 176 -36.80 -42.92 -46.54
N PHE D 178 -39.53 -41.15 -46.74
CA PHE D 178 -40.87 -41.47 -47.21
C PHE D 178 -40.68 -42.33 -48.46
N SER D 179 -41.52 -43.34 -48.63
CA SER D 179 -41.42 -44.17 -49.83
C SER D 179 -42.10 -43.39 -50.94
N TYR D 180 -41.73 -43.63 -52.19
CA TYR D 180 -42.36 -42.92 -53.29
C TYR D 180 -43.88 -43.09 -53.24
N GLY D 181 -44.33 -44.25 -52.75
CA GLY D 181 -45.76 -44.51 -52.66
C GLY D 181 -46.46 -43.55 -51.70
N LEU D 183 -45.38 -40.59 -51.09
CA LEU D 183 -45.28 -39.26 -51.67
C LEU D 183 -46.52 -39.06 -52.55
N GLU D 184 -46.87 -40.08 -53.33
CA GLU D 184 -48.06 -39.96 -54.18
C GLU D 184 -49.28 -39.73 -53.31
N VAL D 185 -49.42 -40.52 -52.26
CA VAL D 185 -50.55 -40.40 -51.36
C VAL D 185 -50.75 -38.96 -50.94
N ASN D 186 -49.71 -38.35 -50.39
CA ASN D 186 -49.81 -36.95 -49.95
C ASN D 186 -50.07 -36.03 -51.13
N ARG D 187 -49.39 -36.26 -52.26
CA ARG D 187 -49.58 -35.41 -53.43
C ARG D 187 -51.05 -35.37 -53.82
N LEU D 188 -51.69 -36.54 -53.88
CA LEU D 188 -53.11 -36.61 -54.23
C LEU D 188 -53.96 -35.94 -53.16
N ALA D 189 -53.62 -36.18 -51.91
CA ALA D 189 -54.34 -35.59 -50.80
C ALA D 189 -54.08 -34.09 -50.76
N GLY D 190 -53.22 -33.63 -51.66
CA GLY D 190 -52.89 -32.22 -51.74
C GLY D 190 -52.31 -31.63 -50.46
N ARG D 191 -51.54 -32.44 -49.73
CA ARG D 191 -50.94 -31.97 -48.48
C ARG D 191 -49.42 -32.10 -48.51
N GLN D 192 -48.76 -31.33 -47.64
CA GLN D 192 -47.30 -31.33 -47.55
C GLN D 192 -46.82 -32.40 -46.59
N LEU D 193 -45.64 -32.96 -46.84
CA LEU D 193 -45.08 -33.98 -45.98
C LEU D 193 -44.84 -33.38 -44.59
N PRO D 194 -45.00 -34.17 -43.53
CA PRO D 194 -44.81 -33.70 -42.14
C PRO D 194 -43.36 -33.34 -41.81
N VAL D 195 -42.43 -33.88 -42.59
CA VAL D 195 -41.00 -33.61 -42.40
C VAL D 195 -40.33 -33.63 -43.77
N ASP D 196 -39.21 -32.91 -43.91
CA ASP D 196 -38.49 -32.85 -45.17
C ASP D 196 -38.37 -34.25 -45.80
N GLY D 197 -38.81 -34.38 -47.05
CA GLY D 197 -38.76 -35.67 -47.71
C GLY D 197 -37.84 -35.76 -48.92
N GLY D 198 -37.27 -34.64 -49.33
CA GLY D 198 -36.38 -34.64 -50.47
C GLY D 198 -35.93 -33.23 -50.85
N PHE D 199 -35.34 -33.10 -52.04
CA PHE D 199 -34.87 -31.80 -52.53
C PHE D 199 -35.70 -31.36 -53.72
N ASP D 200 -35.93 -30.05 -53.85
CA ASP D 200 -36.70 -29.49 -54.95
C ASP D 200 -35.77 -29.27 -56.15
N ASP D 201 -36.31 -28.67 -57.21
CA ASP D 201 -35.51 -28.41 -58.41
C ASP D 201 -34.39 -27.40 -58.20
N GLU D 202 -34.44 -26.66 -57.09
CA GLU D 202 -33.41 -25.67 -56.78
C GLU D 202 -32.27 -26.28 -55.95
N GLY D 203 -32.53 -27.45 -55.37
CA GLY D 203 -31.50 -28.11 -54.56
C GLY D 203 -31.67 -27.99 -53.06
N ASN D 204 -32.74 -27.34 -52.61
CA ASN D 204 -32.99 -27.15 -51.19
C ASN D 204 -34.05 -28.12 -50.66
N LEU D 205 -33.93 -28.48 -49.38
CA LEU D 205 -34.89 -29.37 -48.75
C LEU D 205 -36.30 -28.85 -48.93
N THR D 206 -37.26 -29.77 -49.07
CA THR D 206 -38.63 -29.37 -49.27
C THR D 206 -39.61 -30.44 -48.81
N LYS D 207 -40.83 -30.01 -48.48
CA LYS D 207 -41.88 -30.92 -48.03
C LYS D 207 -42.91 -31.18 -49.13
N GLU D 208 -42.66 -30.60 -50.31
CA GLU D 208 -43.55 -30.72 -51.47
C GLU D 208 -43.38 -32.07 -52.17
N PRO D 209 -44.35 -32.97 -52.03
CA PRO D 209 -44.34 -34.30 -52.64
C PRO D 209 -44.02 -34.35 -54.13
N GLY D 210 -44.89 -33.71 -54.92
CA GLY D 210 -44.74 -33.69 -56.36
C GLY D 210 -43.34 -33.49 -56.90
N VAL D 211 -42.71 -32.40 -56.49
CA VAL D 211 -41.37 -32.05 -56.93
C VAL D 211 -40.40 -33.21 -56.75
N ILE D 212 -40.43 -33.81 -55.57
CA ILE D 212 -39.55 -34.94 -55.26
C ILE D 212 -39.83 -36.13 -56.17
N GLU D 213 -41.10 -36.42 -56.38
CA GLU D 213 -41.47 -37.54 -57.24
C GLU D 213 -40.95 -37.32 -58.66
N LYS D 214 -40.89 -36.06 -59.07
CA LYS D 214 -40.45 -35.70 -60.41
C LYS D 214 -38.93 -35.74 -60.58
N ASN D 215 -38.19 -35.14 -59.65
CA ASN D 215 -36.74 -35.15 -59.78
C ASN D 215 -36.08 -36.39 -59.21
N ARG D 216 -36.85 -37.21 -58.50
CA ARG D 216 -36.33 -38.45 -57.91
C ARG D 216 -35.31 -38.21 -56.80
N ARG D 217 -35.13 -36.96 -56.40
CA ARG D 217 -34.18 -36.66 -55.33
C ARG D 217 -34.85 -36.89 -53.98
N ILE D 218 -35.28 -38.13 -53.75
CA ILE D 218 -35.94 -38.51 -52.51
C ILE D 218 -34.94 -38.47 -51.35
N LEU D 219 -35.34 -37.91 -50.22
CA LEU D 219 -34.44 -37.79 -49.08
C LEU D 219 -34.30 -39.05 -48.22
N PRO D 220 -33.06 -39.46 -47.92
CA PRO D 220 -32.88 -40.66 -47.09
C PRO D 220 -33.30 -40.43 -45.65
N GLY D 222 -32.95 -39.96 -42.01
CA GLY D 222 -31.84 -39.53 -41.19
C GLY D 222 -30.67 -39.01 -42.02
N TYR D 223 -30.96 -38.57 -43.23
CA TYR D 223 -29.93 -38.00 -44.10
C TYR D 223 -28.79 -38.94 -44.47
N TRP D 224 -27.62 -38.72 -43.87
CA TRP D 224 -26.46 -39.54 -44.14
C TRP D 224 -26.52 -40.91 -43.46
N LYS D 225 -27.42 -41.06 -42.49
CA LYS D 225 -27.51 -42.34 -41.81
C LYS D 225 -28.25 -43.37 -42.65
N GLY D 226 -29.41 -42.99 -43.16
CA GLY D 226 -30.18 -43.91 -43.97
C GLY D 226 -29.40 -44.24 -45.22
N SER D 227 -28.70 -43.25 -45.74
CA SER D 227 -27.89 -43.41 -46.95
C SER D 227 -26.86 -44.50 -46.72
N GLY D 228 -26.12 -44.35 -45.62
CA GLY D 228 -25.09 -45.31 -45.27
C GLY D 228 -25.62 -46.69 -44.95
N SER D 230 -28.37 -48.11 -46.10
CA SER D 230 -28.77 -48.71 -47.38
C SER D 230 -27.57 -49.38 -48.03
N ILE D 231 -26.47 -48.65 -48.05
CA ILE D 231 -25.22 -49.12 -48.65
C ILE D 231 -24.67 -50.39 -47.99
N VAL D 232 -24.57 -50.40 -46.66
CA VAL D 232 -24.05 -51.58 -45.98
C VAL D 232 -25.01 -52.77 -46.10
N LEU D 233 -26.30 -52.50 -46.01
CA LEU D 233 -27.29 -53.56 -46.15
C LEU D 233 -27.11 -54.22 -47.51
N ASP D 234 -26.86 -53.40 -48.53
CA ASP D 234 -26.64 -53.88 -49.90
C ASP D 234 -25.37 -54.73 -50.00
N ILE D 236 -23.88 -56.44 -47.66
CA ILE D 236 -24.11 -57.70 -46.94
C ILE D 236 -24.95 -58.66 -47.77
N ALA D 237 -26.09 -58.16 -48.25
CA ALA D 237 -26.99 -58.97 -49.06
C ALA D 237 -26.27 -59.57 -50.26
N THR D 238 -25.39 -58.76 -50.83
CA THR D 238 -24.60 -59.16 -52.00
C THR D 238 -23.55 -60.20 -51.67
N LEU D 239 -22.76 -59.92 -50.64
CA LEU D 239 -21.70 -60.84 -50.25
C LEU D 239 -22.18 -62.21 -49.80
N LEU D 240 -23.05 -62.23 -48.79
CA LEU D 240 -23.57 -63.48 -48.25
C LEU D 240 -24.26 -64.38 -49.29
N SER D 241 -24.97 -63.77 -50.23
CA SER D 241 -25.65 -64.54 -51.26
C SER D 241 -24.81 -64.65 -52.53
N ASP D 242 -23.66 -63.98 -52.56
CA ASP D 242 -22.80 -63.97 -53.75
C ASP D 242 -23.75 -63.65 -54.90
N GLY D 243 -24.57 -62.63 -54.69
CA GLY D 243 -25.53 -62.25 -55.71
C GLY D 243 -25.30 -60.88 -56.32
N ALA D 244 -26.37 -60.29 -56.84
CA ALA D 244 -26.27 -58.98 -57.46
C ALA D 244 -26.58 -57.84 -56.49
N SER D 245 -25.78 -56.78 -56.60
CA SER D 245 -25.93 -55.60 -55.78
C SER D 245 -26.87 -54.65 -56.48
N VAL D 246 -27.14 -53.51 -55.87
CA VAL D 246 -28.00 -52.51 -56.48
C VAL D 246 -27.44 -52.13 -57.86
N ALA D 247 -26.16 -51.77 -57.91
CA ALA D 247 -25.55 -51.39 -59.16
C ALA D 247 -25.74 -52.44 -60.25
N GLU D 248 -25.50 -53.71 -59.90
CA GLU D 248 -25.65 -54.80 -60.86
C GLU D 248 -27.07 -54.92 -61.41
N VAL D 249 -28.05 -54.95 -60.51
CA VAL D 249 -29.42 -55.10 -60.93
C VAL D 249 -29.88 -53.92 -61.78
N THR D 250 -29.43 -52.72 -61.40
CA THR D 250 -29.84 -51.53 -62.14
C THR D 250 -29.18 -51.39 -63.50
N GLN D 251 -27.95 -51.88 -63.64
CA GLN D 251 -27.22 -51.75 -64.92
C GLN D 251 -27.21 -52.99 -65.81
N ASP D 252 -27.23 -54.17 -65.20
CA ASP D 252 -27.19 -55.41 -65.97
C ASP D 252 -28.57 -56.00 -66.30
N ASN D 253 -29.58 -55.69 -65.50
CA ASN D 253 -30.92 -56.23 -65.73
C ASN D 253 -31.85 -55.23 -66.41
N SER D 254 -32.87 -55.73 -67.11
CA SER D 254 -33.80 -54.86 -67.82
C SER D 254 -34.87 -54.27 -66.91
N ASP D 255 -34.96 -54.79 -65.69
CA ASP D 255 -35.94 -54.31 -64.72
C ASP D 255 -35.56 -54.84 -63.35
N GLU D 256 -36.34 -54.49 -62.34
CA GLU D 256 -36.05 -54.92 -60.98
C GLU D 256 -36.28 -56.40 -60.73
N TYR D 257 -35.25 -57.21 -60.93
CA TYR D 257 -35.34 -58.65 -60.70
C TYR D 257 -33.94 -59.19 -60.46
N GLY D 258 -33.87 -60.35 -59.82
CA GLY D 258 -32.57 -60.94 -59.53
C GLY D 258 -31.90 -60.21 -58.38
N ILE D 259 -32.70 -59.70 -57.44
CA ILE D 259 -32.15 -58.98 -56.30
C ILE D 259 -31.70 -59.92 -55.18
N SER D 260 -31.06 -59.35 -54.16
CA SER D 260 -30.58 -60.14 -53.03
C SER D 260 -31.33 -59.82 -51.74
N GLN D 261 -31.59 -60.84 -50.93
CA GLN D 261 -32.34 -60.67 -49.70
C GLN D 261 -31.72 -61.45 -48.55
N ILE D 262 -31.85 -60.92 -47.33
CA ILE D 262 -31.33 -61.56 -46.14
C ILE D 262 -32.48 -61.89 -45.19
N PHE D 263 -32.46 -63.11 -44.65
CA PHE D 263 -33.47 -63.59 -43.72
C PHE D 263 -32.81 -64.14 -42.47
N ILE D 264 -33.10 -63.54 -41.32
CA ILE D 264 -32.51 -63.97 -40.06
C ILE D 264 -33.54 -64.28 -39.00
N ALA D 265 -33.30 -65.33 -38.22
CA ALA D 265 -34.21 -65.70 -37.15
C ALA D 265 -33.35 -66.01 -35.93
N ILE D 266 -33.81 -65.57 -34.76
CA ILE D 266 -33.08 -65.82 -33.52
C ILE D 266 -34.03 -66.39 -32.49
N GLU D 267 -33.61 -67.50 -31.86
CA GLU D 267 -34.39 -68.18 -30.84
C GLU D 267 -34.36 -67.38 -29.54
N VAL D 268 -35.52 -67.22 -28.90
CA VAL D 268 -35.62 -66.47 -27.67
C VAL D 268 -35.83 -67.33 -26.41
N ASP D 269 -36.91 -68.11 -26.42
CA ASP D 269 -37.27 -68.93 -25.26
C ASP D 269 -36.20 -69.80 -24.62
N LYS D 270 -35.07 -70.01 -25.30
CA LYS D 270 -34.00 -70.83 -24.70
C LYS D 270 -32.98 -69.96 -23.99
N LEU D 271 -33.05 -68.65 -24.23
CA LEU D 271 -32.10 -67.74 -23.61
C LEU D 271 -32.73 -67.02 -22.43
N ILE D 272 -34.05 -66.90 -22.46
CA ILE D 272 -34.78 -66.21 -21.40
C ILE D 272 -36.08 -66.95 -21.06
N ASP D 273 -36.39 -67.00 -19.78
CA ASP D 273 -37.57 -67.66 -19.28
C ASP D 273 -38.87 -67.05 -19.84
N GLY D 274 -39.91 -67.88 -20.02
CA GLY D 274 -41.17 -67.39 -20.54
C GLY D 274 -41.76 -66.21 -19.78
N PRO D 275 -42.05 -66.37 -18.49
CA PRO D 275 -42.62 -65.28 -17.68
C PRO D 275 -41.70 -64.06 -17.63
N THR D 276 -40.40 -64.31 -17.58
CA THR D 276 -39.41 -63.24 -17.53
C THR D 276 -39.45 -62.45 -18.84
N ARG D 277 -39.57 -63.18 -19.93
CA ARG D 277 -39.64 -62.60 -21.26
C ARG D 277 -40.83 -61.64 -21.31
N ASP D 278 -42.00 -62.13 -20.89
CA ASP D 278 -43.22 -61.35 -20.88
C ASP D 278 -43.11 -60.13 -19.98
N ALA D 279 -42.53 -60.32 -18.80
CA ALA D 279 -42.38 -59.24 -17.84
C ALA D 279 -41.43 -58.16 -18.34
N LYS D 280 -40.22 -58.55 -18.72
CA LYS D 280 -39.25 -57.56 -19.19
C LYS D 280 -39.73 -56.80 -20.42
N LEU D 281 -40.45 -57.49 -21.29
CA LEU D 281 -41.00 -56.90 -22.52
C LEU D 281 -42.19 -55.99 -22.21
N GLN D 282 -42.92 -56.30 -21.15
CA GLN D 282 -44.07 -55.48 -20.76
C GLN D 282 -43.56 -54.18 -20.14
N ARG D 283 -42.45 -54.27 -19.42
CA ARG D 283 -41.87 -53.11 -18.75
C ARG D 283 -41.34 -52.12 -19.78
N ILE D 284 -40.72 -52.64 -20.84
CA ILE D 284 -40.20 -51.77 -21.89
C ILE D 284 -41.35 -51.01 -22.54
N ASP D 286 -44.45 -50.39 -21.41
CA ASP D 286 -45.13 -49.45 -20.52
C ASP D 286 -44.29 -48.21 -20.25
N TYR D 287 -42.97 -48.38 -20.21
CA TYR D 287 -42.07 -47.25 -19.97
C TYR D 287 -42.21 -46.28 -21.15
N VAL D 288 -42.61 -46.79 -22.30
CA VAL D 288 -42.79 -45.97 -23.49
C VAL D 288 -44.13 -45.25 -23.47
N THR D 289 -45.21 -46.04 -23.41
CA THR D 289 -46.57 -45.51 -23.40
C THR D 289 -46.89 -44.60 -22.24
N SER D 290 -46.18 -44.74 -21.12
CA SER D 290 -46.45 -43.89 -19.96
C SER D 290 -45.58 -42.65 -19.95
N ALA D 291 -44.90 -42.38 -21.07
CA ALA D 291 -44.04 -41.20 -21.16
C ALA D 291 -44.85 -39.92 -21.31
N GLU D 292 -44.34 -38.82 -20.75
CA GLU D 292 -45.06 -37.56 -20.86
C GLU D 292 -45.20 -37.20 -22.34
N ARG D 293 -46.44 -36.96 -22.74
CA ARG D 293 -46.76 -36.65 -24.13
C ARG D 293 -46.53 -35.20 -24.54
N ALA D 294 -46.24 -35.00 -25.82
CA ALA D 294 -46.05 -33.65 -26.31
C ALA D 294 -47.47 -33.08 -26.39
N ASP D 295 -48.41 -33.95 -26.76
CA ASP D 295 -49.83 -33.60 -26.87
C ASP D 295 -50.57 -34.57 -25.96
N GLU D 296 -51.18 -34.02 -24.91
CA GLU D 296 -51.91 -34.83 -23.94
C GLU D 296 -52.91 -35.83 -24.53
N ASN D 297 -53.49 -35.51 -25.68
CA ASN D 297 -54.45 -36.42 -26.29
C ASN D 297 -53.86 -37.33 -27.34
N GLN D 298 -52.54 -37.26 -27.51
CA GLN D 298 -51.83 -38.08 -28.49
C GLN D 298 -51.05 -39.18 -27.77
N ALA D 299 -51.64 -40.37 -27.67
CA ALA D 299 -50.98 -41.48 -27.01
C ALA D 299 -49.67 -41.82 -27.71
N ILE D 300 -48.72 -42.32 -26.94
CA ILE D 300 -47.41 -42.68 -27.48
C ILE D 300 -47.55 -44.03 -28.19
N ARG D 301 -47.26 -44.05 -29.49
CA ARG D 301 -47.37 -45.27 -30.27
C ARG D 301 -46.12 -46.14 -30.29
N LEU D 302 -46.32 -47.44 -30.41
CA LEU D 302 -45.22 -48.40 -30.48
C LEU D 302 -45.14 -48.88 -31.92
N PRO D 303 -43.93 -49.20 -32.40
CA PRO D 303 -43.74 -49.66 -33.77
C PRO D 303 -44.39 -51.00 -34.13
N GLY D 304 -45.25 -50.97 -35.14
CA GLY D 304 -45.92 -52.17 -35.60
C GLY D 304 -47.21 -52.56 -34.89
N HIS D 305 -47.45 -51.93 -33.74
CA HIS D 305 -48.65 -52.23 -32.98
C HIS D 305 -49.92 -51.90 -33.72
N GLU D 306 -49.81 -51.10 -34.77
CA GLU D 306 -50.99 -50.73 -35.55
C GLU D 306 -51.42 -51.83 -36.50
N PHE D 307 -50.51 -52.77 -36.79
CA PHE D 307 -50.81 -53.88 -37.68
C PHE D 307 -51.80 -54.84 -37.06
N THR D 308 -51.76 -54.94 -35.73
CA THR D 308 -52.69 -55.82 -35.00
C THR D 308 -54.09 -55.24 -35.09
N THR D 309 -54.19 -53.93 -34.97
CA THR D 309 -55.48 -53.24 -35.04
C THR D 309 -56.07 -53.29 -36.44
N LEU D 310 -55.26 -52.94 -37.42
CA LEU D 310 -55.72 -52.96 -38.82
C LEU D 310 -56.20 -54.34 -39.23
N LEU D 311 -55.45 -55.37 -38.87
CA LEU D 311 -55.83 -56.75 -39.22
C LEU D 311 -57.18 -57.12 -38.61
N ALA D 312 -57.36 -56.82 -37.33
CA ALA D 312 -58.62 -57.12 -36.65
C ALA D 312 -59.77 -56.44 -37.39
N GLU D 313 -59.65 -55.13 -37.59
CA GLU D 313 -60.68 -54.35 -38.26
C GLU D 313 -61.12 -54.98 -39.59
N ASN D 314 -60.17 -55.18 -40.48
CA ASN D 314 -60.47 -55.76 -41.78
C ASN D 314 -61.16 -57.12 -41.69
N ARG D 315 -61.06 -57.75 -40.53
CA ARG D 315 -61.69 -59.04 -40.34
C ARG D 315 -63.09 -58.90 -39.76
N ARG D 316 -63.48 -57.67 -39.44
CA ARG D 316 -64.81 -57.40 -38.89
C ARG D 316 -65.70 -56.61 -39.84
N ASN D 317 -65.19 -55.47 -40.32
CA ASN D 317 -65.94 -54.63 -41.24
C ASN D 317 -65.71 -55.01 -42.70
N GLY D 318 -64.66 -55.80 -42.95
CA GLY D 318 -64.35 -56.22 -44.31
C GLY D 318 -63.21 -55.45 -44.94
N ILE D 319 -62.53 -56.09 -45.89
CA ILE D 319 -61.41 -55.47 -46.59
C ILE D 319 -61.85 -54.40 -47.57
N THR D 320 -61.19 -53.25 -47.53
CA THR D 320 -61.53 -52.15 -48.44
C THR D 320 -60.40 -51.85 -49.42
N VAL D 321 -60.67 -51.99 -50.71
CA VAL D 321 -59.67 -51.72 -51.74
C VAL D 321 -60.12 -50.60 -52.67
N ASP D 322 -59.16 -49.93 -53.29
CA ASP D 322 -59.46 -48.84 -54.21
C ASP D 322 -60.16 -49.36 -55.47
N ASP D 323 -61.19 -48.65 -55.90
CA ASP D 323 -61.94 -49.03 -57.09
C ASP D 323 -61.05 -49.07 -58.32
N SER D 324 -60.14 -48.09 -58.43
CA SER D 324 -59.24 -48.02 -59.57
C SER D 324 -58.35 -49.26 -59.68
N VAL D 325 -57.74 -49.65 -58.57
CA VAL D 325 -56.88 -50.83 -58.55
C VAL D 325 -57.69 -52.09 -58.89
N TRP D 326 -58.86 -52.24 -58.26
CA TRP D 326 -59.68 -53.41 -58.51
C TRP D 326 -60.06 -53.53 -59.97
N ALA D 327 -60.33 -52.40 -60.62
CA ALA D 327 -60.71 -52.41 -62.02
C ALA D 327 -59.54 -52.86 -62.91
N LYS D 328 -58.34 -52.36 -62.61
CA LYS D 328 -57.13 -52.72 -63.37
C LYS D 328 -56.92 -54.23 -63.36
N ILE D 329 -57.08 -54.83 -62.19
CA ILE D 329 -56.90 -56.26 -62.07
C ILE D 329 -57.92 -56.96 -62.97
N GLN D 330 -59.13 -56.42 -63.02
CA GLN D 330 -60.18 -56.99 -63.84
C GLN D 330 -59.80 -56.90 -65.31
N ALA D 331 -59.15 -55.80 -65.68
CA ALA D 331 -58.73 -55.58 -67.05
C ALA D 331 -57.71 -56.63 -67.52
N LEU D 332 -56.92 -57.13 -66.58
CA LEU D 332 -55.91 -58.13 -66.90
C LEU D 332 -56.55 -59.40 -67.48
N LEU D 333 -57.82 -59.62 -67.15
CA LEU D 333 -58.54 -60.79 -67.64
C LEU D 333 -59.32 -60.52 -68.92
N GLU D 334 -58.77 -59.70 -69.80
CA GLU D 334 -59.44 -59.37 -71.06
C GLU D 334 -58.46 -59.34 -72.24
N LYS E 2 11.86 25.61 -13.99
CA LYS E 2 12.27 24.55 -14.90
C LYS E 2 13.27 23.63 -14.24
N VAL E 3 13.05 22.34 -14.38
CA VAL E 3 13.93 21.35 -13.80
C VAL E 3 14.08 20.18 -14.76
N THR E 4 15.14 19.39 -14.55
CA THR E 4 15.38 18.22 -15.38
C THR E 4 14.68 17.03 -14.75
N PHE E 5 14.63 15.92 -15.49
CA PHE E 5 14.00 14.71 -14.98
C PHE E 5 14.71 14.28 -13.70
N GLU E 6 16.04 14.42 -13.68
CA GLU E 6 16.84 14.04 -12.51
C GLU E 6 16.41 14.87 -11.31
N GLN E 7 16.51 16.18 -11.47
CA GLN E 7 16.14 17.12 -10.43
C GLN E 7 14.73 16.84 -9.92
N LEU E 8 13.81 16.60 -10.86
CA LEU E 8 12.42 16.34 -10.51
C LEU E 8 12.29 15.06 -9.67
N LYS E 9 12.84 13.98 -10.19
CA LYS E 9 12.79 12.71 -9.49
C LYS E 9 13.51 12.78 -8.15
N ALA E 10 14.58 13.58 -8.10
CA ALA E 10 15.35 13.74 -6.86
C ALA E 10 14.48 14.35 -5.77
N ALA E 11 13.72 15.38 -6.13
CA ALA E 11 12.85 16.03 -5.16
C ALA E 11 11.79 15.05 -4.65
N PHE E 12 11.14 14.34 -5.58
CA PHE E 12 10.10 13.38 -5.21
C PHE E 12 10.69 12.32 -4.29
N ASN E 13 11.85 11.80 -4.69
CA ASN E 13 12.53 10.76 -3.95
C ASN E 13 12.95 11.17 -2.54
N ARG E 14 13.41 12.42 -2.40
CA ARG E 14 13.84 12.91 -1.11
C ARG E 14 12.68 13.16 -0.16
N VAL E 15 11.56 13.63 -0.70
CA VAL E 15 10.38 13.90 0.13
C VAL E 15 9.77 12.58 0.61
N LEU E 16 9.83 11.56 -0.24
CA LEU E 16 9.28 10.26 0.10
C LEU E 16 10.07 9.65 1.25
N ILE E 17 11.40 9.59 1.10
CA ILE E 17 12.25 9.03 2.13
C ILE E 17 11.95 9.67 3.48
N SER E 18 11.92 11.00 3.52
CA SER E 18 11.65 11.72 4.76
C SER E 18 10.29 11.39 5.34
N ARG E 19 9.50 10.62 4.60
CA ARG E 19 8.18 10.23 5.06
C ARG E 19 8.14 8.78 5.52
N GLY E 20 9.32 8.21 5.73
CA GLY E 20 9.41 6.83 6.18
C GLY E 20 9.16 5.79 5.12
N VAL E 21 9.55 6.07 3.88
CA VAL E 21 9.35 5.13 2.79
C VAL E 21 10.69 4.51 2.41
N ASP E 22 10.74 3.19 2.30
CA ASP E 22 11.98 2.52 1.95
C ASP E 22 12.53 3.02 0.62
N SER E 23 13.85 2.97 0.48
CA SER E 23 14.52 3.42 -0.72
C SER E 23 13.91 2.89 -2.00
N GLU E 24 13.80 1.57 -2.10
CA GLU E 24 13.25 0.95 -3.29
C GLU E 24 11.88 1.50 -3.65
N THR E 25 10.94 1.41 -2.71
CA THR E 25 9.60 1.90 -2.93
C THR E 25 9.60 3.40 -3.27
N ALA E 26 10.31 4.18 -2.46
CA ALA E 26 10.39 5.63 -2.68
C ALA E 26 10.97 5.97 -4.04
N ASP E 27 11.95 5.20 -4.48
CA ASP E 27 12.57 5.46 -5.76
C ASP E 27 11.64 5.13 -6.91
N ALA E 28 10.91 4.02 -6.78
CA ALA E 28 9.99 3.57 -7.80
C ALA E 28 8.81 4.54 -7.94
N CYS E 29 8.26 4.95 -6.81
CA CYS E 29 7.14 5.88 -6.81
C CYS E 29 7.53 7.19 -7.48
N ALA E 30 8.69 7.69 -7.10
CA ALA E 30 9.24 8.92 -7.64
C ALA E 30 9.47 8.78 -9.14
N GLU E 31 9.80 7.57 -9.58
CA GLU E 31 10.03 7.32 -10.99
C GLU E 31 8.75 7.58 -11.77
N PHE E 33 6.03 9.35 -10.76
CA PHE E 33 5.62 10.74 -10.67
C PHE E 33 6.36 11.60 -11.69
N ALA E 34 7.67 11.37 -11.83
CA ALA E 34 8.48 12.14 -12.76
C ALA E 34 8.26 11.73 -14.21
N ARG E 35 8.13 10.44 -14.44
CA ARG E 35 7.90 9.91 -15.77
C ARG E 35 6.57 10.51 -16.28
N THR E 36 5.58 10.50 -15.39
CA THR E 36 4.24 11.03 -15.71
C THR E 36 4.34 12.50 -16.08
N THR E 37 5.06 13.25 -15.26
CA THR E 37 5.21 14.67 -15.52
C THR E 37 5.92 14.91 -16.85
N GLU E 38 7.03 14.21 -17.06
CA GLU E 38 7.80 14.37 -18.30
C GLU E 38 6.97 14.03 -19.53
N SER E 39 5.94 13.22 -19.36
CA SER E 39 5.09 12.85 -20.47
C SER E 39 4.05 13.90 -20.80
N GLY E 40 4.00 14.95 -19.99
CA GLY E 40 3.06 16.03 -20.22
C GLY E 40 1.86 16.06 -19.29
N VAL E 41 1.84 15.14 -18.32
CA VAL E 41 0.73 15.10 -17.37
C VAL E 41 1.16 15.76 -16.08
N TYR E 42 0.73 17.01 -15.91
CA TYR E 42 1.07 17.79 -14.74
C TYR E 42 -0.05 17.72 -13.73
N SER E 43 -1.29 17.79 -14.22
CA SER E 43 -2.45 17.74 -13.35
C SER E 43 -2.40 16.56 -12.40
N HIS E 44 -2.03 15.39 -12.91
CA HIS E 44 -1.93 14.18 -12.09
C HIS E 44 -0.48 13.72 -11.92
N GLY E 45 0.45 14.64 -12.12
CA GLY E 45 1.86 14.34 -11.96
C GLY E 45 2.38 15.20 -10.82
N VAL E 46 3.38 16.03 -11.13
CA VAL E 46 3.97 16.91 -10.13
C VAL E 46 2.96 17.73 -9.32
N ASN E 47 1.89 18.19 -9.95
CA ASN E 47 0.87 18.99 -9.26
C ASN E 47 0.10 18.22 -8.20
N ARG E 48 -0.02 16.90 -8.35
CA ARG E 48 -0.77 16.13 -7.36
C ARG E 48 0.11 15.56 -6.27
N PHE E 49 1.42 15.72 -6.42
CA PHE E 49 2.35 15.20 -5.42
C PHE E 49 2.05 15.70 -4.00
N PRO E 50 1.84 17.02 -3.83
CA PRO E 50 1.56 17.55 -2.49
C PRO E 50 0.37 16.82 -1.85
N ARG E 51 -0.71 16.69 -2.60
CA ARG E 51 -1.91 15.99 -2.13
C ARG E 51 -1.59 14.54 -1.77
N PHE E 52 -0.76 13.89 -2.59
CA PHE E 52 -0.38 12.50 -2.35
C PHE E 52 0.34 12.34 -1.01
N ILE E 53 1.37 13.15 -0.80
CA ILE E 53 2.16 13.12 0.44
C ILE E 53 1.29 13.41 1.64
N GLN E 54 0.30 14.27 1.45
CA GLN E 54 -0.62 14.65 2.51
C GLN E 54 -1.40 13.42 2.97
N GLN E 55 -1.91 12.65 2.00
CA GLN E 55 -2.67 11.46 2.35
C GLN E 55 -1.78 10.35 2.88
N LEU E 56 -0.49 10.44 2.57
CA LEU E 56 0.49 9.45 3.03
C LEU E 56 0.74 9.64 4.53
N GLU E 57 0.78 10.90 4.96
CA GLU E 57 1.01 11.24 6.37
C GLU E 57 -0.23 10.97 7.20
N ASN E 58 -1.39 11.17 6.59
CA ASN E 58 -2.67 10.97 7.27
C ASN E 58 -2.94 9.50 7.55
N GLY E 59 -2.19 8.63 6.89
CA GLY E 59 -2.34 7.19 7.09
C GLY E 59 -3.19 6.51 6.03
N ASP E 60 -3.77 7.31 5.13
CA ASP E 60 -4.60 6.76 4.07
C ASP E 60 -3.83 5.72 3.27
N ILE E 61 -2.55 5.97 3.07
CA ILE E 61 -1.68 5.09 2.31
C ILE E 61 -0.71 4.33 3.21
N ILE E 62 -0.46 3.07 2.88
CA ILE E 62 0.46 2.26 3.65
C ILE E 62 1.61 1.81 2.76
N PRO E 63 2.75 2.52 2.81
CA PRO E 63 3.94 2.23 2.00
C PRO E 63 4.35 0.76 1.99
N ASP E 64 4.33 0.14 3.16
CA ASP E 64 4.70 -1.27 3.31
C ASP E 64 3.68 -2.21 2.68
N ALA E 65 2.42 -1.83 2.73
CA ALA E 65 1.33 -2.64 2.18
C ALA E 65 1.65 -3.11 0.77
N GLN E 66 1.11 -4.25 0.40
CA GLN E 66 1.37 -4.80 -0.91
C GLN E 66 0.12 -5.49 -1.41
N PRO E 67 -0.13 -5.47 -2.73
CA PRO E 67 -1.30 -6.12 -3.33
C PRO E 67 -1.39 -7.60 -2.98
N LYS E 68 -2.61 -8.10 -2.81
CA LYS E 68 -2.86 -9.50 -2.47
C LYS E 68 -4.00 -10.08 -3.35
N ARG E 69 -3.77 -11.24 -3.96
CA ARG E 69 -4.79 -11.86 -4.79
C ARG E 69 -5.83 -12.60 -3.94
N ILE E 70 -7.11 -12.30 -4.18
CA ILE E 70 -8.20 -12.91 -3.43
C ILE E 70 -8.78 -14.13 -4.13
N THR E 71 -9.09 -13.98 -5.41
CA THR E 71 -9.67 -15.08 -6.18
C THR E 71 -9.17 -15.09 -7.60
N SER E 72 -9.19 -16.26 -8.21
CA SER E 72 -8.76 -16.43 -9.59
C SER E 72 -9.77 -17.29 -10.33
N LEU E 73 -10.24 -16.79 -11.47
CA LEU E 73 -11.19 -17.52 -12.30
C LEU E 73 -10.67 -17.71 -13.70
N GLY E 74 -9.36 -17.63 -13.86
CA GLY E 74 -8.77 -17.80 -15.19
C GLY E 74 -8.46 -16.47 -15.83
N ALA E 75 -9.32 -15.99 -16.71
CA ALA E 75 -9.07 -14.71 -17.37
C ALA E 75 -9.34 -13.54 -16.44
N ILE E 76 -10.12 -13.78 -15.39
CA ILE E 76 -10.44 -12.71 -14.44
C ILE E 76 -9.86 -13.01 -13.05
N GLU E 77 -9.31 -11.99 -12.42
CA GLU E 77 -8.71 -12.13 -11.08
C GLU E 77 -9.09 -10.98 -10.16
N GLN E 78 -9.44 -11.29 -8.92
CA GLN E 78 -9.81 -10.29 -7.94
C GLN E 78 -8.65 -10.11 -6.95
N TRP E 79 -8.25 -8.86 -6.74
CA TRP E 79 -7.16 -8.56 -5.83
C TRP E 79 -7.53 -7.51 -4.79
N ASP E 80 -6.75 -7.50 -3.71
CA ASP E 80 -6.94 -6.56 -2.62
C ASP E 80 -5.65 -5.75 -2.52
N ALA E 81 -5.75 -4.45 -2.75
CA ALA E 81 -4.61 -3.54 -2.71
C ALA E 81 -4.13 -3.29 -1.29
N GLN E 82 -5.03 -3.51 -0.34
CA GLN E 82 -4.73 -3.33 1.07
C GLN E 82 -4.24 -1.91 1.32
N ARG E 83 -4.80 -0.95 0.61
CA ARG E 83 -4.43 0.45 0.78
C ARG E 83 -2.94 0.76 0.56
N SER E 84 -2.35 0.07 -0.40
CA SER E 84 -0.95 0.27 -0.75
C SER E 84 -0.86 1.51 -1.64
N ILE E 85 0.37 1.93 -1.97
CA ILE E 85 0.60 3.09 -2.83
C ILE E 85 -0.16 2.86 -4.14
N GLY E 86 -1.03 3.81 -4.47
CA GLY E 86 -1.85 3.70 -5.67
C GLY E 86 -1.20 3.50 -7.02
N ASN E 87 -0.31 4.39 -7.42
CA ASN E 87 0.30 4.24 -8.73
C ASN E 87 1.18 3.00 -8.89
N LEU E 88 1.96 2.69 -7.85
CA LEU E 88 2.84 1.52 -7.90
C LEU E 88 2.04 0.21 -7.99
N THR E 89 0.95 0.12 -7.25
CA THR E 89 0.12 -1.08 -7.26
C THR E 89 -0.64 -1.23 -8.59
N ALA E 90 -1.11 -0.13 -9.14
CA ALA E 90 -1.85 -0.18 -10.39
C ALA E 90 -0.94 -0.69 -11.49
N LYS E 91 0.33 -0.28 -11.46
CA LYS E 91 1.28 -0.72 -12.48
C LYS E 91 1.38 -2.25 -12.43
N LYS E 92 1.44 -2.79 -11.22
CA LYS E 92 1.54 -4.23 -11.07
C LYS E 92 0.25 -4.91 -11.54
N ASP E 95 -0.02 -5.12 -15.12
CA ASP E 95 0.97 -6.09 -15.60
C ASP E 95 0.41 -7.50 -15.41
N ARG E 96 -0.39 -7.67 -14.36
CA ARG E 96 -1.02 -8.95 -14.07
C ARG E 96 -2.14 -9.21 -15.09
N ALA E 97 -2.81 -8.15 -15.54
CA ALA E 97 -3.87 -8.32 -16.53
C ALA E 97 -3.23 -8.72 -17.85
N ILE E 98 -2.02 -8.23 -18.09
CA ILE E 98 -1.29 -8.53 -19.32
C ILE E 98 -0.89 -10.00 -19.36
N GLU E 99 -0.45 -10.52 -18.21
CA GLU E 99 -0.05 -11.93 -18.10
C GLU E 99 -1.26 -12.84 -18.32
N LEU E 100 -2.42 -12.43 -17.83
CA LEU E 100 -3.63 -13.22 -18.01
C LEU E 100 -4.03 -13.21 -19.48
N ALA E 101 -3.93 -12.03 -20.09
CA ALA E 101 -4.27 -11.88 -21.50
C ALA E 101 -3.36 -12.75 -22.37
N ALA E 102 -2.09 -12.88 -21.97
CA ALA E 102 -1.15 -13.69 -22.72
C ALA E 102 -1.53 -15.17 -22.72
N ASP E 103 -2.28 -15.61 -21.71
CA ASP E 103 -2.69 -17.00 -21.59
C ASP E 103 -4.16 -17.26 -21.90
N HIS E 104 -4.98 -16.20 -21.90
CA HIS E 104 -6.40 -16.36 -22.17
C HIS E 104 -6.87 -15.48 -23.32
N GLY E 105 -5.98 -14.63 -23.83
CA GLY E 105 -6.33 -13.73 -24.91
C GLY E 105 -6.78 -12.40 -24.34
N ILE E 106 -7.56 -12.47 -23.26
CA ILE E 106 -8.03 -11.26 -22.60
C ILE E 106 -7.96 -11.48 -21.09
N GLY E 107 -7.42 -10.49 -20.39
CA GLY E 107 -7.29 -10.60 -18.94
C GLY E 107 -7.93 -9.43 -18.22
N LEU E 108 -8.43 -9.67 -17.01
CA LEU E 108 -9.09 -8.61 -16.26
C LEU E 108 -8.76 -8.73 -14.78
N VAL E 109 -8.30 -7.64 -14.20
CA VAL E 109 -7.96 -7.63 -12.80
C VAL E 109 -8.85 -6.62 -12.09
N ALA E 110 -9.55 -7.07 -11.05
CA ALA E 110 -10.42 -6.21 -10.26
C ALA E 110 -9.72 -5.99 -8.93
N LEU E 111 -9.49 -4.72 -8.59
CA LEU E 111 -8.79 -4.37 -7.36
C LEU E 111 -9.60 -3.55 -6.36
N ARG E 112 -9.69 -4.01 -5.12
CA ARG E 112 -10.43 -3.27 -4.10
C ARG E 112 -9.47 -2.69 -3.06
N ASN E 113 -9.99 -1.82 -2.20
CA ASN E 113 -9.22 -1.16 -1.15
C ASN E 113 -7.93 -0.52 -1.67
N ALA E 114 -8.03 0.14 -2.82
CA ALA E 114 -6.86 0.77 -3.43
C ALA E 114 -6.78 2.26 -3.16
N ASN E 115 -5.68 2.85 -3.60
CA ASN E 115 -5.47 4.29 -3.46
C ASN E 115 -5.40 4.91 -4.83
N HIS E 116 -5.60 6.22 -4.89
CA HIS E 116 -5.60 6.98 -6.13
C HIS E 116 -4.44 6.57 -7.01
N TRP E 117 -4.73 6.14 -8.23
CA TRP E 117 -3.67 5.71 -9.13
C TRP E 117 -2.98 6.86 -9.87
N ARG E 119 -2.32 8.84 -12.58
CA ARG E 119 -2.64 8.92 -14.01
C ARG E 119 -3.05 7.58 -14.62
N GLY E 120 -4.35 7.37 -14.81
CA GLY E 120 -4.83 6.14 -15.40
C GLY E 120 -4.12 5.75 -16.70
N GLY E 121 -3.79 6.74 -17.51
CA GLY E 121 -3.13 6.47 -18.76
C GLY E 121 -1.76 5.80 -18.64
N SER E 122 -1.15 5.87 -17.48
CA SER E 122 0.16 5.26 -17.30
C SER E 122 0.01 3.76 -17.53
N TYR E 123 -1.09 3.22 -17.02
CA TYR E 123 -1.35 1.78 -17.12
C TYR E 123 -1.86 1.39 -18.50
N GLY E 124 -2.73 2.21 -19.08
CA GLY E 124 -3.22 1.88 -20.41
C GLY E 124 -2.01 1.94 -21.34
N TRP E 125 -1.17 2.93 -21.13
CA TRP E 125 0.03 3.12 -21.95
C TRP E 125 1.05 1.99 -21.85
N GLN E 126 1.30 1.49 -20.63
CA GLN E 126 2.25 0.41 -20.47
C GLN E 126 1.76 -0.84 -21.20
N ALA E 127 0.44 -0.99 -21.32
CA ALA E 127 -0.11 -2.13 -22.02
C ALA E 127 0.13 -2.00 -23.52
N ALA E 128 -0.11 -0.82 -24.09
CA ALA E 128 0.09 -0.63 -25.53
C ALA E 128 1.56 -0.73 -25.93
N GLU E 129 2.46 -0.32 -25.02
CA GLU E 129 3.89 -0.40 -25.28
C GLU E 129 4.30 -1.85 -25.49
N LYS E 130 3.48 -2.77 -24.99
CA LYS E 130 3.76 -4.18 -25.13
C LYS E 130 2.88 -4.87 -26.16
N GLY E 131 2.30 -4.07 -27.06
CA GLY E 131 1.47 -4.61 -28.11
C GLY E 131 0.08 -5.09 -27.71
N TYR E 132 -0.32 -4.77 -26.49
CA TYR E 132 -1.62 -5.16 -25.99
C TYR E 132 -2.55 -3.96 -25.99
N ILE E 133 -3.85 -4.20 -26.11
CA ILE E 133 -4.81 -3.11 -26.04
C ILE E 133 -5.01 -2.91 -24.54
N GLY E 134 -5.04 -1.66 -24.08
CA GLY E 134 -5.20 -1.45 -22.65
C GLY E 134 -6.42 -0.62 -22.29
N ILE E 135 -7.26 -1.19 -21.43
CA ILE E 135 -8.47 -0.55 -20.96
C ILE E 135 -8.50 -0.65 -19.44
N CYS E 136 -8.76 0.48 -18.80
CA CYS E 136 -8.83 0.54 -17.35
C CYS E 136 -9.56 1.78 -16.85
N TRP E 137 -10.14 1.66 -15.67
CA TRP E 137 -10.84 2.77 -15.03
C TRP E 137 -10.77 2.57 -13.51
N THR E 138 -11.25 3.56 -12.77
CA THR E 138 -11.24 3.55 -11.31
C THR E 138 -12.46 4.33 -10.87
N ASN E 139 -12.78 4.30 -9.57
CA ASN E 139 -13.88 5.09 -9.06
C ASN E 139 -13.22 6.10 -8.16
N SER E 140 -14.00 6.88 -7.42
CA SER E 140 -13.40 7.89 -6.54
C SER E 140 -14.39 8.33 -5.48
N ILE E 141 -14.01 9.35 -4.72
CA ILE E 141 -14.92 9.86 -3.72
C ILE E 141 -15.90 10.75 -4.49
N ALA E 142 -17.10 10.95 -3.96
CA ALA E 142 -18.10 11.78 -4.63
C ALA E 142 -17.61 13.21 -4.84
N VAL E 143 -17.25 13.56 -6.07
CA VAL E 143 -16.77 14.89 -6.40
C VAL E 143 -17.54 15.49 -7.59
N PRO E 145 -21.79 15.90 -9.06
CA PRO E 145 -23.21 15.58 -8.92
C PRO E 145 -23.77 14.90 -10.16
N PRO E 146 -24.61 13.88 -9.96
CA PRO E 146 -25.19 13.17 -11.10
C PRO E 146 -26.06 14.17 -11.84
N TRP E 147 -26.24 13.97 -13.15
CA TRP E 147 -27.05 14.87 -13.96
C TRP E 147 -28.42 15.14 -13.34
N GLY E 148 -28.71 16.41 -13.09
CA GLY E 148 -29.99 16.78 -12.51
C GLY E 148 -29.85 17.20 -11.06
N ALA E 149 -28.67 16.98 -10.49
CA ALA E 149 -28.43 17.35 -9.09
C ALA E 149 -27.37 18.42 -8.92
N LYS E 150 -27.34 19.04 -7.74
CA LYS E 150 -26.35 20.07 -7.43
C LYS E 150 -25.45 19.56 -6.31
N GLU E 151 -25.73 18.36 -5.82
CA GLU E 151 -24.94 17.77 -4.74
C GLU E 151 -24.10 16.60 -5.26
N CYS E 152 -22.80 16.60 -4.97
CA CYS E 152 -21.96 15.52 -5.46
C CYS E 152 -22.39 14.15 -4.95
N ARG E 153 -22.58 13.20 -5.87
CA ARG E 153 -22.98 11.84 -5.53
C ARG E 153 -22.38 10.76 -6.43
N ILE E 154 -21.52 11.18 -7.36
CA ILE E 154 -20.85 10.23 -8.22
C ILE E 154 -19.40 10.66 -8.38
N GLY E 155 -18.58 9.80 -8.97
CA GLY E 155 -17.19 10.15 -9.11
C GLY E 155 -16.77 10.50 -10.51
N THR E 156 -15.56 11.05 -10.63
CA THR E 156 -15.03 11.41 -11.93
C THR E 156 -14.60 10.17 -12.72
N ASN E 157 -14.57 9.02 -12.04
CA ASN E 157 -14.23 7.71 -12.62
C ASN E 157 -13.56 7.69 -13.99
N PRO E 158 -12.29 8.10 -14.05
CA PRO E 158 -11.53 8.14 -15.32
C PRO E 158 -11.50 6.82 -16.09
N LEU E 159 -11.77 6.91 -17.39
CA LEU E 159 -11.75 5.74 -18.28
C LEU E 159 -10.57 5.84 -19.25
N ILE E 160 -9.76 4.79 -19.31
CA ILE E 160 -8.59 4.77 -20.19
C ILE E 160 -8.67 3.66 -21.22
N VAL E 161 -8.32 3.98 -22.46
CA VAL E 161 -8.31 3.02 -23.57
C VAL E 161 -7.12 3.33 -24.47
N ALA E 162 -6.10 2.48 -24.43
CA ALA E 162 -4.90 2.67 -25.25
C ALA E 162 -4.76 1.59 -26.31
N ILE E 163 -4.31 2.00 -27.49
CA ILE E 163 -4.11 1.15 -28.66
C ILE E 163 -2.63 1.06 -29.05
N PRO E 164 -2.12 -0.17 -29.23
CA PRO E 164 -0.71 -0.39 -29.60
C PRO E 164 -0.38 0.08 -31.01
N SER E 165 -0.78 1.30 -31.34
CA SER E 165 -0.52 1.87 -32.65
C SER E 165 0.82 2.60 -32.59
N THR E 166 1.20 3.23 -33.70
CA THR E 166 2.44 3.99 -33.78
C THR E 166 2.12 5.36 -34.38
N PRO E 167 2.16 6.42 -33.57
CA PRO E 167 2.49 6.33 -32.15
C PRO E 167 1.26 5.77 -31.42
N ILE E 168 1.42 5.47 -30.15
CA ILE E 168 0.32 4.95 -29.36
C ILE E 168 -0.86 5.94 -29.40
N THR E 169 -2.06 5.41 -29.65
CA THR E 169 -3.26 6.23 -29.67
C THR E 169 -3.98 5.83 -28.39
N VAL E 171 -6.91 7.25 -25.05
CA VAL E 171 -7.76 8.24 -24.41
C VAL E 171 -7.67 8.02 -22.92
N ASP E 172 -7.70 9.11 -22.17
CA ASP E 172 -7.65 9.07 -20.72
C ASP E 172 -8.61 10.17 -20.30
N SER E 174 -11.79 11.81 -17.93
CA SER E 174 -12.55 11.89 -16.69
C SER E 174 -14.02 11.94 -17.11
N SER E 176 -15.99 13.86 -15.94
CA SER E 176 -16.34 15.28 -15.87
C SER E 176 -15.65 15.90 -17.08
N PHE E 178 -13.93 18.34 -17.53
CA PHE E 178 -12.54 18.60 -17.17
C PHE E 178 -12.31 17.90 -15.82
N SER E 179 -11.12 17.39 -15.61
CA SER E 179 -10.82 16.74 -14.35
C SER E 179 -10.50 17.88 -13.38
N TYR E 180 -10.64 17.64 -12.08
CA TYR E 180 -10.30 18.70 -11.12
C TYR E 180 -8.84 19.11 -11.30
N GLY E 181 -8.01 18.16 -11.71
CA GLY E 181 -6.61 18.47 -11.94
C GLY E 181 -6.44 19.53 -13.02
N LEU E 183 -8.69 21.73 -13.92
CA LEU E 183 -9.23 22.99 -13.45
C LEU E 183 -8.12 23.77 -12.76
N GLU E 184 -7.29 23.06 -12.01
CA GLU E 184 -6.19 23.68 -11.28
C GLU E 184 -5.15 24.17 -12.29
N VAL E 185 -4.86 23.32 -13.27
CA VAL E 185 -3.89 23.68 -14.30
C VAL E 185 -4.29 25.00 -14.94
N ASN E 186 -5.54 25.13 -15.36
CA ASN E 186 -6.01 26.37 -15.98
C ASN E 186 -5.99 27.55 -15.00
N ARG E 187 -6.52 27.33 -13.81
CA ARG E 187 -6.54 28.38 -12.79
C ARG E 187 -5.13 28.93 -12.57
N LEU E 188 -4.17 28.04 -12.33
CA LEU E 188 -2.80 28.46 -12.09
C LEU E 188 -2.26 29.28 -13.26
N ALA E 189 -2.66 28.91 -14.48
CA ALA E 189 -2.22 29.61 -15.67
C ALA E 189 -3.08 30.84 -15.94
N GLY E 190 -4.19 30.96 -15.21
CA GLY E 190 -5.07 32.10 -15.38
C GLY E 190 -5.93 32.00 -16.62
N ARG E 191 -6.00 30.80 -17.20
CA ARG E 191 -6.79 30.59 -18.41
C ARG E 191 -8.22 30.16 -18.11
N GLN E 192 -9.16 30.65 -18.92
CA GLN E 192 -10.56 30.29 -18.75
C GLN E 192 -10.78 28.97 -19.48
N LEU E 193 -11.80 28.23 -19.08
CA LEU E 193 -12.11 26.95 -19.71
C LEU E 193 -12.62 27.14 -21.14
N PRO E 194 -12.12 26.33 -22.09
CA PRO E 194 -12.54 26.42 -23.50
C PRO E 194 -14.03 26.13 -23.72
N VAL E 195 -14.59 25.18 -22.97
CA VAL E 195 -16.00 24.83 -23.05
C VAL E 195 -16.51 24.80 -21.61
N ASP E 196 -17.82 24.87 -21.43
CA ASP E 196 -18.39 24.86 -20.09
C ASP E 196 -17.86 23.68 -19.28
N GLY E 197 -17.47 23.94 -18.04
CA GLY E 197 -16.96 22.87 -17.21
C GLY E 197 -17.71 22.71 -15.90
N GLY E 198 -18.81 23.43 -15.73
CA GLY E 198 -19.56 23.31 -14.50
C GLY E 198 -20.56 24.42 -14.32
N PHE E 199 -21.26 24.42 -13.19
CA PHE E 199 -22.28 25.42 -12.88
C PHE E 199 -21.79 26.37 -11.78
N ASP E 200 -22.31 27.59 -11.77
CA ASP E 200 -21.93 28.57 -10.76
C ASP E 200 -22.92 28.50 -9.59
N ASP E 201 -22.78 29.38 -8.61
CA ASP E 201 -23.67 29.39 -7.45
C ASP E 201 -25.14 29.52 -7.82
N GLU E 202 -25.43 30.27 -8.88
CA GLU E 202 -26.80 30.47 -9.33
C GLU E 202 -27.34 29.25 -10.08
N GLY E 203 -26.44 28.53 -10.74
CA GLY E 203 -26.86 27.34 -11.48
C GLY E 203 -26.73 27.49 -12.98
N ASN E 204 -25.92 28.45 -13.41
CA ASN E 204 -25.70 28.69 -14.83
C ASN E 204 -24.34 28.12 -15.24
N LEU E 205 -24.31 27.49 -16.41
CA LEU E 205 -23.08 26.91 -16.94
C LEU E 205 -22.00 27.97 -16.95
N THR E 206 -20.80 27.61 -16.50
CA THR E 206 -19.69 28.56 -16.48
C THR E 206 -18.40 27.93 -16.95
N LYS E 207 -17.45 28.78 -17.32
CA LYS E 207 -16.14 28.35 -17.80
C LYS E 207 -15.02 28.80 -16.85
N GLU E 208 -15.38 29.27 -15.66
CA GLU E 208 -14.38 29.71 -14.69
C GLU E 208 -13.94 28.58 -13.75
N PRO E 209 -12.66 28.21 -13.81
CA PRO E 209 -12.07 27.14 -12.99
C PRO E 209 -12.32 27.30 -11.49
N GLY E 210 -12.12 28.51 -10.99
CA GLY E 210 -12.30 28.78 -9.57
C GLY E 210 -13.68 28.53 -9.01
N VAL E 211 -14.69 29.00 -9.71
CA VAL E 211 -16.06 28.84 -9.27
C VAL E 211 -16.40 27.37 -9.10
N ILE E 212 -16.05 26.58 -10.11
CA ILE E 212 -16.32 25.16 -10.07
C ILE E 212 -15.54 24.47 -8.96
N GLU E 213 -14.32 24.92 -8.71
CA GLU E 213 -13.51 24.32 -7.65
C GLU E 213 -14.13 24.54 -6.26
N LYS E 214 -14.83 25.66 -6.09
CA LYS E 214 -15.45 25.97 -4.79
C LYS E 214 -16.77 25.28 -4.52
N ASN E 215 -17.69 25.32 -5.49
CA ASN E 215 -19.01 24.69 -5.31
C ASN E 215 -19.03 23.23 -5.73
N ARG E 216 -17.96 22.77 -6.34
CA ARG E 216 -17.85 21.38 -6.76
C ARG E 216 -18.98 20.95 -7.69
N ARG E 217 -19.60 21.91 -8.37
CA ARG E 217 -20.66 21.56 -9.29
C ARG E 217 -20.06 21.33 -10.67
N ILE E 218 -19.01 20.51 -10.71
CA ILE E 218 -18.31 20.21 -11.96
C ILE E 218 -19.27 19.56 -12.97
N LEU E 219 -19.14 19.96 -14.23
CA LEU E 219 -20.01 19.46 -15.30
C LEU E 219 -19.61 18.11 -15.88
N PRO E 220 -20.56 17.19 -16.00
CA PRO E 220 -20.21 15.88 -16.55
C PRO E 220 -19.97 16.00 -18.06
N GLY E 222 -20.48 15.46 -21.62
CA GLY E 222 -21.63 14.96 -22.34
C GLY E 222 -22.92 15.07 -21.54
N TYR E 223 -22.85 15.80 -20.42
CA TYR E 223 -24.02 16.00 -19.57
C TYR E 223 -24.53 14.69 -18.98
N TRP E 224 -25.73 14.29 -19.41
CA TRP E 224 -26.31 13.06 -18.90
C TRP E 224 -25.54 11.80 -19.31
N LYS E 225 -24.78 11.88 -20.40
CA LYS E 225 -24.03 10.70 -20.85
C LYS E 225 -22.83 10.40 -19.95
N GLY E 226 -22.05 11.42 -19.61
CA GLY E 226 -20.90 11.22 -18.75
C GLY E 226 -21.39 10.90 -17.35
N SER E 227 -22.60 11.33 -17.04
CA SER E 227 -23.15 11.07 -15.72
C SER E 227 -23.46 9.57 -15.60
N GLY E 228 -24.23 9.09 -16.57
CA GLY E 228 -24.59 7.68 -16.57
C GLY E 228 -23.39 6.76 -16.63
N SER E 230 -20.43 7.31 -15.67
CA SER E 230 -19.77 7.34 -14.37
C SER E 230 -20.36 6.28 -13.45
N ILE E 231 -21.69 6.22 -13.41
CA ILE E 231 -22.42 5.28 -12.58
C ILE E 231 -22.15 3.80 -12.92
N VAL E 232 -22.27 3.41 -14.18
CA VAL E 232 -22.02 2.02 -14.53
C VAL E 232 -20.58 1.62 -14.27
N LEU E 233 -19.64 2.50 -14.57
CA LEU E 233 -18.24 2.20 -14.32
C LEU E 233 -18.05 1.89 -12.83
N ASP E 234 -18.70 2.69 -11.98
CA ASP E 234 -18.63 2.49 -10.54
C ASP E 234 -19.19 1.13 -10.15
N ILE E 236 -19.49 -1.56 -12.04
CA ILE E 236 -18.60 -2.62 -12.47
C ILE E 236 -17.43 -2.80 -11.52
N ALA E 237 -16.77 -1.68 -11.21
CA ALA E 237 -15.62 -1.70 -10.31
C ALA E 237 -15.98 -2.21 -8.92
N THR E 238 -17.17 -1.84 -8.45
CA THR E 238 -17.59 -2.28 -7.14
C THR E 238 -17.84 -3.78 -7.12
N LEU E 239 -18.70 -4.23 -8.02
CA LEU E 239 -19.05 -5.64 -8.13
C LEU E 239 -17.87 -6.59 -8.35
N LEU E 240 -17.18 -6.43 -9.47
CA LEU E 240 -16.05 -7.28 -9.82
C LEU E 240 -14.96 -7.40 -8.76
N SER E 241 -14.77 -6.34 -7.98
CA SER E 241 -13.75 -6.40 -6.95
C SER E 241 -14.41 -6.57 -5.59
N ASP E 242 -15.73 -6.60 -5.55
CA ASP E 242 -16.47 -6.71 -4.30
C ASP E 242 -15.86 -5.69 -3.34
N GLY E 243 -15.53 -4.51 -3.87
CA GLY E 243 -14.92 -3.47 -3.06
C GLY E 243 -15.85 -2.31 -2.75
N ALA E 244 -15.26 -1.18 -2.41
CA ALA E 244 -16.05 0.00 -2.08
C ALA E 244 -16.42 0.81 -3.31
N SER E 245 -17.66 1.26 -3.34
CA SER E 245 -18.18 2.08 -4.43
C SER E 245 -17.94 3.53 -4.03
N VAL E 246 -18.42 4.47 -4.85
CA VAL E 246 -18.25 5.89 -4.56
C VAL E 246 -18.97 6.22 -3.26
N ALA E 247 -20.16 5.67 -3.09
CA ALA E 247 -20.95 5.91 -1.89
C ALA E 247 -20.24 5.37 -0.66
N GLU E 248 -19.81 4.11 -0.72
CA GLU E 248 -19.12 3.51 0.41
C GLU E 248 -17.87 4.29 0.75
N VAL E 249 -17.07 4.61 -0.26
CA VAL E 249 -15.84 5.35 -0.03
C VAL E 249 -16.13 6.68 0.64
N THR E 250 -17.05 7.45 0.05
CA THR E 250 -17.38 8.77 0.55
C THR E 250 -18.07 8.78 1.91
N GLN E 251 -18.79 7.72 2.22
CA GLN E 251 -19.50 7.62 3.48
C GLN E 251 -18.73 6.92 4.60
N ASP E 252 -18.10 5.79 4.28
CA ASP E 252 -17.37 5.03 5.29
C ASP E 252 -15.91 5.39 5.49
N ASN E 253 -15.42 6.32 4.69
CA ASN E 253 -14.04 6.75 4.80
C ASN E 253 -13.99 8.25 4.97
N SER E 254 -13.01 8.71 5.75
CA SER E 254 -12.86 10.13 6.02
C SER E 254 -12.13 10.87 4.91
N ASP E 255 -11.83 10.16 3.82
CA ASP E 255 -11.17 10.77 2.68
C ASP E 255 -11.02 9.76 1.56
N GLU E 256 -10.56 10.23 0.40
CA GLU E 256 -10.41 9.39 -0.78
C GLU E 256 -9.30 8.34 -0.75
N TYR E 257 -9.68 7.14 -0.35
CA TYR E 257 -8.76 5.99 -0.31
C TYR E 257 -9.65 4.76 -0.15
N GLY E 258 -9.11 3.58 -0.48
CA GLY E 258 -9.91 2.37 -0.36
C GLY E 258 -10.88 2.30 -1.53
N ILE E 259 -10.44 2.82 -2.67
CA ILE E 259 -11.27 2.83 -3.87
C ILE E 259 -11.15 1.52 -4.65
N SER E 260 -11.81 1.49 -5.81
CA SER E 260 -11.87 0.31 -6.66
C SER E 260 -11.43 0.58 -8.10
N GLN E 261 -10.63 -0.32 -8.65
CA GLN E 261 -10.13 -0.12 -10.00
C GLN E 261 -10.25 -1.38 -10.85
N ILE E 262 -10.34 -1.19 -12.15
CA ILE E 262 -10.44 -2.29 -13.09
C ILE E 262 -9.35 -2.13 -14.14
N PHE E 263 -8.59 -3.21 -14.36
CA PHE E 263 -7.50 -3.22 -15.34
C PHE E 263 -7.76 -4.33 -16.35
N ILE E 264 -7.71 -3.98 -17.63
CA ILE E 264 -7.96 -4.96 -18.68
C ILE E 264 -6.93 -4.94 -19.79
N ALA E 265 -6.53 -6.12 -20.24
CA ALA E 265 -5.56 -6.23 -21.32
C ALA E 265 -6.09 -7.21 -22.38
N ILE E 266 -5.93 -6.86 -23.64
CA ILE E 266 -6.40 -7.75 -24.70
C ILE E 266 -5.29 -8.03 -25.71
N GLU E 267 -5.09 -9.31 -26.03
CA GLU E 267 -4.06 -9.71 -26.98
C GLU E 267 -4.46 -9.29 -28.38
N VAL E 268 -3.50 -8.85 -29.16
CA VAL E 268 -3.78 -8.40 -30.51
C VAL E 268 -3.07 -9.19 -31.60
N ASP E 269 -1.78 -9.45 -31.40
CA ASP E 269 -0.99 -10.14 -32.41
C ASP E 269 -1.47 -11.50 -32.88
N LYS E 270 -2.21 -12.21 -32.05
CA LYS E 270 -2.72 -13.53 -32.43
C LYS E 270 -4.01 -13.48 -33.22
N LEU E 271 -4.64 -12.32 -33.30
CA LEU E 271 -5.90 -12.20 -34.03
C LEU E 271 -5.72 -11.53 -35.37
N ILE E 272 -4.61 -10.80 -35.49
CA ILE E 272 -4.28 -10.09 -36.71
C ILE E 272 -2.75 -9.98 -36.77
N ASP E 273 -2.18 -10.20 -37.96
CA ASP E 273 -0.73 -10.15 -38.15
C ASP E 273 -0.19 -8.72 -38.25
N GLY E 274 1.09 -8.56 -37.91
CA GLY E 274 1.72 -7.25 -37.93
C GLY E 274 1.48 -6.42 -39.17
N PRO E 275 1.83 -6.93 -40.36
CA PRO E 275 1.65 -6.20 -41.61
C PRO E 275 0.25 -5.61 -41.79
N THR E 276 -0.77 -6.40 -41.50
CA THR E 276 -2.15 -5.98 -41.67
C THR E 276 -2.55 -5.00 -40.56
N ARG E 277 -2.06 -5.26 -39.35
CA ARG E 277 -2.37 -4.41 -38.22
C ARG E 277 -1.94 -2.96 -38.50
N ASP E 278 -0.66 -2.79 -38.81
CA ASP E 278 -0.11 -1.47 -39.11
C ASP E 278 -0.86 -0.80 -40.26
N ALA E 279 -1.15 -1.58 -41.29
CA ALA E 279 -1.85 -1.00 -42.43
C ALA E 279 -3.23 -0.48 -42.03
N LYS E 280 -4.05 -1.36 -41.45
CA LYS E 280 -5.40 -0.99 -41.03
C LYS E 280 -5.44 0.18 -40.04
N LEU E 281 -4.50 0.19 -39.10
CA LEU E 281 -4.45 1.27 -38.11
C LEU E 281 -3.97 2.55 -38.78
N GLN E 282 -3.01 2.44 -39.69
CA GLN E 282 -2.50 3.61 -40.36
C GLN E 282 -3.58 4.27 -41.18
N ARG E 283 -4.44 3.46 -41.79
CA ARG E 283 -5.53 3.96 -42.62
C ARG E 283 -6.54 4.76 -41.78
N ILE E 284 -6.80 4.28 -40.58
CA ILE E 284 -7.71 4.96 -39.66
C ILE E 284 -7.11 6.30 -39.21
N ASP E 286 -4.80 8.08 -40.68
CA ASP E 286 -4.70 8.99 -41.82
C ASP E 286 -6.06 9.53 -42.22
N TYR E 287 -7.09 8.69 -42.07
CA TYR E 287 -8.44 9.09 -42.42
C TYR E 287 -8.90 10.23 -41.53
N VAL E 288 -8.34 10.30 -40.33
CA VAL E 288 -8.67 11.35 -39.37
C VAL E 288 -7.85 12.62 -39.58
N THR E 289 -6.52 12.49 -39.50
CA THR E 289 -5.62 13.63 -39.65
C THR E 289 -5.69 14.35 -41.00
N SER E 290 -6.11 13.65 -42.05
CA SER E 290 -6.22 14.22 -43.38
C SER E 290 -7.56 14.92 -43.60
N ALA E 291 -8.35 15.07 -42.54
CA ALA E 291 -9.66 15.70 -42.67
C ALA E 291 -9.56 17.22 -42.76
N GLU E 292 -10.54 17.85 -43.39
CA GLU E 292 -10.57 19.30 -43.53
C GLU E 292 -10.59 19.96 -42.15
N ARG E 293 -9.55 20.73 -41.83
CA ARG E 293 -9.45 21.40 -40.55
C ARG E 293 -10.44 22.55 -40.40
N ALA E 294 -11.03 22.70 -39.22
CA ALA E 294 -11.97 23.80 -38.97
C ALA E 294 -11.14 25.07 -38.85
N ASP E 295 -9.84 24.89 -38.65
CA ASP E 295 -8.90 25.98 -38.54
C ASP E 295 -7.57 25.47 -39.09
N GLU E 296 -7.19 25.97 -40.26
CA GLU E 296 -5.95 25.56 -40.89
C GLU E 296 -4.74 25.67 -39.98
N ASN E 297 -4.81 26.57 -38.99
CA ASN E 297 -3.68 26.76 -38.07
C ASN E 297 -3.65 25.74 -36.94
N GLN E 298 -4.65 24.87 -36.90
CA GLN E 298 -4.74 23.84 -35.86
C GLN E 298 -4.90 22.45 -36.49
N ALA E 299 -3.83 21.67 -36.44
CA ALA E 299 -3.83 20.33 -37.00
C ALA E 299 -4.77 19.41 -36.21
N ILE E 300 -5.38 18.47 -36.93
CA ILE E 300 -6.29 17.52 -36.30
C ILE E 300 -5.42 16.45 -35.67
N ARG E 301 -5.34 16.45 -34.35
CA ARG E 301 -4.50 15.48 -33.66
C ARG E 301 -5.28 14.29 -33.13
N LEU E 302 -4.64 13.13 -33.11
CA LEU E 302 -5.26 11.92 -32.60
C LEU E 302 -5.07 11.85 -31.09
N PRO E 303 -6.02 11.22 -30.37
CA PRO E 303 -5.96 11.09 -28.92
C PRO E 303 -4.69 10.41 -28.38
N GLY E 304 -4.04 11.07 -27.43
CA GLY E 304 -2.85 10.52 -26.82
C GLY E 304 -1.54 10.77 -27.54
N HIS E 305 -1.60 11.20 -28.79
CA HIS E 305 -0.38 11.43 -29.54
C HIS E 305 0.49 12.53 -28.96
N GLU E 306 -0.11 13.45 -28.22
CA GLU E 306 0.66 14.52 -27.61
C GLU E 306 1.62 13.95 -26.56
N PHE E 307 1.28 12.78 -26.02
CA PHE E 307 2.14 12.16 -25.00
C PHE E 307 3.46 11.72 -25.62
N THR E 308 3.49 11.65 -26.95
CA THR E 308 4.72 11.26 -27.63
C THR E 308 5.51 12.52 -27.97
N THR E 309 4.82 13.50 -28.55
CA THR E 309 5.46 14.75 -28.93
C THR E 309 5.90 15.60 -27.73
N LEU E 310 5.05 15.67 -26.71
CA LEU E 310 5.37 16.43 -25.49
C LEU E 310 6.57 15.83 -24.79
N LEU E 311 6.65 14.51 -24.79
CA LEU E 311 7.74 13.81 -24.15
C LEU E 311 9.06 14.20 -24.80
N ALA E 312 9.10 14.09 -26.11
CA ALA E 312 10.29 14.43 -26.87
C ALA E 312 10.66 15.88 -26.62
N GLU E 313 9.65 16.75 -26.58
CA GLU E 313 9.89 18.17 -26.35
C GLU E 313 10.47 18.40 -24.96
N ASN E 314 9.89 17.77 -23.94
CA ASN E 314 10.40 17.92 -22.58
C ASN E 314 11.84 17.45 -22.45
N ARG E 315 12.27 16.55 -23.32
CA ARG E 315 13.64 16.08 -23.24
C ARG E 315 14.59 17.00 -23.97
N ARG E 316 14.03 17.90 -24.77
CA ARG E 316 14.84 18.85 -25.51
C ARG E 316 14.93 20.20 -24.80
N ASN E 317 13.89 20.53 -24.03
CA ASN E 317 13.87 21.81 -23.32
C ASN E 317 13.74 21.69 -21.81
N GLY E 318 13.75 20.47 -21.29
CA GLY E 318 13.62 20.29 -19.86
C GLY E 318 12.16 20.36 -19.48
N ILE E 319 11.84 19.94 -18.26
CA ILE E 319 10.47 19.95 -17.78
C ILE E 319 10.13 21.25 -17.06
N THR E 320 8.94 21.78 -17.34
CA THR E 320 8.49 23.01 -16.71
C THR E 320 7.43 22.72 -15.67
N VAL E 321 7.64 23.25 -14.46
CA VAL E 321 6.70 23.07 -13.37
C VAL E 321 6.29 24.43 -12.80
N ASP E 322 5.01 24.56 -12.46
CA ASP E 322 4.49 25.82 -11.92
C ASP E 322 5.26 26.19 -10.65
N ASP E 323 5.65 27.46 -10.54
CA ASP E 323 6.41 27.95 -9.39
C ASP E 323 5.73 27.70 -8.04
N SER E 324 4.42 27.89 -8.00
CA SER E 324 3.69 27.68 -6.76
C SER E 324 3.81 26.21 -6.36
N VAL E 325 3.57 25.33 -7.32
CA VAL E 325 3.64 23.90 -7.06
C VAL E 325 5.04 23.51 -6.58
N TRP E 326 6.07 23.95 -7.29
CA TRP E 326 7.45 23.64 -6.93
C TRP E 326 7.81 24.15 -5.54
N ALA E 327 7.18 25.25 -5.13
CA ALA E 327 7.45 25.82 -3.82
C ALA E 327 6.89 24.90 -2.75
N LYS E 328 5.64 24.47 -2.92
CA LYS E 328 5.01 23.58 -1.94
C LYS E 328 5.85 22.31 -1.79
N ILE E 329 6.50 21.89 -2.87
CA ILE E 329 7.33 20.70 -2.82
C ILE E 329 8.59 21.01 -2.01
N GLN E 330 9.12 22.21 -2.19
CA GLN E 330 10.30 22.61 -1.44
C GLN E 330 9.95 22.78 0.03
N ALA E 331 8.72 23.20 0.30
CA ALA E 331 8.28 23.40 1.68
C ALA E 331 8.14 22.06 2.40
N LEU E 332 7.79 21.03 1.64
CA LEU E 332 7.63 19.70 2.22
C LEU E 332 8.93 19.24 2.87
N LEU E 333 10.06 19.73 2.38
CA LEU E 333 11.36 19.37 2.93
C LEU E 333 11.74 20.35 4.04
N GLU E 334 10.79 21.18 4.43
CA GLU E 334 10.99 22.20 5.47
C GLU E 334 11.99 23.27 5.05
N LYS F 2 -52.29 2.53 -33.10
CA LYS F 2 -52.13 1.49 -32.09
C LYS F 2 -52.25 0.11 -32.73
N VAL F 3 -51.30 -0.77 -32.44
CA VAL F 3 -51.34 -2.12 -32.97
C VAL F 3 -50.92 -3.11 -31.89
N THR F 4 -51.29 -4.38 -32.07
CA THR F 4 -50.93 -5.42 -31.11
C THR F 4 -49.56 -5.98 -31.45
N PHE F 5 -48.91 -6.58 -30.46
CA PHE F 5 -47.58 -7.17 -30.65
C PHE F 5 -47.58 -8.17 -31.81
N GLU F 6 -48.51 -9.11 -31.75
CA GLU F 6 -48.65 -10.14 -32.77
C GLU F 6 -48.94 -9.55 -34.15
N GLN F 7 -49.64 -8.43 -34.18
CA GLN F 7 -50.00 -7.77 -35.43
C GLN F 7 -48.77 -7.08 -36.01
N LEU F 8 -47.98 -6.46 -35.14
CA LEU F 8 -46.78 -5.78 -35.58
C LEU F 8 -45.80 -6.80 -36.17
N LYS F 9 -45.58 -7.89 -35.43
CA LYS F 9 -44.66 -8.91 -35.89
C LYS F 9 -45.13 -9.49 -37.23
N ALA F 10 -46.42 -9.76 -37.35
CA ALA F 10 -46.97 -10.32 -38.59
C ALA F 10 -46.58 -9.45 -39.80
N ALA F 11 -46.60 -8.13 -39.60
CA ALA F 11 -46.23 -7.21 -40.68
C ALA F 11 -44.77 -7.40 -41.04
N PHE F 12 -43.92 -7.42 -40.02
CA PHE F 12 -42.48 -7.60 -40.25
C PHE F 12 -42.19 -8.89 -41.00
N ASN F 13 -42.74 -9.99 -40.52
CA ASN F 13 -42.54 -11.31 -41.13
C ASN F 13 -43.01 -11.38 -42.58
N ARG F 14 -44.24 -10.96 -42.83
CA ARG F 14 -44.79 -11.03 -44.18
C ARG F 14 -43.91 -10.24 -45.16
N VAL F 15 -43.27 -9.19 -44.67
CA VAL F 15 -42.40 -8.39 -45.52
C VAL F 15 -41.08 -9.10 -45.78
N LEU F 16 -40.52 -9.72 -44.74
CA LEU F 16 -39.27 -10.45 -44.87
C LEU F 16 -39.39 -11.63 -45.84
N ILE F 17 -40.46 -12.39 -45.71
CA ILE F 17 -40.69 -13.56 -46.56
C ILE F 17 -40.88 -13.18 -48.03
N SER F 18 -41.34 -11.96 -48.28
CA SER F 18 -41.54 -11.52 -49.66
C SER F 18 -40.24 -10.96 -50.24
N ARG F 19 -39.17 -11.01 -49.44
CA ARG F 19 -37.87 -10.50 -49.88
C ARG F 19 -36.85 -11.62 -50.04
N GLY F 20 -37.24 -12.84 -49.75
CA GLY F 20 -36.32 -13.95 -49.89
C GLY F 20 -35.82 -14.58 -48.61
N VAL F 21 -36.28 -14.08 -47.47
CA VAL F 21 -35.87 -14.61 -46.17
C VAL F 21 -36.70 -15.86 -45.86
N ASP F 22 -36.04 -16.95 -45.47
CA ASP F 22 -36.76 -18.20 -45.15
C ASP F 22 -37.62 -17.97 -43.92
N SER F 23 -38.62 -18.83 -43.74
CA SER F 23 -39.56 -18.75 -42.63
C SER F 23 -38.91 -18.59 -41.28
N GLU F 24 -38.04 -19.54 -40.94
CA GLU F 24 -37.34 -19.54 -39.66
C GLU F 24 -36.67 -18.19 -39.39
N THR F 25 -35.75 -17.81 -40.26
CA THR F 25 -35.04 -16.54 -40.11
C THR F 25 -36.02 -15.36 -40.04
N ALA F 26 -36.97 -15.34 -40.96
CA ALA F 26 -37.99 -14.30 -41.01
C ALA F 26 -38.68 -14.13 -39.66
N ASP F 27 -39.22 -15.23 -39.12
CA ASP F 27 -39.90 -15.17 -37.84
C ASP F 27 -38.98 -14.61 -36.76
N ALA F 28 -37.78 -15.16 -36.69
CA ALA F 28 -36.79 -14.74 -35.69
C ALA F 28 -36.48 -13.26 -35.80
N CYS F 29 -36.22 -12.78 -37.01
CA CYS F 29 -35.91 -11.37 -37.20
C CYS F 29 -37.11 -10.52 -36.82
N ALA F 30 -38.28 -10.94 -37.28
CA ALA F 30 -39.52 -10.23 -36.98
C ALA F 30 -39.72 -10.13 -35.48
N GLU F 31 -39.42 -11.21 -34.77
CA GLU F 31 -39.58 -11.24 -33.32
C GLU F 31 -38.76 -10.13 -32.68
N PHE F 33 -37.48 -7.26 -34.06
CA PHE F 33 -37.98 -5.94 -34.38
C PHE F 33 -39.23 -5.64 -33.54
N ALA F 34 -40.03 -6.66 -33.30
CA ALA F 34 -41.23 -6.52 -32.51
C ALA F 34 -40.88 -6.23 -31.05
N ARG F 35 -40.04 -7.08 -30.46
CA ARG F 35 -39.62 -6.91 -29.07
C ARG F 35 -38.97 -5.55 -28.82
N THR F 36 -38.21 -5.07 -29.80
CA THR F 36 -37.52 -3.79 -29.70
C THR F 36 -38.52 -2.64 -29.66
N THR F 37 -39.53 -2.73 -30.50
CA THR F 37 -40.55 -1.69 -30.57
C THR F 37 -41.32 -1.67 -29.27
N GLU F 38 -41.57 -2.85 -28.73
CA GLU F 38 -42.31 -2.99 -27.48
C GLU F 38 -41.53 -2.41 -26.30
N SER F 39 -40.21 -2.63 -26.28
CA SER F 39 -39.33 -2.15 -25.22
C SER F 39 -39.29 -0.62 -25.17
N GLY F 40 -39.81 0.00 -26.21
CA GLY F 40 -39.83 1.45 -26.26
C GLY F 40 -38.82 2.09 -27.19
N VAL F 41 -38.04 1.28 -27.88
CA VAL F 41 -37.04 1.82 -28.80
C VAL F 41 -37.61 1.76 -30.22
N TYR F 42 -38.30 2.81 -30.62
CA TYR F 42 -38.89 2.84 -31.95
C TYR F 42 -37.91 3.28 -33.03
N SER F 43 -37.03 4.21 -32.66
CA SER F 43 -36.04 4.74 -33.59
C SER F 43 -35.21 3.63 -34.22
N HIS F 44 -34.93 2.59 -33.44
CA HIS F 44 -34.14 1.46 -33.92
C HIS F 44 -34.94 0.16 -33.95
N GLY F 45 -36.26 0.32 -33.93
CA GLY F 45 -37.17 -0.81 -34.01
C GLY F 45 -38.02 -0.64 -35.26
N VAL F 46 -39.34 -0.59 -35.09
CA VAL F 46 -40.27 -0.43 -36.20
C VAL F 46 -39.90 0.69 -37.18
N ASN F 47 -39.37 1.79 -36.68
CA ASN F 47 -38.97 2.93 -37.52
C ASN F 47 -37.81 2.61 -38.48
N ARG F 48 -36.88 1.75 -38.05
CA ARG F 48 -35.72 1.40 -38.87
C ARG F 48 -36.00 0.26 -39.83
N PHE F 49 -37.13 -0.41 -39.67
CA PHE F 49 -37.45 -1.53 -40.54
C PHE F 49 -37.45 -1.16 -42.02
N PRO F 50 -38.02 0.00 -42.37
CA PRO F 50 -38.06 0.42 -43.78
C PRO F 50 -36.65 0.51 -44.36
N ARG F 51 -35.77 1.22 -43.64
CA ARG F 51 -34.39 1.38 -44.07
C ARG F 51 -33.76 -0.02 -44.12
N PHE F 52 -33.99 -0.82 -43.10
CA PHE F 52 -33.46 -2.17 -43.05
C PHE F 52 -33.74 -2.92 -44.36
N ILE F 53 -35.03 -3.05 -44.68
CA ILE F 53 -35.45 -3.75 -45.89
C ILE F 53 -34.79 -3.18 -47.14
N GLN F 54 -34.57 -1.87 -47.14
CA GLN F 54 -33.92 -1.21 -48.27
C GLN F 54 -32.52 -1.80 -48.48
N GLN F 55 -31.75 -1.94 -47.40
CA GLN F 55 -30.41 -2.47 -47.50
C GLN F 55 -30.43 -3.96 -47.86
N LEU F 56 -31.51 -4.65 -47.46
CA LEU F 56 -31.67 -6.06 -47.76
C LEU F 56 -31.79 -6.28 -49.27
N GLU F 57 -32.66 -5.47 -49.90
CA GLU F 57 -32.89 -5.56 -51.34
C GLU F 57 -31.62 -5.19 -52.13
N ASN F 58 -30.86 -4.25 -51.59
CA ASN F 58 -29.63 -3.81 -52.24
C ASN F 58 -28.57 -4.91 -52.16
N GLY F 59 -28.85 -5.93 -51.36
CA GLY F 59 -27.90 -7.02 -51.21
C GLY F 59 -26.85 -6.82 -50.15
N ASP F 60 -26.91 -5.72 -49.40
CA ASP F 60 -25.92 -5.48 -48.36
C ASP F 60 -26.00 -6.63 -47.35
N ILE F 61 -27.19 -7.18 -47.21
CA ILE F 61 -27.43 -8.27 -46.28
C ILE F 61 -27.67 -9.59 -47.03
N ILE F 62 -27.24 -10.69 -46.44
CA ILE F 62 -27.42 -12.02 -47.03
C ILE F 62 -28.14 -12.87 -45.97
N PRO F 63 -29.49 -12.87 -45.99
CA PRO F 63 -30.32 -13.62 -45.05
C PRO F 63 -29.92 -15.05 -44.79
N ASP F 64 -29.47 -15.72 -45.83
CA ASP F 64 -29.07 -17.11 -45.73
C ASP F 64 -27.78 -17.22 -44.93
N ALA F 65 -26.94 -16.20 -45.02
CA ALA F 65 -25.67 -16.19 -44.32
C ALA F 65 -25.82 -16.41 -42.82
N GLN F 66 -24.81 -17.04 -42.23
CA GLN F 66 -24.79 -17.32 -40.80
C GLN F 66 -23.41 -17.06 -40.21
N PRO F 67 -23.35 -16.68 -38.92
CA PRO F 67 -22.10 -16.41 -38.23
C PRO F 67 -21.15 -17.61 -38.27
N LYS F 68 -19.88 -17.37 -38.56
CA LYS F 68 -18.89 -18.44 -38.60
C LYS F 68 -17.68 -18.04 -37.78
N ARG F 69 -17.25 -18.91 -36.86
CA ARG F 69 -16.10 -18.62 -36.02
C ARG F 69 -14.80 -18.74 -36.81
N ILE F 70 -13.82 -17.93 -36.44
CA ILE F 70 -12.53 -17.92 -37.12
C ILE F 70 -11.40 -18.38 -36.22
N THR F 71 -11.33 -17.82 -35.02
CA THR F 71 -10.27 -18.17 -34.09
C THR F 71 -10.74 -18.18 -32.66
N SER F 72 -10.15 -19.07 -31.87
CA SER F 72 -10.50 -19.17 -30.47
C SER F 72 -9.26 -19.16 -29.61
N LEU F 73 -9.03 -18.05 -28.93
CA LEU F 73 -7.87 -17.90 -28.05
C LEU F 73 -8.27 -18.17 -26.61
N GLY F 74 -9.36 -18.88 -26.41
CA GLY F 74 -9.80 -19.17 -25.06
C GLY F 74 -10.97 -18.29 -24.64
N ALA F 75 -10.67 -17.18 -23.97
CA ALA F 75 -11.70 -16.26 -23.51
C ALA F 75 -12.17 -15.33 -24.63
N ILE F 76 -11.41 -15.30 -25.71
CA ILE F 76 -11.76 -14.46 -26.85
C ILE F 76 -11.83 -15.26 -28.13
N GLU F 77 -12.82 -14.95 -28.96
CA GLU F 77 -13.02 -15.62 -30.24
C GLU F 77 -13.29 -14.60 -31.35
N GLN F 78 -12.73 -14.87 -32.52
CA GLN F 78 -12.91 -14.01 -33.67
C GLN F 78 -13.97 -14.66 -34.56
N TRP F 79 -15.00 -13.90 -34.92
CA TRP F 79 -16.08 -14.42 -35.77
C TRP F 79 -16.34 -13.60 -37.03
N ASP F 80 -16.81 -14.29 -38.07
CA ASP F 80 -17.14 -13.69 -39.36
C ASP F 80 -18.66 -13.70 -39.55
N ALA F 81 -19.25 -12.52 -39.52
CA ALA F 81 -20.70 -12.36 -39.69
C ALA F 81 -21.16 -12.73 -41.09
N GLN F 82 -20.21 -12.75 -42.02
CA GLN F 82 -20.45 -13.08 -43.43
C GLN F 82 -21.60 -12.29 -44.03
N ARG F 83 -21.73 -11.04 -43.62
CA ARG F 83 -22.78 -10.17 -44.14
C ARG F 83 -24.19 -10.66 -43.79
N SER F 84 -24.35 -11.31 -42.65
CA SER F 84 -25.64 -11.81 -42.24
C SER F 84 -26.49 -10.71 -41.61
N ILE F 85 -27.72 -11.06 -41.22
CA ILE F 85 -28.61 -10.08 -40.61
C ILE F 85 -27.99 -9.54 -39.32
N GLY F 86 -28.05 -8.22 -39.15
CA GLY F 86 -27.48 -7.58 -37.99
C GLY F 86 -27.93 -8.02 -36.61
N ASN F 87 -29.19 -7.77 -36.27
CA ASN F 87 -29.72 -8.12 -34.95
C ASN F 87 -29.64 -9.60 -34.59
N LEU F 88 -30.06 -10.47 -35.49
CA LEU F 88 -30.00 -11.90 -35.23
C LEU F 88 -28.57 -12.36 -34.89
N THR F 89 -27.60 -11.97 -35.71
CA THR F 89 -26.21 -12.36 -35.46
C THR F 89 -25.63 -11.76 -34.20
N ALA F 90 -25.93 -10.49 -33.96
CA ALA F 90 -25.41 -9.82 -32.78
C ALA F 90 -25.90 -10.56 -31.54
N LYS F 91 -27.17 -10.95 -31.57
CA LYS F 91 -27.78 -11.66 -30.45
C LYS F 91 -27.02 -12.95 -30.19
N LYS F 92 -26.69 -13.66 -31.27
CA LYS F 92 -25.96 -14.91 -31.16
C LYS F 92 -24.55 -14.71 -30.63
N ASP F 95 -24.54 -13.92 -27.06
CA ASP F 95 -24.85 -15.13 -26.32
C ASP F 95 -23.61 -16.02 -26.24
N ARG F 96 -22.78 -15.97 -27.27
CA ARG F 96 -21.55 -16.75 -27.28
C ARG F 96 -20.57 -16.18 -26.28
N ALA F 97 -20.55 -14.85 -26.16
CA ALA F 97 -19.66 -14.22 -25.22
C ALA F 97 -20.09 -14.56 -23.80
N ILE F 98 -21.38 -14.76 -23.59
CA ILE F 98 -21.86 -15.11 -22.27
C ILE F 98 -21.37 -16.52 -21.91
N GLU F 99 -21.44 -17.42 -22.88
CA GLU F 99 -20.99 -18.80 -22.67
C GLU F 99 -19.50 -18.86 -22.40
N LEU F 100 -18.76 -17.94 -23.01
CA LEU F 100 -17.32 -17.89 -22.81
C LEU F 100 -17.00 -17.34 -21.42
N ALA F 101 -17.76 -16.33 -21.01
CA ALA F 101 -17.57 -15.71 -19.70
C ALA F 101 -17.94 -16.69 -18.59
N ALA F 102 -18.90 -17.55 -18.87
CA ALA F 102 -19.35 -18.55 -17.89
C ALA F 102 -18.27 -19.58 -17.60
N ASP F 103 -17.25 -19.65 -18.44
CA ASP F 103 -16.16 -20.60 -18.22
C ASP F 103 -14.84 -19.93 -17.86
N HIS F 104 -14.60 -18.75 -18.41
CA HIS F 104 -13.36 -18.03 -18.17
C HIS F 104 -13.53 -16.80 -17.27
N GLY F 105 -14.78 -16.52 -16.89
CA GLY F 105 -15.04 -15.36 -16.05
C GLY F 105 -15.39 -14.17 -16.91
N ILE F 106 -14.69 -14.01 -18.01
CA ILE F 106 -14.95 -12.92 -18.93
C ILE F 106 -14.87 -13.44 -20.36
N GLY F 107 -15.82 -13.03 -21.19
CA GLY F 107 -15.82 -13.48 -22.58
C GLY F 107 -15.89 -12.31 -23.56
N LEU F 108 -15.24 -12.46 -24.70
CA LEU F 108 -15.25 -11.40 -25.71
C LEU F 108 -15.33 -11.99 -27.11
N VAL F 109 -16.20 -11.40 -27.94
CA VAL F 109 -16.40 -11.84 -29.31
C VAL F 109 -16.17 -10.68 -30.26
N ALA F 110 -15.21 -10.84 -31.16
CA ALA F 110 -14.92 -9.80 -32.15
C ALA F 110 -15.52 -10.35 -33.43
N LEU F 111 -16.35 -9.55 -34.08
CA LEU F 111 -17.07 -9.93 -35.29
C LEU F 111 -16.80 -8.99 -36.46
N ARG F 112 -16.48 -9.54 -37.63
CA ARG F 112 -16.24 -8.70 -38.79
C ARG F 112 -17.28 -8.94 -39.89
N ASN F 113 -17.31 -8.07 -40.89
CA ASN F 113 -18.25 -8.18 -42.00
C ASN F 113 -19.71 -8.26 -41.51
N ALA F 114 -20.04 -7.54 -40.45
CA ALA F 114 -21.41 -7.60 -39.94
C ALA F 114 -22.29 -6.49 -40.49
N ASN F 115 -23.59 -6.60 -40.22
CA ASN F 115 -24.55 -5.58 -40.67
C ASN F 115 -25.04 -4.84 -39.43
N HIS F 116 -25.57 -3.63 -39.66
CA HIS F 116 -26.08 -2.80 -38.58
C HIS F 116 -26.85 -3.68 -37.59
N TRP F 117 -26.50 -3.59 -36.31
CA TRP F 117 -27.15 -4.42 -35.31
C TRP F 117 -28.43 -3.85 -34.73
N ARG F 119 -30.53 -1.97 -32.41
CA ARG F 119 -30.43 -1.41 -31.07
C ARG F 119 -29.34 -2.08 -30.25
N GLY F 120 -28.15 -1.48 -30.22
CA GLY F 120 -27.05 -2.08 -29.46
C GLY F 120 -27.40 -2.42 -28.03
N GLY F 121 -28.28 -1.63 -27.43
CA GLY F 121 -28.68 -1.89 -26.06
C GLY F 121 -29.32 -3.26 -25.89
N SER F 122 -29.93 -3.78 -26.95
CA SER F 122 -30.59 -5.08 -26.87
C SER F 122 -29.64 -6.15 -26.34
N TYR F 123 -28.39 -6.09 -26.78
CA TYR F 123 -27.38 -7.08 -26.41
C TYR F 123 -26.77 -6.82 -25.03
N GLY F 124 -26.68 -5.55 -24.65
CA GLY F 124 -26.14 -5.23 -23.35
C GLY F 124 -27.19 -5.66 -22.36
N TRP F 125 -28.44 -5.54 -22.80
CA TRP F 125 -29.58 -5.90 -21.99
C TRP F 125 -29.72 -7.40 -21.79
N GLN F 126 -29.57 -8.19 -22.86
CA GLN F 126 -29.71 -9.63 -22.72
C GLN F 126 -28.64 -10.21 -21.80
N ALA F 127 -27.49 -9.55 -21.74
CA ALA F 127 -26.43 -10.01 -20.87
C ALA F 127 -26.87 -9.81 -19.43
N ALA F 128 -27.17 -8.56 -19.09
CA ALA F 128 -27.61 -8.21 -17.75
C ALA F 128 -28.80 -9.05 -17.29
N GLU F 129 -29.69 -9.39 -18.21
CA GLU F 129 -30.86 -10.20 -17.88
C GLU F 129 -30.47 -11.57 -17.38
N LYS F 130 -29.24 -11.95 -17.67
CA LYS F 130 -28.73 -13.25 -17.25
C LYS F 130 -27.73 -13.15 -16.12
N GLY F 131 -27.66 -11.98 -15.49
CA GLY F 131 -26.76 -11.80 -14.37
C GLY F 131 -25.34 -11.40 -14.72
N TYR F 132 -25.07 -11.24 -16.00
CA TYR F 132 -23.73 -10.86 -16.47
C TYR F 132 -23.64 -9.36 -16.78
N ILE F 133 -22.44 -8.82 -16.70
CA ILE F 133 -22.22 -7.43 -17.03
C ILE F 133 -22.06 -7.44 -18.55
N GLY F 134 -22.83 -6.62 -19.26
CA GLY F 134 -22.73 -6.61 -20.71
C GLY F 134 -22.10 -5.34 -21.27
N ILE F 135 -21.14 -5.51 -22.17
CA ILE F 135 -20.47 -4.36 -22.80
C ILE F 135 -20.26 -4.67 -24.25
N CYS F 136 -20.70 -3.79 -25.14
CA CYS F 136 -20.52 -3.98 -26.57
C CYS F 136 -20.52 -2.64 -27.29
N TRP F 137 -20.05 -2.67 -28.53
CA TRP F 137 -19.99 -1.48 -29.37
C TRP F 137 -19.75 -1.93 -30.80
N THR F 138 -19.93 -1.01 -31.74
CA THR F 138 -19.75 -1.30 -33.16
C THR F 138 -19.28 -0.02 -33.85
N ASN F 139 -18.80 -0.14 -35.08
CA ASN F 139 -18.40 1.04 -35.86
C ASN F 139 -19.48 1.30 -36.89
N SER F 140 -19.32 2.35 -37.69
CA SER F 140 -20.30 2.70 -38.69
C SER F 140 -19.62 3.51 -39.79
N ILE F 141 -20.41 4.06 -40.70
CA ILE F 141 -19.83 4.88 -41.77
C ILE F 141 -19.46 6.23 -41.18
N ALA F 142 -18.60 6.97 -41.86
CA ALA F 142 -18.19 8.28 -41.37
C ALA F 142 -19.36 9.26 -41.47
N VAL F 143 -19.94 9.61 -40.32
CA VAL F 143 -21.07 10.55 -40.28
C VAL F 143 -20.78 11.74 -39.36
N PRO F 145 -17.39 14.46 -37.91
CA PRO F 145 -15.99 14.91 -38.04
C PRO F 145 -15.19 14.81 -36.75
N PRO F 146 -13.94 14.33 -36.84
CA PRO F 146 -13.13 14.24 -35.62
C PRO F 146 -12.96 15.66 -35.08
N TRP F 147 -12.66 15.77 -33.79
CA TRP F 147 -12.48 17.07 -33.19
C TRP F 147 -11.38 17.89 -33.86
N GLY F 148 -11.74 19.09 -34.30
CA GLY F 148 -10.81 19.97 -34.97
C GLY F 148 -11.06 20.03 -36.46
N ALA F 149 -11.89 19.11 -36.96
CA ALA F 149 -12.20 19.08 -38.38
C ALA F 149 -13.62 19.54 -38.65
N LYS F 150 -13.93 19.74 -39.92
CA LYS F 150 -15.26 20.15 -40.30
C LYS F 150 -15.66 19.26 -41.46
N GLU F 151 -15.21 18.02 -41.39
CA GLU F 151 -15.48 17.02 -42.40
C GLU F 151 -15.61 15.68 -41.69
N CYS F 152 -16.69 14.96 -41.96
CA CYS F 152 -16.97 13.68 -41.34
C CYS F 152 -15.96 12.57 -41.67
N ARG F 153 -15.27 12.08 -40.63
CA ARG F 153 -14.30 11.02 -40.81
C ARG F 153 -14.35 9.93 -39.71
N ILE F 154 -15.23 10.10 -38.74
CA ILE F 154 -15.38 9.11 -37.66
C ILE F 154 -16.85 8.72 -37.48
N GLY F 155 -17.07 7.52 -36.96
CA GLY F 155 -18.43 7.04 -36.79
C GLY F 155 -19.05 7.33 -35.42
N THR F 156 -20.33 7.01 -35.31
CA THR F 156 -21.08 7.19 -34.09
C THR F 156 -20.70 6.12 -33.05
N ASN F 157 -20.11 5.03 -33.52
CA ASN F 157 -19.65 3.91 -32.69
C ASN F 157 -20.23 3.90 -31.26
N PRO F 158 -21.50 3.52 -31.11
CA PRO F 158 -22.20 3.46 -29.83
C PRO F 158 -21.55 2.52 -28.83
N LEU F 159 -21.45 2.98 -27.59
CA LEU F 159 -20.88 2.16 -26.54
C LEU F 159 -22.05 1.81 -25.63
N ILE F 160 -22.19 0.52 -25.32
CA ILE F 160 -23.28 0.05 -24.46
C ILE F 160 -22.64 -0.60 -23.22
N VAL F 161 -23.15 -0.26 -22.04
CA VAL F 161 -22.66 -0.83 -20.79
C VAL F 161 -23.88 -1.14 -19.92
N ALA F 162 -24.19 -2.42 -19.76
CA ALA F 162 -25.34 -2.82 -18.95
C ALA F 162 -24.94 -3.59 -17.71
N ILE F 163 -25.55 -3.24 -16.58
CA ILE F 163 -25.27 -3.86 -15.28
C ILE F 163 -26.51 -4.65 -14.82
N PRO F 164 -26.31 -5.90 -14.35
CA PRO F 164 -27.37 -6.79 -13.86
C PRO F 164 -28.00 -6.34 -12.54
N SER F 165 -28.34 -5.06 -12.45
CA SER F 165 -28.95 -4.52 -11.24
C SER F 165 -30.47 -4.62 -11.38
N THR F 166 -31.18 -4.23 -10.31
CA THR F 166 -32.64 -4.25 -10.31
C THR F 166 -33.16 -2.83 -9.99
N PRO F 167 -33.70 -2.12 -11.00
CA PRO F 167 -33.83 -2.57 -12.38
C PRO F 167 -32.47 -2.50 -13.08
N ILE F 168 -32.38 -3.07 -14.28
CA ILE F 168 -31.12 -3.05 -15.00
C ILE F 168 -30.61 -1.62 -15.22
N THR F 169 -29.34 -1.39 -14.92
CA THR F 169 -28.76 -0.08 -15.14
C THR F 169 -27.89 -0.21 -16.38
N VAL F 171 -26.29 1.98 -20.13
CA VAL F 171 -26.10 3.17 -20.94
C VAL F 171 -25.99 2.70 -22.40
N ASP F 172 -26.63 3.43 -23.30
CA ASP F 172 -26.56 3.11 -24.73
C ASP F 172 -26.36 4.47 -25.37
N SER F 174 -24.35 7.15 -28.27
CA SER F 174 -23.60 7.33 -29.48
C SER F 174 -22.52 8.33 -29.10
N SER F 176 -21.79 10.74 -30.62
CA SER F 176 -22.23 12.06 -31.02
C SER F 176 -23.16 12.52 -29.90
N PHE F 178 -25.75 14.12 -29.89
CA PHE F 178 -27.10 13.77 -30.31
C PHE F 178 -27.03 12.91 -31.56
N SER F 179 -28.02 12.05 -31.77
CA SER F 179 -28.03 11.22 -32.98
C SER F 179 -28.80 12.02 -34.03
N TYR F 180 -28.46 11.85 -35.29
CA TYR F 180 -29.16 12.59 -36.32
C TYR F 180 -30.66 12.42 -36.18
N GLY F 181 -31.09 11.22 -35.78
CA GLY F 181 -32.50 10.96 -35.60
C GLY F 181 -33.10 11.89 -34.55
N LEU F 183 -32.02 14.73 -33.85
CA LEU F 183 -32.00 16.10 -34.35
C LEU F 183 -33.34 16.37 -35.05
N GLU F 184 -33.74 15.42 -35.88
CA GLU F 184 -35.00 15.52 -36.60
C GLU F 184 -36.17 15.61 -35.63
N VAL F 185 -36.12 14.79 -34.60
CA VAL F 185 -37.17 14.78 -33.59
C VAL F 185 -37.39 16.19 -33.01
N ASN F 186 -36.29 16.87 -32.72
CA ASN F 186 -36.35 18.21 -32.16
C ASN F 186 -36.85 19.22 -33.20
N ARG F 187 -36.46 19.01 -34.45
CA ARG F 187 -36.88 19.92 -35.52
C ARG F 187 -38.38 19.82 -35.74
N LEU F 188 -38.88 18.60 -35.93
CA LEU F 188 -40.31 18.37 -36.15
C LEU F 188 -41.13 18.78 -34.95
N ALA F 189 -40.45 18.96 -33.83
CA ALA F 189 -41.10 19.37 -32.60
C ALA F 189 -40.92 20.87 -32.41
N GLY F 190 -40.33 21.53 -33.40
CA GLY F 190 -40.13 22.96 -33.34
C GLY F 190 -39.35 23.46 -32.13
N ARG F 191 -38.56 22.59 -31.51
CA ARG F 191 -37.78 22.97 -30.35
C ARG F 191 -36.29 22.98 -30.65
N GLN F 192 -35.54 23.73 -29.86
CA GLN F 192 -34.09 23.83 -30.02
C GLN F 192 -33.44 22.70 -29.21
N LEU F 193 -32.16 22.43 -29.41
CA LEU F 193 -31.50 21.38 -28.65
C LEU F 193 -31.21 21.86 -27.23
N PRO F 194 -31.33 20.96 -26.24
CA PRO F 194 -31.07 21.34 -24.85
C PRO F 194 -29.62 21.75 -24.60
N VAL F 195 -28.72 21.30 -25.46
CA VAL F 195 -27.31 21.67 -25.37
C VAL F 195 -26.77 21.75 -26.79
N ASP F 196 -25.54 22.22 -26.95
CA ASP F 196 -24.92 22.34 -28.27
C ASP F 196 -24.91 20.98 -28.97
N GLY F 197 -25.29 20.95 -30.24
CA GLY F 197 -25.34 19.70 -30.97
C GLY F 197 -24.56 19.70 -32.28
N GLY F 198 -23.74 20.72 -32.49
CA GLY F 198 -22.96 20.81 -33.71
C GLY F 198 -22.65 22.24 -34.10
N PHE F 199 -22.05 22.43 -35.27
CA PHE F 199 -21.71 23.77 -35.73
C PHE F 199 -22.62 24.27 -36.86
N ASP F 200 -22.79 25.58 -36.95
CA ASP F 200 -23.63 26.15 -38.00
C ASP F 200 -22.82 26.37 -39.27
N ASP F 201 -23.40 27.02 -40.27
CA ASP F 201 -22.68 27.27 -41.52
C ASP F 201 -21.61 28.34 -41.34
N GLU F 202 -21.61 28.99 -40.18
CA GLU F 202 -20.63 30.02 -39.87
C GLU F 202 -19.47 29.42 -39.08
N GLY F 203 -19.58 28.16 -38.68
CA GLY F 203 -18.51 27.52 -37.93
C GLY F 203 -18.58 27.71 -36.43
N ASN F 204 -19.77 28.03 -35.94
CA ASN F 204 -19.96 28.25 -34.52
C ASN F 204 -20.92 27.22 -33.92
N LEU F 205 -20.67 26.84 -32.67
CA LEU F 205 -21.52 25.89 -31.95
C LEU F 205 -22.95 26.39 -32.01
N THR F 206 -23.90 25.47 -32.18
CA THR F 206 -25.30 25.87 -32.25
C THR F 206 -26.24 24.82 -31.67
N LYS F 207 -27.47 25.24 -31.36
CA LYS F 207 -28.49 24.34 -30.81
C LYS F 207 -29.61 24.15 -31.81
N GLU F 208 -29.43 24.75 -32.99
CA GLU F 208 -30.41 24.68 -34.06
C GLU F 208 -30.18 23.39 -34.86
N PRO F 209 -31.10 22.42 -34.75
CA PRO F 209 -31.06 21.12 -35.43
C PRO F 209 -30.91 21.19 -36.94
N GLY F 210 -31.83 21.92 -37.56
CA GLY F 210 -31.85 22.06 -39.00
C GLY F 210 -30.52 22.20 -39.70
N VAL F 211 -29.82 23.28 -39.41
CA VAL F 211 -28.53 23.53 -40.03
C VAL F 211 -27.54 22.39 -39.85
N ILE F 212 -27.56 21.75 -38.69
CA ILE F 212 -26.66 20.65 -38.42
C ILE F 212 -26.98 19.46 -39.32
N GLU F 213 -28.27 19.13 -39.46
CA GLU F 213 -28.64 18.01 -40.31
C GLU F 213 -28.18 18.22 -41.75
N LYS F 214 -28.01 19.47 -42.16
CA LYS F 214 -27.59 19.78 -43.52
C LYS F 214 -26.08 19.77 -43.75
N ASN F 215 -25.34 20.49 -42.90
CA ASN F 215 -23.89 20.55 -43.05
C ASN F 215 -23.17 19.33 -42.47
N ARG F 216 -23.92 18.49 -41.77
CA ARG F 216 -23.39 17.26 -41.15
C ARG F 216 -22.25 17.47 -40.15
N ARG F 217 -22.10 18.70 -39.66
CA ARG F 217 -21.06 18.97 -38.68
C ARG F 217 -21.59 18.67 -37.28
N ILE F 218 -22.02 17.43 -37.08
CA ILE F 218 -22.58 17.04 -35.79
C ILE F 218 -21.49 17.00 -34.72
N LEU F 219 -21.80 17.62 -33.58
CA LEU F 219 -20.88 17.72 -32.45
C LEU F 219 -20.70 16.41 -31.68
N PRO F 220 -19.44 16.01 -31.41
CA PRO F 220 -19.20 14.77 -30.69
C PRO F 220 -19.53 14.96 -29.21
N GLY F 222 -19.10 15.34 -25.56
CA GLY F 222 -17.93 15.74 -24.82
C GLY F 222 -16.81 16.34 -25.65
N TYR F 223 -17.12 16.80 -26.85
CA TYR F 223 -16.14 17.43 -27.76
C TYR F 223 -15.00 16.51 -28.20
N TRP F 224 -13.78 16.79 -27.73
CA TRP F 224 -12.63 15.96 -28.10
C TRP F 224 -12.69 14.59 -27.43
N LYS F 225 -13.43 14.48 -26.32
CA LYS F 225 -13.51 13.20 -25.64
C LYS F 225 -14.27 12.17 -26.48
N GLY F 226 -15.49 12.52 -26.90
CA GLY F 226 -16.26 11.60 -27.71
C GLY F 226 -15.61 11.29 -29.03
N SER F 227 -14.87 12.26 -29.56
CA SER F 227 -14.17 12.11 -30.82
C SER F 227 -13.07 11.06 -30.64
N GLY F 228 -12.26 11.25 -29.61
CA GLY F 228 -11.18 10.31 -29.34
C GLY F 228 -11.65 8.92 -28.98
N SER F 230 -14.47 7.46 -30.09
CA SER F 230 -14.98 6.85 -31.31
C SER F 230 -13.83 6.20 -32.08
N ILE F 231 -12.72 6.92 -32.17
CA ILE F 231 -11.55 6.45 -32.88
C ILE F 231 -10.91 5.21 -32.23
N VAL F 232 -10.71 5.22 -30.91
CA VAL F 232 -10.13 4.05 -30.24
C VAL F 232 -11.05 2.84 -30.25
N LEU F 233 -12.37 3.08 -30.19
CA LEU F 233 -13.31 1.95 -30.22
C LEU F 233 -13.27 1.37 -31.63
N ASP F 234 -13.15 2.23 -32.63
CA ASP F 234 -13.09 1.79 -34.02
C ASP F 234 -11.81 0.95 -34.22
N ILE F 236 -10.15 -0.87 -31.93
CA ILE F 236 -10.29 -2.16 -31.25
C ILE F 236 -11.19 -3.07 -32.06
N ALA F 237 -12.33 -2.56 -32.50
CA ALA F 237 -13.27 -3.38 -33.27
C ALA F 237 -12.61 -3.89 -34.56
N THR F 238 -11.82 -3.03 -35.20
CA THR F 238 -11.15 -3.41 -36.42
C THR F 238 -10.04 -4.43 -36.15
N LEU F 239 -9.28 -4.23 -35.09
CA LEU F 239 -8.18 -5.14 -34.74
C LEU F 239 -8.58 -6.54 -34.26
N LEU F 240 -9.37 -6.60 -33.21
CA LEU F 240 -9.79 -7.89 -32.66
C LEU F 240 -10.53 -8.77 -33.66
N SER F 241 -11.25 -8.14 -34.59
CA SER F 241 -12.00 -8.90 -35.59
C SER F 241 -11.25 -8.93 -36.91
N ASP F 242 -10.15 -8.20 -36.97
CA ASP F 242 -9.39 -8.12 -38.20
C ASP F 242 -10.38 -7.85 -39.32
N GLY F 243 -11.17 -6.81 -39.12
CA GLY F 243 -12.17 -6.45 -40.10
C GLY F 243 -12.00 -5.05 -40.61
N ALA F 244 -13.11 -4.48 -41.05
CA ALA F 244 -13.14 -3.15 -41.61
C ALA F 244 -13.35 -2.04 -40.57
N SER F 245 -12.63 -0.94 -40.78
CA SER F 245 -12.71 0.20 -39.89
C SER F 245 -13.74 1.16 -40.46
N VAL F 246 -13.92 2.30 -39.81
CA VAL F 246 -14.88 3.29 -40.31
C VAL F 246 -14.43 3.75 -41.70
N ALA F 247 -13.12 3.85 -41.90
CA ALA F 247 -12.59 4.29 -43.18
C ALA F 247 -12.87 3.32 -44.31
N GLU F 248 -12.60 2.04 -44.05
CA GLU F 248 -12.81 1.01 -45.05
C GLU F 248 -14.26 0.90 -45.49
N VAL F 249 -15.17 0.89 -44.53
CA VAL F 249 -16.58 0.77 -44.84
C VAL F 249 -17.09 1.98 -45.64
N THR F 250 -16.70 3.16 -45.21
CA THR F 250 -17.13 4.40 -45.87
C THR F 250 -16.56 4.58 -47.29
N GLN F 251 -15.34 4.13 -47.53
CA GLN F 251 -14.72 4.29 -48.85
C GLN F 251 -14.77 3.09 -49.78
N ASP F 252 -14.78 1.89 -49.22
CA ASP F 252 -14.79 0.68 -50.01
C ASP F 252 -16.17 0.06 -50.20
N ASN F 253 -17.12 0.38 -49.33
CA ASN F 253 -18.46 -0.19 -49.45
C ASN F 253 -19.48 0.80 -49.97
N SER F 254 -20.45 0.32 -50.74
CA SER F 254 -21.48 1.18 -51.31
C SER F 254 -22.45 1.70 -50.27
N ASP F 255 -22.46 1.07 -49.10
CA ASP F 255 -23.33 1.51 -48.02
C ASP F 255 -22.82 0.97 -46.70
N GLU F 256 -23.51 1.33 -45.62
CA GLU F 256 -23.12 0.88 -44.30
C GLU F 256 -23.38 -0.61 -44.11
N TYR F 257 -22.34 -1.41 -44.25
CA TYR F 257 -22.39 -2.86 -44.07
C TYR F 257 -20.95 -3.36 -44.01
N GLY F 258 -20.75 -4.56 -43.48
CA GLY F 258 -19.40 -5.09 -43.38
C GLY F 258 -18.67 -4.47 -42.21
N ILE F 259 -19.45 -3.91 -41.29
CA ILE F 259 -18.90 -3.26 -40.10
C ILE F 259 -18.35 -4.26 -39.10
N SER F 260 -17.72 -3.72 -38.07
CA SER F 260 -17.11 -4.54 -37.04
C SER F 260 -17.75 -4.26 -35.69
N GLN F 261 -18.04 -5.32 -34.95
CA GLN F 261 -18.68 -5.21 -33.66
C GLN F 261 -17.97 -6.01 -32.55
N ILE F 262 -18.04 -5.50 -31.32
CA ILE F 262 -17.39 -6.18 -30.20
C ILE F 262 -18.45 -6.52 -29.17
N PHE F 263 -18.38 -7.73 -28.64
CA PHE F 263 -19.33 -8.17 -27.64
C PHE F 263 -18.57 -8.69 -26.42
N ILE F 264 -18.88 -8.14 -25.24
CA ILE F 264 -18.22 -8.56 -24.01
C ILE F 264 -19.18 -8.89 -22.89
N ALA F 265 -18.91 -9.99 -22.18
CA ALA F 265 -19.73 -10.40 -21.07
C ALA F 265 -18.83 -10.75 -19.89
N ILE F 266 -19.20 -10.28 -18.71
CA ILE F 266 -18.42 -10.54 -17.51
C ILE F 266 -19.28 -11.13 -16.40
N GLU F 267 -18.79 -12.24 -15.84
CA GLU F 267 -19.50 -12.93 -14.76
C GLU F 267 -19.42 -12.08 -13.50
N VAL F 268 -20.45 -12.16 -12.66
CA VAL F 268 -20.52 -11.40 -11.43
C VAL F 268 -20.70 -12.26 -10.17
N ASP F 269 -21.71 -13.11 -10.18
CA ASP F 269 -22.01 -13.94 -9.02
C ASP F 269 -20.92 -14.80 -8.45
N LYS F 270 -19.78 -14.89 -9.12
CA LYS F 270 -18.67 -15.69 -8.61
C LYS F 270 -17.57 -14.83 -7.99
N LEU F 271 -17.78 -13.51 -7.95
CA LEU F 271 -16.81 -12.60 -7.38
C LEU F 271 -17.39 -11.83 -6.20
N ILE F 272 -18.70 -11.98 -6.02
CA ILE F 272 -19.44 -11.31 -4.95
C ILE F 272 -20.79 -12.03 -4.74
N ASP F 273 -21.13 -12.32 -3.48
CA ASP F 273 -22.39 -13.03 -3.20
C ASP F 273 -23.60 -12.17 -3.54
N GLY F 274 -24.75 -12.83 -3.70
CA GLY F 274 -25.96 -12.13 -4.04
C GLY F 274 -26.38 -11.06 -3.06
N PRO F 275 -26.47 -11.37 -1.75
CA PRO F 275 -26.87 -10.36 -0.78
C PRO F 275 -26.01 -9.10 -0.82
N THR F 276 -24.69 -9.28 -0.93
CA THR F 276 -23.77 -8.15 -0.97
C THR F 276 -23.94 -7.36 -2.26
N ARG F 277 -24.15 -8.08 -3.35
CA ARG F 277 -24.34 -7.47 -4.66
C ARG F 277 -25.55 -6.55 -4.64
N ASP F 278 -26.70 -7.08 -4.24
CA ASP F 278 -27.92 -6.28 -4.20
C ASP F 278 -27.77 -5.09 -3.26
N ALA F 279 -27.16 -5.33 -2.10
CA ALA F 279 -26.97 -4.25 -1.13
C ALA F 279 -26.08 -3.16 -1.70
N LYS F 280 -24.88 -3.53 -2.13
CA LYS F 280 -23.95 -2.57 -2.69
C LYS F 280 -24.53 -1.81 -3.89
N LEU F 281 -25.15 -2.52 -4.83
CA LEU F 281 -25.73 -1.84 -5.98
C LEU F 281 -26.85 -0.92 -5.53
N GLN F 282 -27.60 -1.34 -4.52
CA GLN F 282 -28.71 -0.53 -4.01
C GLN F 282 -28.17 0.73 -3.37
N ARG F 283 -27.04 0.61 -2.70
CA ARG F 283 -26.46 1.76 -2.03
C ARG F 283 -26.02 2.78 -3.09
N ILE F 284 -25.51 2.27 -4.21
CA ILE F 284 -25.05 3.12 -5.28
C ILE F 284 -26.22 3.88 -5.86
N ASP F 286 -29.22 4.50 -4.59
CA ASP F 286 -29.89 5.42 -3.66
C ASP F 286 -29.06 6.68 -3.43
N TYR F 287 -27.73 6.56 -3.56
CA TYR F 287 -26.86 7.73 -3.35
C TYR F 287 -27.13 8.74 -4.45
N VAL F 288 -27.49 8.24 -5.63
CA VAL F 288 -27.79 9.10 -6.78
C VAL F 288 -29.18 9.68 -6.66
N THR F 289 -30.16 8.81 -6.43
CA THR F 289 -31.55 9.23 -6.34
C THR F 289 -31.84 10.22 -5.22
N SER F 290 -31.15 10.08 -4.10
CA SER F 290 -31.40 10.96 -2.96
C SER F 290 -30.56 12.22 -2.98
N ALA F 291 -29.87 12.45 -4.10
CA ALA F 291 -29.03 13.63 -4.27
C ALA F 291 -29.85 14.92 -4.28
N GLU F 292 -29.27 16.00 -3.76
CA GLU F 292 -29.96 17.28 -3.73
C GLU F 292 -30.18 17.69 -5.18
N ARG F 293 -31.44 17.90 -5.55
CA ARG F 293 -31.81 18.26 -6.92
C ARG F 293 -31.54 19.70 -7.34
N ALA F 294 -31.38 19.92 -8.64
CA ALA F 294 -31.18 21.26 -9.14
C ALA F 294 -32.58 21.84 -9.24
N ASP F 295 -33.51 20.97 -9.58
CA ASP F 295 -34.93 21.31 -9.73
C ASP F 295 -35.71 20.40 -8.77
N GLU F 296 -36.21 20.97 -7.67
CA GLU F 296 -36.97 20.21 -6.68
C GLU F 296 -38.00 19.21 -7.24
N ASN F 297 -38.63 19.53 -8.37
CA ASN F 297 -39.62 18.62 -8.95
C ASN F 297 -39.13 17.81 -10.14
N GLN F 298 -37.82 17.66 -10.26
CA GLN F 298 -37.21 16.91 -11.34
C GLN F 298 -36.31 15.82 -10.74
N ALA F 299 -36.84 14.61 -10.62
CA ALA F 299 -36.10 13.49 -10.04
C ALA F 299 -34.77 13.23 -10.73
N ILE F 300 -33.86 12.60 -10.00
CA ILE F 300 -32.55 12.27 -10.55
C ILE F 300 -32.65 10.88 -11.16
N ARG F 301 -32.66 10.84 -12.49
CA ARG F 301 -32.79 9.60 -13.23
C ARG F 301 -31.47 8.83 -13.41
N LEU F 302 -31.57 7.51 -13.34
CA LEU F 302 -30.42 6.63 -13.54
C LEU F 302 -30.51 6.17 -14.98
N PRO F 303 -29.37 5.90 -15.63
CA PRO F 303 -29.35 5.45 -17.03
C PRO F 303 -30.03 4.10 -17.30
N GLY F 304 -30.89 4.06 -18.32
CA GLY F 304 -31.55 2.82 -18.68
C GLY F 304 -32.79 2.44 -17.87
N HIS F 305 -32.96 3.05 -16.70
CA HIS F 305 -34.10 2.75 -15.86
C HIS F 305 -35.43 3.06 -16.56
N GLU F 306 -35.42 3.99 -17.51
CA GLU F 306 -36.63 4.34 -18.23
C GLU F 306 -37.13 3.19 -19.10
N PHE F 307 -36.23 2.29 -19.50
CA PHE F 307 -36.64 1.17 -20.36
C PHE F 307 -37.62 0.23 -19.68
N THR F 308 -37.29 -0.18 -18.47
CA THR F 308 -38.15 -1.09 -17.72
C THR F 308 -39.56 -0.52 -17.62
N THR F 309 -39.66 0.81 -17.59
CA THR F 309 -40.95 1.48 -17.50
C THR F 309 -41.66 1.51 -18.83
N LEU F 310 -40.94 1.90 -19.88
CA LEU F 310 -41.48 1.98 -21.23
C LEU F 310 -42.11 0.65 -21.65
N LEU F 311 -41.44 -0.44 -21.33
CA LEU F 311 -41.93 -1.78 -21.68
C LEU F 311 -43.23 -2.08 -20.97
N ALA F 312 -43.34 -1.60 -19.73
CA ALA F 312 -44.52 -1.82 -18.93
C ALA F 312 -45.74 -1.19 -19.57
N GLU F 313 -45.58 0.00 -20.13
CA GLU F 313 -46.69 0.67 -20.77
C GLU F 313 -47.16 -0.05 -22.04
N ASN F 314 -46.21 -0.35 -22.92
CA ASN F 314 -46.56 -1.04 -24.16
C ASN F 314 -46.88 -2.50 -23.90
N ARG F 315 -47.02 -2.85 -22.63
CA ARG F 315 -47.33 -4.22 -22.23
C ARG F 315 -48.82 -4.36 -21.95
N ARG F 316 -49.43 -3.26 -21.49
CA ARG F 316 -50.85 -3.26 -21.16
C ARG F 316 -51.64 -2.25 -21.98
N ASN F 317 -51.10 -1.05 -22.13
CA ASN F 317 -51.78 0.00 -22.88
C ASN F 317 -51.81 -0.32 -24.38
N GLY F 318 -50.80 -1.04 -24.87
CA GLY F 318 -50.73 -1.38 -26.27
C GLY F 318 -49.55 -0.73 -26.97
N ILE F 319 -49.24 -1.16 -28.19
CA ILE F 319 -48.12 -0.62 -28.94
C ILE F 319 -48.55 0.55 -29.82
N THR F 320 -47.91 1.70 -29.63
CA THR F 320 -48.23 2.88 -30.42
C THR F 320 -47.09 3.19 -31.39
N VAL F 321 -47.38 3.19 -32.69
CA VAL F 321 -46.36 3.48 -33.71
C VAL F 321 -46.79 4.68 -34.54
N ASP F 322 -45.92 5.17 -35.41
CA ASP F 322 -46.24 6.32 -36.26
C ASP F 322 -46.97 5.89 -37.53
N ASP F 323 -48.14 6.47 -37.77
CA ASP F 323 -48.92 6.14 -38.96
C ASP F 323 -48.09 6.20 -40.23
N SER F 324 -47.28 7.26 -40.36
CA SER F 324 -46.43 7.43 -41.52
C SER F 324 -45.50 6.25 -41.68
N VAL F 325 -45.05 5.70 -40.55
CA VAL F 325 -44.15 4.56 -40.57
C VAL F 325 -44.88 3.30 -40.98
N TRP F 326 -46.04 3.09 -40.40
CA TRP F 326 -46.84 1.90 -40.69
C TRP F 326 -47.22 1.87 -42.17
N ALA F 327 -47.50 3.04 -42.73
CA ALA F 327 -47.87 3.14 -44.14
C ALA F 327 -46.68 2.77 -45.01
N LYS F 328 -45.50 3.15 -44.54
CA LYS F 328 -44.25 2.89 -45.25
C LYS F 328 -43.99 1.39 -45.27
N ILE F 329 -44.27 0.74 -44.15
CA ILE F 329 -44.04 -0.70 -44.04
C ILE F 329 -45.00 -1.46 -44.95
N GLN F 330 -46.28 -1.12 -44.88
CA GLN F 330 -47.29 -1.75 -45.71
C GLN F 330 -47.03 -1.42 -47.18
N ALA F 331 -46.33 -0.31 -47.41
CA ALA F 331 -45.99 0.13 -48.77
C ALA F 331 -45.00 -0.84 -49.40
N LEU F 332 -43.96 -1.18 -48.66
CA LEU F 332 -42.95 -2.13 -49.14
C LEU F 332 -43.65 -3.43 -49.51
N LEU F 333 -44.72 -3.73 -48.78
CA LEU F 333 -45.50 -4.95 -48.98
C LEU F 333 -46.29 -4.90 -50.29
N LYS G 2 -0.64 2.04 17.48
CA LYS G 2 0.50 2.89 17.19
C LYS G 2 0.18 3.80 16.01
N VAL G 3 0.38 5.10 16.20
CA VAL G 3 0.12 6.06 15.16
C VAL G 3 1.25 7.07 15.05
N THR G 4 1.42 7.65 13.88
CA THR G 4 2.46 8.65 13.66
C THR G 4 1.93 10.00 14.11
N PHE G 5 2.83 10.94 14.38
CA PHE G 5 2.44 12.28 14.81
C PHE G 5 1.43 12.89 13.84
N GLU G 6 1.77 12.88 12.55
CA GLU G 6 0.91 13.43 11.51
C GLU G 6 -0.43 12.70 11.43
N GLN G 7 -0.37 11.38 11.49
CA GLN G 7 -1.58 10.57 11.44
C GLN G 7 -2.49 10.96 12.61
N LEU G 8 -1.87 11.32 13.74
CA LEU G 8 -2.62 11.71 14.94
C LEU G 8 -3.27 13.08 14.73
N LYS G 9 -2.45 14.07 14.39
CA LYS G 9 -2.95 15.43 14.16
C LYS G 9 -4.03 15.43 13.08
N ALA G 10 -3.85 14.59 12.08
CA ALA G 10 -4.82 14.47 10.99
C ALA G 10 -6.19 14.12 11.57
N ALA G 11 -6.23 13.14 12.47
CA ALA G 11 -7.48 12.72 13.10
C ALA G 11 -8.14 13.90 13.83
N PHE G 12 -7.38 14.56 14.70
CA PHE G 12 -7.86 15.72 15.47
C PHE G 12 -8.42 16.80 14.53
N ASN G 13 -7.68 17.09 13.48
CA ASN G 13 -8.08 18.09 12.50
C ASN G 13 -9.36 17.67 11.76
N ARG G 14 -9.38 16.44 11.25
CA ARG G 14 -10.55 15.95 10.53
C ARG G 14 -11.81 16.08 11.38
N VAL G 15 -11.68 15.92 12.69
CA VAL G 15 -12.84 16.03 13.58
C VAL G 15 -13.19 17.47 13.87
N LEU G 16 -12.19 18.30 14.08
CA LEU G 16 -12.41 19.71 14.37
C LEU G 16 -13.16 20.42 13.25
N ILE G 17 -12.63 20.36 12.04
CA ILE G 17 -13.29 21.02 10.90
C ILE G 17 -14.69 20.46 10.72
N SER G 18 -14.84 19.17 10.98
CA SER G 18 -16.12 18.50 10.84
C SER G 18 -17.14 18.99 11.89
N ARG G 19 -16.66 19.65 12.93
CA ARG G 19 -17.56 20.18 13.96
C ARG G 19 -17.75 21.68 13.84
N GLY G 20 -17.38 22.23 12.68
CA GLY G 20 -17.55 23.66 12.45
C GLY G 20 -16.39 24.56 12.84
N VAL G 21 -15.19 23.98 12.92
CA VAL G 21 -14.02 24.77 13.28
C VAL G 21 -13.24 25.07 12.00
N ASP G 22 -12.96 26.35 11.77
CA ASP G 22 -12.21 26.76 10.57
C ASP G 22 -10.86 26.05 10.49
N SER G 23 -10.43 25.72 9.28
CA SER G 23 -9.15 25.03 9.10
C SER G 23 -8.05 25.74 9.88
N GLU G 24 -8.13 27.07 9.91
CA GLU G 24 -7.17 27.90 10.62
C GLU G 24 -6.93 27.41 12.04
N THR G 25 -7.89 27.67 12.91
CA THR G 25 -7.79 27.28 14.31
C THR G 25 -7.80 25.76 14.48
N ALA G 26 -8.47 25.05 13.57
CA ALA G 26 -8.51 23.60 13.65
C ALA G 26 -7.11 23.02 13.57
N ASP G 27 -6.30 23.61 12.70
CA ASP G 27 -4.93 23.14 12.55
C ASP G 27 -4.11 23.42 13.80
N ALA G 28 -4.27 24.63 14.34
CA ALA G 28 -3.54 25.02 15.54
C ALA G 28 -3.90 24.10 16.69
N CYS G 29 -5.21 23.93 16.91
CA CYS G 29 -5.70 23.10 17.99
C CYS G 29 -5.22 21.65 17.87
N ALA G 30 -5.32 21.11 16.65
CA ALA G 30 -4.90 19.74 16.38
C ALA G 30 -3.41 19.60 16.63
N GLU G 31 -2.67 20.66 16.31
CA GLU G 31 -1.23 20.70 16.50
C GLU G 31 -0.92 20.56 17.98
N PHE G 33 -2.93 19.46 20.49
CA PHE G 33 -3.38 18.17 20.99
C PHE G 33 -2.40 17.06 20.65
N ALA G 34 -1.82 17.11 19.46
CA ALA G 34 -0.86 16.11 19.02
C ALA G 34 0.50 16.28 19.72
N ARG G 35 0.93 17.52 19.90
CA ARG G 35 2.19 17.79 20.57
C ARG G 35 2.07 17.33 22.02
N THR G 36 0.94 17.62 22.64
CA THR G 36 0.73 17.21 24.02
C THR G 36 0.89 15.71 24.17
N THR G 37 0.27 14.96 23.26
CA THR G 37 0.34 13.51 23.27
C THR G 37 1.77 13.02 23.08
N GLU G 38 2.45 13.57 22.07
CA GLU G 38 3.81 13.18 21.77
C GLU G 38 4.78 13.44 22.92
N SER G 39 4.39 14.32 23.84
CA SER G 39 5.25 14.64 24.98
C SER G 39 4.99 13.67 26.12
N GLY G 40 4.04 12.76 25.92
CA GLY G 40 3.74 11.78 26.95
C GLY G 40 2.55 12.10 27.82
N VAL G 41 1.94 13.26 27.63
CA VAL G 41 0.77 13.62 28.43
C VAL G 41 -0.48 13.14 27.69
N TYR G 42 -0.78 11.86 27.83
CA TYR G 42 -1.94 11.27 27.17
C TYR G 42 -3.25 11.70 27.84
N SER G 43 -3.25 11.72 29.16
CA SER G 43 -4.44 12.09 29.94
C SER G 43 -5.10 13.37 29.45
N HIS G 44 -4.27 14.38 29.17
CA HIS G 44 -4.76 15.67 28.70
C HIS G 44 -4.44 15.91 27.24
N GLY G 45 -4.20 14.82 26.53
CA GLY G 45 -3.90 14.88 25.11
C GLY G 45 -4.95 14.13 24.33
N VAL G 46 -4.53 13.10 23.61
CA VAL G 46 -5.46 12.31 22.82
C VAL G 46 -6.63 11.80 23.67
N ASN G 47 -6.36 11.44 24.92
CA ASN G 47 -7.40 10.93 25.81
C ASN G 47 -8.47 11.98 26.19
N ARG G 48 -8.13 13.26 26.09
CA ARG G 48 -9.09 14.28 26.45
C ARG G 48 -9.84 14.87 25.25
N PHE G 49 -9.34 14.61 24.05
CA PHE G 49 -9.95 15.14 22.84
C PHE G 49 -11.45 14.87 22.79
N PRO G 50 -11.87 13.61 23.06
CA PRO G 50 -13.29 13.24 23.05
C PRO G 50 -14.12 14.16 23.94
N ARG G 51 -13.65 14.38 25.15
CA ARG G 51 -14.34 15.24 26.11
C ARG G 51 -14.37 16.68 25.58
N PHE G 52 -13.23 17.12 25.04
CA PHE G 52 -13.10 18.46 24.47
C PHE G 52 -14.14 18.68 23.38
N ILE G 53 -14.18 17.78 22.42
CA ILE G 53 -15.13 17.87 21.33
C ILE G 53 -16.56 17.94 21.84
N GLN G 54 -16.88 17.11 22.84
CA GLN G 54 -18.23 17.12 23.42
C GLN G 54 -18.61 18.50 23.90
N GLN G 55 -17.71 19.16 24.64
CA GLN G 55 -17.97 20.49 25.18
C GLN G 55 -18.05 21.53 24.06
N LEU G 56 -17.32 21.29 22.97
CA LEU G 56 -17.34 22.20 21.84
C LEU G 56 -18.70 22.09 21.17
N GLU G 57 -19.23 20.88 21.13
CA GLU G 57 -20.53 20.62 20.53
C GLU G 57 -21.66 21.17 21.39
N ASN G 58 -21.52 21.07 22.71
CA ASN G 58 -22.56 21.57 23.60
C ASN G 58 -22.65 23.10 23.61
N GLY G 59 -21.63 23.77 23.07
CA GLY G 59 -21.64 25.22 23.04
C GLY G 59 -20.79 25.85 24.14
N ASP G 60 -20.18 25.01 24.97
CA ASP G 60 -19.33 25.49 26.06
C ASP G 60 -18.21 26.36 25.47
N ILE G 61 -17.73 25.96 24.30
CA ILE G 61 -16.65 26.65 23.62
C ILE G 61 -17.14 27.32 22.34
N ILE G 62 -16.50 28.44 22.00
CA ILE G 62 -16.85 29.19 20.80
C ILE G 62 -15.62 29.29 19.89
N PRO G 63 -15.53 28.42 18.87
CA PRO G 63 -14.41 28.38 17.92
C PRO G 63 -13.93 29.75 17.43
N ASP G 64 -14.86 30.54 16.89
CA ASP G 64 -14.51 31.86 16.37
C ASP G 64 -14.02 32.82 17.44
N ALA G 65 -14.50 32.62 18.68
CA ALA G 65 -14.12 33.49 19.78
C ALA G 65 -12.61 33.65 19.85
N GLN G 66 -12.17 34.82 20.31
CA GLN G 66 -10.74 35.08 20.40
C GLN G 66 -10.48 35.99 21.61
N PRO G 67 -9.34 35.81 22.29
CA PRO G 67 -8.98 36.62 23.46
C PRO G 67 -9.10 38.11 23.18
N LYS G 68 -9.40 38.89 24.22
CA LYS G 68 -9.55 40.34 24.10
C LYS G 68 -9.11 40.99 25.39
N ARG G 69 -8.15 41.91 25.30
CA ARG G 69 -7.66 42.60 26.49
C ARG G 69 -8.74 43.52 27.07
N ILE G 70 -8.73 43.66 28.40
CA ILE G 70 -9.70 44.49 29.11
C ILE G 70 -9.03 45.67 29.80
N THR G 71 -8.04 45.38 30.64
CA THR G 71 -7.33 46.43 31.37
C THR G 71 -5.82 46.23 31.33
N SER G 72 -5.09 47.33 31.16
CA SER G 72 -3.63 47.28 31.12
C SER G 72 -3.08 48.15 32.24
N LEU G 73 -2.45 47.51 33.22
CA LEU G 73 -1.89 48.23 34.37
C LEU G 73 -0.37 48.13 34.42
N GLY G 74 0.26 48.04 33.25
CA GLY G 74 1.71 47.94 33.19
C GLY G 74 2.23 46.52 33.08
N ALA G 75 2.69 45.98 34.20
CA ALA G 75 3.23 44.62 34.23
C ALA G 75 2.10 43.60 34.25
N ILE G 76 0.91 44.05 34.67
CA ILE G 76 -0.26 43.20 34.74
C ILE G 76 -1.27 43.54 33.65
N GLU G 77 -1.96 42.54 33.14
CA GLU G 77 -2.96 42.76 32.09
C GLU G 77 -4.16 41.83 32.26
N GLN G 78 -5.35 42.41 32.34
CA GLN G 78 -6.56 41.63 32.49
C GLN G 78 -7.14 41.37 31.10
N TRP G 79 -7.44 40.12 30.81
CA TRP G 79 -7.98 39.73 29.52
C TRP G 79 -9.28 38.96 29.63
N ASP G 80 -10.01 38.90 28.53
CA ASP G 80 -11.26 38.17 28.48
C ASP G 80 -11.11 37.10 27.42
N ALA G 81 -11.27 35.84 27.82
CA ALA G 81 -11.14 34.72 26.89
C ALA G 81 -12.37 34.60 25.99
N GLN G 82 -13.50 35.08 26.48
CA GLN G 82 -14.73 35.04 25.70
C GLN G 82 -15.16 33.63 25.28
N ARG G 83 -14.93 32.66 26.16
CA ARG G 83 -15.30 31.28 25.90
C ARG G 83 -14.61 30.68 24.68
N SER G 84 -13.41 31.17 24.38
CA SER G 84 -12.64 30.67 23.25
C SER G 84 -11.96 29.33 23.57
N ILE G 85 -11.39 28.69 22.55
CA ILE G 85 -10.69 27.41 22.68
C ILE G 85 -9.68 27.49 23.83
N GLY G 86 -9.72 26.51 24.72
CA GLY G 86 -8.83 26.50 25.87
C GLY G 86 -7.33 26.60 25.62
N ASN G 87 -6.75 25.60 24.98
CA ASN G 87 -5.32 25.61 24.73
C ASN G 87 -4.83 26.79 23.89
N LEU G 88 -5.44 27.03 22.74
CA LEU G 88 -5.03 28.14 21.88
C LEU G 88 -4.97 29.48 22.62
N THR G 89 -6.04 29.84 23.32
CA THR G 89 -6.07 31.10 24.06
C THR G 89 -5.04 31.14 25.17
N ALA G 90 -4.88 30.03 25.90
CA ALA G 90 -3.92 29.98 26.98
C ALA G 90 -2.50 30.16 26.45
N LYS G 91 -2.22 29.56 25.31
CA LYS G 91 -0.90 29.68 24.68
C LYS G 91 -0.65 31.15 24.32
N LYS G 92 -1.68 31.81 23.80
CA LYS G 92 -1.56 33.21 23.41
C LYS G 92 -1.41 34.09 24.65
N ASP G 95 2.09 33.87 26.00
CA ASP G 95 2.98 34.59 25.10
C ASP G 95 2.85 36.08 25.39
N ARG G 96 1.66 36.50 25.80
CA ARG G 96 1.46 37.90 26.13
C ARG G 96 2.16 38.23 27.45
N ALA G 97 2.21 37.28 28.37
CA ALA G 97 2.87 37.55 29.65
C ALA G 97 4.38 37.61 29.44
N ILE G 98 4.85 36.92 28.41
CA ILE G 98 6.27 36.90 28.08
C ILE G 98 6.68 38.28 27.55
N GLU G 99 5.86 38.84 26.67
CA GLU G 99 6.14 40.16 26.11
C GLU G 99 6.18 41.18 27.24
N LEU G 100 5.22 41.07 28.15
CA LEU G 100 5.19 41.99 29.27
C LEU G 100 6.44 41.82 30.11
N ALA G 101 6.89 40.57 30.27
CA ALA G 101 8.09 40.30 31.06
C ALA G 101 9.36 40.84 30.39
N ALA G 102 9.42 40.76 29.07
CA ALA G 102 10.56 41.25 28.34
C ALA G 102 10.71 42.76 28.48
N ASP G 103 9.65 43.43 28.88
CA ASP G 103 9.67 44.88 29.04
C ASP G 103 9.68 45.34 30.50
N HIS G 104 9.03 44.58 31.37
CA HIS G 104 8.97 44.95 32.77
C HIS G 104 9.74 44.01 33.69
N GLY G 105 10.32 42.95 33.14
CA GLY G 105 11.08 42.01 33.95
C GLY G 105 10.17 40.90 34.43
N ILE G 106 8.89 41.22 34.55
CA ILE G 106 7.91 40.25 34.96
C ILE G 106 6.56 40.62 34.37
N GLY G 107 5.84 39.61 33.90
CA GLY G 107 4.54 39.84 33.29
C GLY G 107 3.50 38.89 33.86
N LEU G 108 2.27 39.39 34.02
CA LEU G 108 1.18 38.59 34.56
C LEU G 108 -0.09 38.85 33.79
N VAL G 109 -0.72 37.79 33.32
CA VAL G 109 -1.96 37.94 32.59
C VAL G 109 -3.05 37.20 33.35
N ALA G 110 -4.15 37.89 33.62
CA ALA G 110 -5.30 37.29 34.31
C ALA G 110 -6.42 37.16 33.28
N LEU G 111 -6.81 35.93 33.00
CA LEU G 111 -7.85 35.63 32.00
C LEU G 111 -9.15 35.09 32.59
N ARG G 112 -10.28 35.69 32.21
CA ARG G 112 -11.57 35.21 32.70
C ARG G 112 -12.41 34.65 31.56
N ASN G 113 -13.52 33.99 31.90
CA ASN G 113 -14.42 33.40 30.92
C ASN G 113 -13.66 32.49 29.96
N ALA G 114 -12.69 31.75 30.49
CA ALA G 114 -11.89 30.84 29.67
C ALA G 114 -12.39 29.41 29.74
N ASN G 115 -11.87 28.56 28.86
CA ASN G 115 -12.26 27.15 28.86
C ASN G 115 -11.06 26.33 29.32
N HIS G 116 -11.32 25.09 29.72
CA HIS G 116 -10.28 24.18 30.19
C HIS G 116 -9.08 24.28 29.26
N TRP G 117 -7.90 24.59 29.82
CA TRP G 117 -6.70 24.73 29.00
C TRP G 117 -5.95 23.44 28.68
N ARG G 119 -3.55 20.87 29.06
CA ARG G 119 -2.33 20.66 29.87
C ARG G 119 -1.66 21.95 30.32
N GLY G 120 -1.84 22.29 31.60
CA GLY G 120 -1.24 23.51 32.13
C GLY G 120 0.25 23.60 31.89
N GLY G 121 0.94 22.46 31.96
CA GLY G 121 2.36 22.44 31.75
C GLY G 121 2.82 22.95 30.38
N SER G 122 1.96 22.91 29.38
CA SER G 122 2.34 23.37 28.05
C SER G 122 2.75 24.85 28.04
N TYR G 123 2.00 25.66 28.79
CA TYR G 123 2.25 27.10 28.87
C TYR G 123 3.44 27.44 29.75
N GLY G 124 3.64 26.66 30.80
CA GLY G 124 4.78 26.92 31.66
C GLY G 124 6.02 26.55 30.87
N TRP G 125 5.89 25.48 30.09
CA TRP G 125 6.96 24.95 29.26
C TRP G 125 7.31 25.87 28.10
N GLN G 126 6.30 26.44 27.44
CA GLN G 126 6.59 27.32 26.32
C GLN G 126 7.39 28.52 26.82
N ALA G 127 7.21 28.86 28.09
CA ALA G 127 7.94 29.99 28.67
C ALA G 127 9.38 29.58 28.95
N ALA G 128 9.55 28.42 29.58
CA ALA G 128 10.89 27.97 29.89
C ALA G 128 11.71 27.82 28.61
N GLU G 129 11.08 27.38 27.51
CA GLU G 129 11.83 27.23 26.26
C GLU G 129 12.30 28.58 25.75
N LYS G 130 11.60 29.63 26.14
CA LYS G 130 11.93 30.99 25.73
C LYS G 130 12.96 31.62 26.64
N GLY G 131 13.44 30.87 27.63
CA GLY G 131 14.43 31.40 28.55
C GLY G 131 13.86 32.07 29.78
N TYR G 132 12.54 32.19 29.83
CA TYR G 132 11.86 32.81 30.96
C TYR G 132 11.40 31.76 31.97
N ILE G 133 11.08 32.21 33.18
CA ILE G 133 10.58 31.32 34.21
C ILE G 133 9.06 31.41 34.00
N GLY G 134 8.38 30.27 34.00
CA GLY G 134 6.95 30.28 33.79
C GLY G 134 6.18 29.71 34.97
N ILE G 135 5.10 30.40 35.33
CA ILE G 135 4.24 30.00 36.42
C ILE G 135 2.81 30.24 35.98
N CYS G 136 1.93 29.26 36.19
CA CYS G 136 0.55 29.47 35.80
C CYS G 136 -0.37 28.49 36.49
N TRP G 137 -1.64 28.88 36.59
CA TRP G 137 -2.62 28.04 37.23
C TRP G 137 -4.01 28.46 36.77
N THR G 138 -4.99 27.61 37.01
CA THR G 138 -6.36 27.88 36.61
C THR G 138 -7.24 27.29 37.68
N ASN G 139 -8.53 27.61 37.66
CA ASN G 139 -9.45 27.02 38.62
C ASN G 139 -10.32 26.03 37.86
N SER G 140 -11.35 25.48 38.51
CA SER G 140 -12.20 24.51 37.85
C SER G 140 -13.50 24.39 38.61
N ILE G 141 -14.32 23.41 38.24
CA ILE G 141 -15.57 23.20 38.92
C ILE G 141 -15.24 22.51 40.25
N ALA G 142 -16.18 22.50 41.18
CA ALA G 142 -15.94 21.85 42.46
C ALA G 142 -15.88 20.34 42.19
N VAL G 143 -14.73 19.73 42.43
CA VAL G 143 -14.55 18.30 42.20
C VAL G 143 -13.86 17.63 43.38
N PRO G 145 -13.53 17.93 48.00
CA PRO G 145 -14.01 18.55 49.23
C PRO G 145 -12.89 19.27 49.96
N PRO G 146 -13.19 20.44 50.55
CA PRO G 146 -12.16 21.17 51.27
C PRO G 146 -11.79 20.34 52.50
N TRP G 147 -10.62 20.59 53.08
CA TRP G 147 -10.21 19.81 54.24
C TRP G 147 -11.20 19.93 55.40
N GLY G 148 -11.73 18.78 55.83
CA GLY G 148 -12.70 18.77 56.91
C GLY G 148 -14.12 18.49 56.44
N ALA G 149 -14.32 18.62 55.12
CA ALA G 149 -15.64 18.40 54.53
C ALA G 149 -15.72 17.07 53.81
N LYS G 150 -16.93 16.65 53.48
CA LYS G 150 -17.11 15.40 52.74
C LYS G 150 -17.83 15.75 51.46
N GLU G 151 -18.03 17.03 51.20
CA GLU G 151 -18.72 17.45 49.98
C GLU G 151 -17.73 18.25 49.11
N CYS G 152 -17.78 18.06 47.81
CA CYS G 152 -16.88 18.78 46.91
C CYS G 152 -17.25 20.26 46.84
N ARG G 153 -16.28 21.11 47.20
CA ARG G 153 -16.51 22.56 47.18
C ARG G 153 -15.30 23.35 46.69
N ILE G 154 -14.22 22.65 46.35
CA ILE G 154 -13.01 23.31 45.85
C ILE G 154 -12.55 22.63 44.59
N GLY G 155 -11.72 23.32 43.81
CA GLY G 155 -11.23 22.77 42.57
C GLY G 155 -9.83 22.20 42.63
N THR G 156 -9.43 21.51 41.56
CA THR G 156 -8.12 20.90 41.47
C THR G 156 -7.05 21.97 41.24
N ASN G 157 -7.46 23.11 40.69
CA ASN G 157 -6.57 24.24 40.46
C ASN G 157 -5.08 23.86 40.39
N PRO G 158 -4.63 23.36 39.22
CA PRO G 158 -3.23 22.96 39.03
C PRO G 158 -2.26 24.12 39.02
N LEU G 159 -1.15 23.95 39.72
CA LEU G 159 -0.11 24.96 39.75
C LEU G 159 1.05 24.45 38.89
N ILE G 160 1.50 25.28 37.96
CA ILE G 160 2.59 24.95 37.05
C ILE G 160 3.76 25.91 37.30
N VAL G 161 4.96 25.36 37.46
CA VAL G 161 6.16 26.17 37.68
C VAL G 161 7.26 25.50 36.85
N ALA G 162 7.71 26.22 35.82
CA ALA G 162 8.74 25.75 34.91
C ALA G 162 9.99 26.64 34.98
N ILE G 163 11.15 25.99 34.88
CA ILE G 163 12.44 26.66 34.96
C ILE G 163 13.26 26.42 33.70
N PRO G 164 13.83 27.48 33.12
CA PRO G 164 14.64 27.42 31.91
C PRO G 164 15.99 26.72 32.11
N SER G 165 15.95 25.51 32.66
CA SER G 165 17.16 24.73 32.88
C SER G 165 17.30 23.71 31.76
N THR G 166 18.33 22.87 31.82
CA THR G 166 18.57 21.84 30.82
C THR G 166 18.80 20.51 31.51
N PRO G 167 17.83 19.58 31.42
CA PRO G 167 16.55 19.71 30.73
C PRO G 167 15.65 20.66 31.49
N ILE G 168 14.54 21.05 30.88
CA ILE G 168 13.60 21.96 31.53
C ILE G 168 13.06 21.27 32.79
N THR G 169 13.11 21.99 33.92
CA THR G 169 12.63 21.46 35.18
C THR G 169 11.27 22.11 35.42
N VAL G 171 7.16 21.68 37.34
CA VAL G 171 6.18 21.06 38.19
C VAL G 171 4.81 21.39 37.61
N ASP G 172 4.01 20.37 37.38
CA ASP G 172 2.66 20.54 36.86
C ASP G 172 1.85 19.63 37.76
N SER G 174 -1.73 18.88 40.37
CA SER G 174 -3.10 19.14 40.77
C SER G 174 -3.08 19.27 42.29
N SER G 176 -5.18 18.00 44.05
CA SER G 176 -5.68 16.71 44.52
C SER G 176 -4.52 15.72 44.36
N PHE G 178 -4.13 12.62 43.75
CA PHE G 178 -4.26 11.86 42.52
C PHE G 178 -5.37 12.49 41.69
N SER G 179 -5.33 12.31 40.38
CA SER G 179 -6.36 12.84 39.50
C SER G 179 -7.39 11.73 39.30
N TYR G 180 -8.65 12.08 39.02
CA TYR G 180 -9.65 11.05 38.81
C TYR G 180 -9.24 10.12 37.67
N GLY G 181 -8.48 10.64 36.72
CA GLY G 181 -8.02 9.81 35.62
C GLY G 181 -7.14 8.70 36.13
N LEU G 183 -7.19 7.43 39.07
CA LEU G 183 -7.98 6.49 39.85
C LEU G 183 -8.56 5.46 38.90
N GLU G 184 -9.04 5.92 37.76
CA GLU G 184 -9.61 5.03 36.76
C GLU G 184 -8.58 4.03 36.27
N VAL G 185 -7.39 4.53 35.97
CA VAL G 185 -6.31 3.69 35.47
C VAL G 185 -6.08 2.51 36.41
N ASN G 186 -5.89 2.80 37.68
CA ASN G 186 -5.67 1.76 38.68
C ASN G 186 -6.88 0.84 38.83
N ARG G 187 -8.08 1.41 38.76
CA ARG G 187 -9.30 0.61 38.88
C ARG G 187 -9.44 -0.36 37.71
N LEU G 188 -9.18 0.12 36.51
CA LEU G 188 -9.29 -0.73 35.33
C LEU G 188 -8.28 -1.85 35.43
N ALA G 189 -7.10 -1.53 35.97
CA ALA G 189 -6.03 -2.48 36.14
C ALA G 189 -6.19 -3.33 37.40
N GLY G 190 -7.17 -2.98 38.23
CA GLY G 190 -7.41 -3.71 39.46
C GLY G 190 -6.33 -3.49 40.49
N ARG G 191 -5.66 -2.35 40.41
CA ARG G 191 -4.60 -1.99 41.34
C ARG G 191 -5.06 -1.03 42.41
N GLN G 192 -4.29 -0.96 43.49
CA GLN G 192 -4.58 -0.04 44.59
C GLN G 192 -3.66 1.16 44.41
N LEU G 193 -4.08 2.31 44.92
CA LEU G 193 -3.27 3.52 44.82
C LEU G 193 -2.02 3.33 45.67
N PRO G 194 -0.87 3.79 45.19
CA PRO G 194 0.39 3.65 45.94
C PRO G 194 0.33 4.25 47.33
N VAL G 195 -0.55 5.23 47.51
CA VAL G 195 -0.75 5.88 48.79
C VAL G 195 -2.20 6.33 48.87
N ASP G 196 -2.63 6.69 50.07
CA ASP G 196 -4.00 7.14 50.27
C ASP G 196 -4.34 8.23 49.28
N GLY G 197 -5.50 8.08 48.63
CA GLY G 197 -5.92 9.06 47.64
C GLY G 197 -7.35 9.52 47.84
N GLY G 198 -7.96 9.11 48.94
CA GLY G 198 -9.33 9.52 49.17
C GLY G 198 -9.88 8.92 50.45
N PHE G 199 -11.15 9.22 50.72
CA PHE G 199 -11.86 8.75 51.91
C PHE G 199 -12.98 7.78 51.54
N ASP G 200 -13.24 6.79 52.39
CA ASP G 200 -14.32 5.87 52.11
C ASP G 200 -15.63 6.41 52.67
N ASP G 201 -16.68 5.60 52.60
CA ASP G 201 -17.99 6.00 53.09
C ASP G 201 -18.05 6.00 54.62
N GLU G 202 -16.90 6.19 55.25
CA GLU G 202 -16.80 6.19 56.71
C GLU G 202 -15.83 7.26 57.19
N GLY G 203 -15.38 8.10 56.26
CA GLY G 203 -14.44 9.15 56.61
C GLY G 203 -13.04 8.64 56.90
N ASN G 204 -12.70 7.46 56.39
CA ASN G 204 -11.36 6.90 56.60
C ASN G 204 -10.54 6.90 55.31
N LEU G 205 -9.26 7.27 55.42
CA LEU G 205 -8.36 7.30 54.28
C LEU G 205 -8.38 5.94 53.59
N THR G 206 -8.37 5.95 52.26
CA THR G 206 -8.38 4.70 51.52
C THR G 206 -7.51 4.75 50.28
N LYS G 207 -7.18 3.58 49.77
CA LYS G 207 -6.36 3.47 48.59
C LYS G 207 -7.19 2.89 47.45
N GLU G 208 -8.42 2.52 47.76
CA GLU G 208 -9.32 1.94 46.76
C GLU G 208 -9.89 3.02 45.86
N PRO G 209 -9.60 2.95 44.55
CA PRO G 209 -10.07 3.91 43.55
C PRO G 209 -11.59 3.98 43.40
N GLY G 210 -12.21 2.82 43.20
CA GLY G 210 -13.65 2.79 43.02
C GLY G 210 -14.43 3.47 44.13
N VAL G 211 -13.94 3.34 45.35
CA VAL G 211 -14.59 3.95 46.50
C VAL G 211 -14.56 5.46 46.36
N ILE G 212 -13.42 5.98 45.91
CA ILE G 212 -13.25 7.41 45.75
C ILE G 212 -14.06 7.93 44.57
N GLU G 213 -14.07 7.17 43.49
CA GLU G 213 -14.79 7.56 42.29
C GLU G 213 -16.29 7.63 42.55
N LYS G 214 -16.75 6.87 43.52
CA LYS G 214 -18.18 6.83 43.87
C LYS G 214 -18.61 8.01 44.74
N ASN G 215 -17.93 8.20 45.87
CA ASN G 215 -18.28 9.28 46.78
C ASN G 215 -17.62 10.62 46.47
N ARG G 216 -16.70 10.62 45.50
CA ARG G 216 -15.95 11.81 45.08
C ARG G 216 -15.16 12.46 46.22
N ARG G 217 -14.81 11.69 47.25
CA ARG G 217 -14.04 12.25 48.36
C ARG G 217 -12.54 12.06 48.12
N ILE G 218 -12.08 12.62 47.02
CA ILE G 218 -10.68 12.54 46.64
C ILE G 218 -9.80 13.32 47.61
N LEU G 219 -8.70 12.72 48.03
CA LEU G 219 -7.79 13.35 48.98
C LEU G 219 -6.95 14.49 48.42
N PRO G 220 -6.95 15.63 49.11
CA PRO G 220 -6.17 16.78 48.67
C PRO G 220 -4.69 16.44 48.90
N GLY G 222 -1.24 16.69 50.28
CA GLY G 222 -0.76 17.34 51.49
C GLY G 222 -1.90 17.64 52.45
N TYR G 223 -3.02 16.98 52.25
CA TYR G 223 -4.20 17.15 53.10
C TYR G 223 -4.62 18.62 53.22
N TRP G 224 -4.62 19.12 54.44
CA TRP G 224 -5.00 20.50 54.67
C TRP G 224 -4.16 21.46 53.83
N LYS G 225 -2.90 21.12 53.56
CA LYS G 225 -2.08 22.04 52.76
C LYS G 225 -2.59 22.21 51.32
N GLY G 226 -2.96 21.11 50.69
CA GLY G 226 -3.46 21.17 49.32
C GLY G 226 -4.80 21.86 49.23
N SER G 227 -5.64 21.61 50.24
CA SER G 227 -6.96 22.22 50.30
C SER G 227 -6.77 23.74 50.37
N GLY G 228 -5.92 24.17 51.31
CA GLY G 228 -5.67 25.59 51.48
C GLY G 228 -5.12 26.27 50.25
N SER G 230 -5.45 25.33 47.21
CA SER G 230 -6.45 25.34 46.16
C SER G 230 -7.30 26.60 46.27
N ILE G 231 -7.76 26.86 47.50
CA ILE G 231 -8.60 28.01 47.81
C ILE G 231 -7.93 29.35 47.48
N VAL G 232 -6.68 29.52 47.90
CA VAL G 232 -5.96 30.76 47.64
C VAL G 232 -5.68 30.98 46.16
N LEU G 233 -5.50 29.90 45.40
CA LEU G 233 -5.25 30.05 43.98
C LEU G 233 -6.54 30.48 43.27
N ASP G 234 -7.68 30.01 43.77
CA ASP G 234 -8.98 30.37 43.20
C ASP G 234 -9.23 31.86 43.46
N ILE G 236 -7.06 34.29 43.93
CA ILE G 236 -6.19 35.10 43.08
C ILE G 236 -6.68 35.12 41.64
N ALA G 237 -7.02 33.95 41.12
CA ALA G 237 -7.50 33.86 39.74
C ALA G 237 -8.80 34.63 39.58
N THR G 238 -9.65 34.61 40.61
CA THR G 238 -10.94 35.27 40.53
C THR G 238 -10.79 36.79 40.59
N LEU G 239 -9.96 37.26 41.50
CA LEU G 239 -9.71 38.68 41.68
C LEU G 239 -9.06 39.34 40.47
N LEU G 240 -7.82 38.94 40.18
CA LEU G 240 -7.05 39.52 39.08
C LEU G 240 -7.74 39.57 37.72
N SER G 241 -8.61 38.61 37.46
CA SER G 241 -9.33 38.56 36.18
C SER G 241 -10.75 39.05 36.38
N ASP G 242 -11.11 39.31 37.64
CA ASP G 242 -12.47 39.73 37.98
C ASP G 242 -13.40 38.77 37.27
N GLY G 243 -13.05 37.48 37.30
CA GLY G 243 -13.86 36.48 36.63
C GLY G 243 -14.63 35.57 37.58
N ALA G 244 -14.99 34.39 37.09
CA ALA G 244 -15.74 33.44 37.89
C ALA G 244 -14.85 32.50 38.70
N SER G 245 -15.23 32.28 39.94
CA SER G 245 -14.49 31.40 40.85
C SER G 245 -15.01 29.98 40.68
N VAL G 246 -14.51 29.08 41.51
CA VAL G 246 -14.94 27.69 41.47
C VAL G 246 -16.45 27.65 41.80
N ALA G 247 -16.85 28.38 42.82
CA ALA G 247 -18.25 28.41 43.22
C ALA G 247 -19.14 28.96 42.10
N GLU G 248 -18.73 30.07 41.48
CA GLU G 248 -19.53 30.66 40.40
C GLU G 248 -19.70 29.75 39.20
N VAL G 249 -18.59 29.19 38.71
CA VAL G 249 -18.67 28.29 37.57
C VAL G 249 -19.49 27.03 37.85
N THR G 250 -19.31 26.48 39.05
CA THR G 250 -20.00 25.27 39.45
C THR G 250 -21.51 25.42 39.59
N GLN G 251 -21.94 26.55 40.14
CA GLN G 251 -23.36 26.78 40.35
C GLN G 251 -24.10 27.58 39.28
N ASP G 252 -23.39 28.47 38.60
CA ASP G 252 -24.02 29.31 37.58
C ASP G 252 -23.89 28.80 36.14
N ASN G 253 -22.93 27.91 35.90
CA ASN G 253 -22.73 27.36 34.57
C ASN G 253 -23.23 25.93 34.44
N SER G 254 -23.44 25.50 33.21
CA SER G 254 -23.95 24.16 32.94
C SER G 254 -22.90 23.08 33.04
N ASP G 255 -21.65 23.45 32.78
CA ASP G 255 -20.53 22.52 32.84
C ASP G 255 -19.26 23.30 33.16
N GLU G 256 -18.11 22.71 32.88
CA GLU G 256 -16.84 23.36 33.16
C GLU G 256 -16.36 24.28 32.04
N TYR G 257 -16.70 25.56 32.14
CA TYR G 257 -16.30 26.57 31.17
C TYR G 257 -16.46 27.91 31.88
N GLY G 258 -15.86 28.96 31.33
CA GLY G 258 -15.98 30.26 31.97
C GLY G 258 -15.05 30.37 33.17
N ILE G 259 -14.09 29.46 33.25
CA ILE G 259 -13.15 29.45 34.36
C ILE G 259 -12.14 30.59 34.29
N SER G 260 -11.31 30.71 35.33
CA SER G 260 -10.32 31.76 35.41
C SER G 260 -8.88 31.20 35.42
N GLN G 261 -7.97 31.87 34.71
CA GLN G 261 -6.59 31.41 34.63
C GLN G 261 -5.60 32.57 34.82
N ILE G 262 -4.44 32.24 35.35
CA ILE G 262 -3.37 33.20 35.58
C ILE G 262 -2.08 32.71 34.92
N PHE G 263 -1.45 33.60 34.16
CA PHE G 263 -0.21 33.31 33.44
C PHE G 263 0.87 34.28 33.90
N ILE G 264 2.03 33.75 34.26
CA ILE G 264 3.15 34.57 34.74
C ILE G 264 4.47 34.21 34.04
N ALA G 265 5.22 35.23 33.66
CA ALA G 265 6.52 35.03 33.02
C ALA G 265 7.52 35.92 33.74
N ILE G 266 8.68 35.37 34.05
CA ILE G 266 9.71 36.12 34.75
C ILE G 266 11.01 36.06 33.97
N GLU G 267 11.59 37.22 33.67
CA GLU G 267 12.84 37.31 32.92
C GLU G 267 13.97 36.77 33.77
N VAL G 268 15.00 36.24 33.12
CA VAL G 268 16.12 35.67 33.84
C VAL G 268 17.47 36.24 33.41
N ASP G 269 17.69 36.27 32.10
CA ASP G 269 18.96 36.73 31.55
C ASP G 269 19.45 38.10 31.98
N LYS G 270 18.54 38.98 32.37
CA LYS G 270 18.94 40.31 32.79
C LYS G 270 19.25 40.37 34.28
N LEU G 271 19.09 39.26 34.98
CA LEU G 271 19.35 39.22 36.43
C LEU G 271 20.51 38.31 36.78
N ILE G 272 20.92 37.49 35.82
CA ILE G 272 22.02 36.56 36.00
C ILE G 272 22.50 36.16 34.61
N ASP G 273 23.81 36.21 34.40
CA ASP G 273 24.39 35.87 33.11
C ASP G 273 24.27 34.38 32.78
N GLY G 274 24.22 34.07 31.49
CA GLY G 274 24.09 32.70 31.03
C GLY G 274 24.99 31.69 31.72
N PRO G 275 26.29 31.95 31.77
CA PRO G 275 27.25 31.04 32.43
C PRO G 275 26.86 30.70 33.87
N THR G 276 26.60 31.75 34.65
CA THR G 276 26.24 31.58 36.06
C THR G 276 24.90 30.88 36.24
N ARG G 277 23.93 31.23 35.40
CA ARG G 277 22.62 30.62 35.47
C ARG G 277 22.70 29.11 35.21
N ASP G 278 23.51 28.73 34.23
CA ASP G 278 23.68 27.31 33.88
C ASP G 278 24.47 26.54 34.93
N ALA G 279 25.48 27.19 35.49
CA ALA G 279 26.30 26.56 36.50
C ALA G 279 25.55 26.38 37.83
N LYS G 280 24.86 27.42 38.31
CA LYS G 280 24.12 27.29 39.58
C LYS G 280 22.97 26.31 39.47
N LEU G 281 22.32 26.33 38.31
CA LEU G 281 21.20 25.45 38.03
C LEU G 281 21.71 24.01 38.00
N GLN G 282 22.86 23.79 37.37
CA GLN G 282 23.42 22.45 37.29
C GLN G 282 23.76 21.91 38.67
N ARG G 283 24.25 22.80 39.52
CA ARG G 283 24.65 22.43 40.87
C ARG G 283 23.48 21.92 41.68
N ILE G 284 22.33 22.56 41.50
CA ILE G 284 21.13 22.17 42.21
C ILE G 284 20.65 20.82 41.72
N ASP G 286 22.32 18.39 40.06
CA ASP G 286 23.23 17.30 40.39
C ASP G 286 23.19 16.97 41.89
N TYR G 287 22.88 17.96 42.71
CA TYR G 287 22.80 17.78 44.16
C TYR G 287 21.64 16.84 44.53
N VAL G 288 20.55 16.95 43.77
CA VAL G 288 19.35 16.14 43.98
C VAL G 288 19.58 14.71 43.50
N THR G 289 20.12 14.60 42.29
CA THR G 289 20.39 13.31 41.64
C THR G 289 21.53 12.50 42.25
N SER G 290 22.59 13.17 42.71
CA SER G 290 23.72 12.46 43.30
C SER G 290 23.44 12.02 44.73
N ALA G 291 22.23 12.28 45.21
CA ALA G 291 21.86 11.90 46.56
C ALA G 291 21.76 10.38 46.63
N GLU G 292 21.86 9.86 47.85
CA GLU G 292 21.75 8.42 48.09
C GLU G 292 20.31 8.01 47.79
N ARG G 293 20.17 7.01 46.92
CA ARG G 293 18.86 6.52 46.52
C ARG G 293 18.17 5.70 47.61
N ALA G 294 16.84 5.62 47.52
CA ALA G 294 16.06 4.85 48.47
C ALA G 294 16.00 3.44 47.91
N ASP G 295 16.27 3.35 46.62
CA ASP G 295 16.27 2.09 45.89
C ASP G 295 17.39 2.20 44.88
N GLU G 296 18.51 1.54 45.15
CA GLU G 296 19.67 1.59 44.27
C GLU G 296 19.34 1.31 42.80
N ASN G 297 18.24 0.60 42.56
CA ASN G 297 17.81 0.28 41.21
C ASN G 297 17.07 1.43 40.54
N GLN G 298 16.27 2.14 41.33
CA GLN G 298 15.50 3.28 40.83
C GLN G 298 16.26 4.58 41.04
N ALA G 299 16.56 5.27 39.95
CA ALA G 299 17.30 6.53 40.05
C ALA G 299 16.38 7.70 40.42
N ILE G 300 16.98 8.75 40.98
CA ILE G 300 16.23 9.93 41.39
C ILE G 300 15.93 10.77 40.15
N ARG G 301 14.70 11.28 40.06
CA ARG G 301 14.30 12.08 38.92
C ARG G 301 13.80 13.46 39.30
N LEU G 302 14.16 14.45 38.50
CA LEU G 302 13.75 15.81 38.76
C LEU G 302 12.37 16.04 38.16
N PRO G 303 11.58 16.91 38.77
CA PRO G 303 10.24 17.19 38.25
C PRO G 303 10.20 17.63 36.79
N GLY G 304 9.36 16.95 36.01
CA GLY G 304 9.19 17.25 34.60
C GLY G 304 10.24 16.74 33.62
N HIS G 305 11.29 16.11 34.13
CA HIS G 305 12.33 15.62 33.24
C HIS G 305 11.84 14.46 32.38
N GLU G 306 10.83 13.74 32.83
CA GLU G 306 10.32 12.61 32.07
C GLU G 306 9.78 13.08 30.74
N PHE G 307 9.32 14.33 30.70
CA PHE G 307 8.76 14.89 29.48
C PHE G 307 9.78 15.01 28.37
N THR G 308 11.04 15.20 28.74
CA THR G 308 12.10 15.30 27.73
C THR G 308 12.36 13.90 27.15
N THR G 309 12.50 12.91 28.03
CA THR G 309 12.76 11.53 27.62
C THR G 309 11.56 10.88 26.90
N LEU G 310 10.36 11.11 27.43
CA LEU G 310 9.17 10.55 26.80
C LEU G 310 9.04 11.06 25.36
N LEU G 311 9.28 12.36 25.17
CA LEU G 311 9.22 12.95 23.84
C LEU G 311 10.21 12.25 22.91
N ALA G 312 11.47 12.18 23.34
CA ALA G 312 12.53 11.54 22.56
C ALA G 312 12.13 10.12 22.16
N GLU G 313 11.60 9.36 23.10
CA GLU G 313 11.20 8.00 22.80
C GLU G 313 10.08 7.91 21.77
N ASN G 314 9.08 8.78 21.93
CA ASN G 314 7.95 8.80 21.01
C ASN G 314 8.36 9.19 19.61
N ARG G 315 9.26 10.17 19.52
CA ARG G 315 9.73 10.64 18.22
C ARG G 315 10.66 9.60 17.60
N ARG G 316 10.97 8.55 18.34
CA ARG G 316 11.87 7.50 17.83
C ARG G 316 11.10 6.30 17.28
N ASN G 317 10.19 5.76 18.09
CA ASN G 317 9.42 4.61 17.67
C ASN G 317 7.92 4.84 17.63
N GLY G 318 7.52 5.97 17.06
CA GLY G 318 6.11 6.30 16.96
C GLY G 318 5.43 6.51 18.29
N ILE G 319 4.16 6.91 18.23
CA ILE G 319 3.36 7.17 19.43
C ILE G 319 2.38 6.04 19.67
N THR G 320 2.12 5.76 20.94
CA THR G 320 1.21 4.69 21.32
C THR G 320 -0.01 5.27 22.03
N VAL G 321 -1.19 4.94 21.53
CA VAL G 321 -2.42 5.42 22.10
C VAL G 321 -3.29 4.24 22.52
N ASP G 322 -4.01 4.38 23.63
CA ASP G 322 -4.86 3.30 24.12
C ASP G 322 -5.90 2.91 23.07
N ASP G 323 -6.06 1.61 22.86
CA ASP G 323 -7.02 1.12 21.89
C ASP G 323 -8.40 1.73 22.11
N SER G 324 -8.86 1.73 23.36
CA SER G 324 -10.16 2.28 23.70
C SER G 324 -10.25 3.76 23.30
N VAL G 325 -9.18 4.49 23.51
CA VAL G 325 -9.13 5.90 23.17
C VAL G 325 -9.20 6.09 21.66
N TRP G 326 -8.30 5.44 20.94
CA TRP G 326 -8.27 5.54 19.49
C TRP G 326 -9.63 5.16 18.92
N ALA G 327 -10.22 4.11 19.46
CA ALA G 327 -11.53 3.65 19.03
C ALA G 327 -12.56 4.76 19.19
N LYS G 328 -12.50 5.49 20.30
CA LYS G 328 -13.45 6.59 20.52
C LYS G 328 -13.27 7.68 19.47
N ILE G 329 -12.03 7.97 19.12
CA ILE G 329 -11.74 8.99 18.11
C ILE G 329 -12.23 8.50 16.76
N GLN G 330 -12.12 7.20 16.53
CA GLN G 330 -12.58 6.60 15.29
C GLN G 330 -14.07 6.87 15.14
N ALA G 331 -14.81 6.75 16.24
CA ALA G 331 -16.25 6.97 16.21
C ALA G 331 -16.59 8.42 15.85
N LEU G 332 -15.75 9.35 16.31
CA LEU G 332 -15.98 10.77 16.03
C LEU G 332 -15.71 11.08 14.56
N LEU G 333 -14.82 10.30 13.96
CA LEU G 333 -14.48 10.46 12.56
C LEU G 333 -15.68 10.05 11.73
N GLU G 334 -16.05 8.77 11.84
CA GLU G 334 -17.19 8.22 11.11
C GLU G 334 -18.49 8.79 11.62
N HIS G 335 -19.02 9.79 10.92
CA HIS G 335 -20.28 10.39 11.34
C HIS G 335 -20.84 11.27 10.21
N LYS H 2 3.71 33.15 82.21
CA LYS H 2 2.92 34.16 81.51
C LYS H 2 3.64 35.49 81.56
N VAL H 3 4.00 36.02 80.38
CA VAL H 3 4.70 37.30 80.28
C VAL H 3 3.91 38.28 79.42
N THR H 4 4.14 39.58 79.62
CA THR H 4 3.45 40.58 78.84
C THR H 4 4.23 40.85 77.56
N PHE H 5 3.61 41.53 76.62
CA PHE H 5 4.27 41.85 75.36
C PHE H 5 5.53 42.65 75.63
N GLU H 6 5.46 43.58 76.58
CA GLU H 6 6.61 44.40 76.93
C GLU H 6 7.74 43.59 77.58
N GLN H 7 7.40 42.73 78.54
CA GLN H 7 8.41 41.90 79.20
C GLN H 7 9.14 41.11 78.13
N LEU H 8 8.36 40.44 77.27
CA LEU H 8 8.93 39.64 76.20
C LEU H 8 9.82 40.49 75.30
N LYS H 9 9.33 41.65 74.86
CA LYS H 9 10.13 42.52 74.02
C LYS H 9 11.41 42.98 74.73
N ALA H 10 11.27 43.50 75.94
CA ALA H 10 12.41 43.98 76.71
C ALA H 10 13.52 42.92 76.74
N ALA H 11 13.13 41.69 77.05
CA ALA H 11 14.06 40.57 77.08
C ALA H 11 14.83 40.50 75.77
N PHE H 12 14.09 40.36 74.66
CA PHE H 12 14.71 40.28 73.34
C PHE H 12 15.64 41.47 73.13
N ASN H 13 15.15 42.65 73.49
CA ASN H 13 15.91 43.89 73.34
C ASN H 13 17.20 43.86 74.16
N ARG H 14 17.10 43.39 75.39
CA ARG H 14 18.26 43.29 76.26
C ARG H 14 19.36 42.44 75.62
N VAL H 15 18.99 41.23 75.20
CA VAL H 15 19.92 40.30 74.57
C VAL H 15 20.52 40.84 73.27
N LEU H 16 19.68 41.47 72.44
CA LEU H 16 20.16 42.02 71.18
C LEU H 16 21.25 43.07 71.38
N ILE H 17 21.08 43.92 72.38
CA ILE H 17 22.06 44.96 72.65
C ILE H 17 23.37 44.36 73.18
N SER H 18 23.27 43.32 73.99
CA SER H 18 24.47 42.69 74.54
C SER H 18 25.28 41.94 73.47
N ARG H 19 24.74 41.87 72.26
CA ARG H 19 25.42 41.20 71.16
C ARG H 19 25.92 42.16 70.07
N GLY H 20 25.86 43.46 70.34
CA GLY H 20 26.33 44.43 69.36
C GLY H 20 25.25 45.20 68.61
N VAL H 21 24.07 44.61 68.47
CA VAL H 21 22.97 45.27 67.77
C VAL H 21 22.72 46.67 68.33
N ASP H 22 22.58 47.65 67.45
CA ASP H 22 22.34 49.03 67.90
C ASP H 22 20.90 49.19 68.37
N SER H 23 20.70 50.12 69.29
CA SER H 23 19.38 50.40 69.86
C SER H 23 18.23 50.34 68.84
N GLU H 24 18.42 51.01 67.70
CA GLU H 24 17.42 51.07 66.64
C GLU H 24 17.05 49.69 66.10
N THR H 25 18.05 49.02 65.54
CA THR H 25 17.87 47.69 64.97
C THR H 25 17.44 46.71 66.06
N ALA H 26 17.90 46.94 67.28
CA ALA H 26 17.55 46.07 68.40
C ALA H 26 16.05 46.13 68.70
N ASP H 27 15.51 47.34 68.77
CA ASP H 27 14.10 47.53 69.06
C ASP H 27 13.20 46.98 67.96
N ALA H 28 13.58 47.19 66.70
CA ALA H 28 12.80 46.72 65.58
C ALA H 28 12.76 45.19 65.56
N CYS H 29 13.91 44.57 65.78
CA CYS H 29 13.97 43.11 65.80
C CYS H 29 13.16 42.56 66.97
N ALA H 30 13.38 43.12 68.16
CA ALA H 30 12.66 42.71 69.36
C ALA H 30 11.17 42.83 69.13
N GLU H 31 10.75 43.94 68.52
CA GLU H 31 9.35 44.16 68.24
C GLU H 31 8.78 43.00 67.42
N PHE H 33 9.96 40.00 66.99
CA PHE H 33 10.03 38.75 67.73
C PHE H 33 8.90 38.63 68.75
N ALA H 34 8.53 39.75 69.36
CA ALA H 34 7.44 39.77 70.35
C ALA H 34 6.09 39.72 69.64
N ARG H 35 5.99 40.40 68.50
CA ARG H 35 4.76 40.46 67.72
C ARG H 35 4.40 39.06 67.20
N THR H 36 5.39 38.35 66.65
CA THR H 36 5.20 37.01 66.12
C THR H 36 4.73 36.06 67.22
N THR H 37 5.31 36.19 68.40
CA THR H 37 4.93 35.34 69.52
C THR H 37 3.47 35.60 69.92
N GLU H 38 3.09 36.87 69.96
CA GLU H 38 1.74 37.25 70.34
C GLU H 38 0.71 36.77 69.31
N SER H 39 1.17 36.57 68.08
CA SER H 39 0.29 36.13 67.00
C SER H 39 -0.03 34.66 67.06
N GLY H 40 0.65 33.94 67.94
CA GLY H 40 0.42 32.51 68.09
C GLY H 40 1.54 31.65 67.56
N VAL H 41 2.50 32.29 66.88
CA VAL H 41 3.61 31.55 66.33
C VAL H 41 4.78 31.54 67.30
N TYR H 42 4.90 30.45 68.06
CA TYR H 42 5.96 30.34 69.04
C TYR H 42 7.18 29.65 68.44
N SER H 43 6.93 28.63 67.61
CA SER H 43 8.00 27.88 66.96
C SER H 43 9.01 28.81 66.32
N HIS H 44 8.52 29.82 65.60
CA HIS H 44 9.41 30.77 64.95
C HIS H 44 9.38 32.14 65.60
N GLY H 45 9.02 32.15 66.89
CA GLY H 45 8.97 33.37 67.65
C GLY H 45 9.96 33.34 68.79
N VAL H 46 9.46 33.37 70.02
CA VAL H 46 10.31 33.34 71.21
C VAL H 46 11.14 32.05 71.31
N ASN H 47 10.59 30.94 70.85
CA ASN H 47 11.34 29.68 70.90
C ASN H 47 12.58 29.67 70.01
N ARG H 48 12.54 30.41 68.91
CA ARG H 48 13.66 30.49 67.96
C ARG H 48 14.72 31.50 68.37
N PHE H 49 14.34 32.48 69.18
CA PHE H 49 15.27 33.52 69.61
C PHE H 49 16.66 33.02 70.07
N PRO H 50 16.71 31.99 70.92
CA PRO H 50 18.03 31.49 71.36
C PRO H 50 18.91 31.08 70.17
N ARG H 51 18.39 30.20 69.31
CA ARG H 51 19.10 29.75 68.11
C ARG H 51 19.52 30.97 67.29
N PHE H 52 18.60 31.93 67.16
CA PHE H 52 18.87 33.16 66.43
C PHE H 52 20.14 33.82 66.95
N ILE H 53 20.15 34.09 68.25
CA ILE H 53 21.29 34.74 68.86
C ILE H 53 22.58 33.96 68.65
N GLN H 54 22.50 32.63 68.80
CA GLN H 54 23.67 31.81 68.60
C GLN H 54 24.26 32.06 67.21
N GLN H 55 23.43 32.03 66.18
CA GLN H 55 23.94 32.26 64.84
C GLN H 55 24.54 33.66 64.74
N LEU H 56 23.91 34.61 65.41
CA LEU H 56 24.39 35.98 65.41
C LEU H 56 25.78 36.05 66.04
N GLU H 57 26.01 35.24 67.08
CA GLU H 57 27.31 35.22 67.76
C GLU H 57 28.39 34.54 66.94
N ASN H 58 27.97 33.63 66.07
CA ASN H 58 28.91 32.90 65.22
C ASN H 58 29.23 33.67 63.96
N GLY H 59 28.78 34.92 63.88
CA GLY H 59 29.06 35.72 62.69
C GLY H 59 28.10 35.51 61.54
N ASP H 60 27.22 34.52 61.67
CA ASP H 60 26.24 34.21 60.62
C ASP H 60 25.45 35.46 60.25
N ILE H 61 25.06 36.23 61.26
CA ILE H 61 24.26 37.43 61.07
C ILE H 61 25.08 38.69 61.32
N ILE H 62 24.86 39.72 60.49
CA ILE H 62 25.57 40.99 60.60
C ILE H 62 24.55 42.11 60.76
N PRO H 63 24.17 42.42 62.02
CA PRO H 63 23.19 43.48 62.33
C PRO H 63 23.44 44.81 61.64
N ASP H 64 24.69 45.22 61.57
CA ASP H 64 25.05 46.49 60.96
C ASP H 64 24.76 46.51 59.46
N ALA H 65 24.77 45.34 58.83
CA ALA H 65 24.52 45.25 57.39
C ALA H 65 23.13 45.75 57.01
N GLN H 66 23.04 46.33 55.82
CA GLN H 66 21.78 46.86 55.30
C GLN H 66 21.53 46.36 53.88
N PRO H 67 20.26 46.11 53.53
CA PRO H 67 19.92 45.62 52.19
C PRO H 67 20.40 46.57 51.10
N LYS H 68 21.03 46.02 50.08
CA LYS H 68 21.55 46.83 48.98
C LYS H 68 20.89 46.40 47.67
N ARG H 69 20.39 47.36 46.90
CA ARG H 69 19.74 47.07 45.63
C ARG H 69 20.79 46.93 44.52
N ILE H 70 20.68 45.85 43.76
CA ILE H 70 21.63 45.60 42.69
C ILE H 70 21.11 46.10 41.35
N THR H 71 20.09 45.45 40.84
CA THR H 71 19.53 45.84 39.55
C THR H 71 18.03 46.03 39.59
N SER H 72 17.52 46.77 38.62
CA SER H 72 16.11 47.06 38.52
C SER H 72 15.65 46.97 37.08
N LEU H 73 14.64 46.16 36.83
CA LEU H 73 14.10 45.98 35.48
C LEU H 73 12.70 46.57 35.35
N GLY H 74 12.28 47.28 36.39
CA GLY H 74 10.95 47.87 36.39
C GLY H 74 10.11 47.35 37.55
N ALA H 75 9.35 46.30 37.28
CA ALA H 75 8.49 45.71 38.31
C ALA H 75 9.23 44.67 39.13
N ILE H 76 10.48 44.39 38.74
CA ILE H 76 11.31 43.41 39.44
C ILE H 76 12.69 43.97 39.81
N GLU H 77 13.08 43.82 41.07
CA GLU H 77 14.38 44.29 41.52
C GLU H 77 15.12 43.17 42.23
N GLN H 78 16.43 43.17 42.09
CA GLN H 78 17.28 42.17 42.72
C GLN H 78 17.99 42.91 43.83
N TRP H 79 17.93 42.38 45.06
CA TRP H 79 18.58 43.01 46.21
C TRP H 79 19.54 42.09 46.94
N ASP H 80 20.42 42.69 47.74
CA ASP H 80 21.41 41.95 48.52
C ASP H 80 21.21 42.25 50.01
N ALA H 81 20.87 41.21 50.77
CA ALA H 81 20.66 41.36 52.21
C ALA H 81 21.96 41.62 52.93
N GLN H 82 23.06 41.31 52.27
CA GLN H 82 24.38 41.49 52.87
C GLN H 82 24.45 40.85 54.25
N ARG H 83 23.77 39.72 54.44
CA ARG H 83 23.80 39.00 55.71
C ARG H 83 23.15 39.72 56.88
N SER H 84 22.21 40.61 56.59
CA SER H 84 21.53 41.37 57.61
C SER H 84 20.50 40.49 58.33
N ILE H 85 19.93 41.01 59.41
CA ILE H 85 18.93 40.29 60.18
C ILE H 85 17.79 39.81 59.27
N GLY H 86 17.43 38.53 59.42
CA GLY H 86 16.37 37.96 58.60
C GLY H 86 15.02 38.66 58.55
N ASN H 87 14.29 38.66 59.67
CA ASN H 87 12.96 39.28 59.71
C ASN H 87 12.90 40.77 59.34
N LEU H 88 13.78 41.59 59.89
CA LEU H 88 13.77 43.01 59.58
C LEU H 88 13.93 43.28 58.08
N THR H 89 14.95 42.65 57.47
CA THR H 89 15.18 42.83 56.04
C THR H 89 14.01 42.30 55.21
N ALA H 90 13.52 41.12 55.57
CA ALA H 90 12.41 40.54 54.83
C ALA H 90 11.23 41.52 54.80
N LYS H 91 10.93 42.11 55.94
CA LYS H 91 9.84 43.07 56.02
C LYS H 91 10.09 44.25 55.08
N LYS H 92 11.31 44.77 55.06
CA LYS H 92 11.61 45.89 54.17
C LYS H 92 11.50 45.47 52.70
N ASP H 95 7.91 45.30 51.73
CA ASP H 95 7.41 46.67 51.64
C ASP H 95 7.91 47.26 50.32
N ARG H 96 9.10 46.85 49.89
CA ARG H 96 9.65 47.36 48.64
C ARG H 96 8.86 46.78 47.47
N ALA H 97 8.39 45.55 47.65
CA ALA H 97 7.60 44.84 46.64
C ALA H 97 6.25 45.55 46.51
N ILE H 98 5.72 46.02 47.63
CA ILE H 98 4.45 46.73 47.61
C ILE H 98 4.58 48.04 46.83
N GLU H 99 5.69 48.76 47.02
CA GLU H 99 5.93 50.00 46.30
C GLU H 99 5.91 49.79 44.80
N LEU H 100 6.61 48.74 44.36
CA LEU H 100 6.71 48.40 42.95
C LEU H 100 5.34 48.00 42.41
N ALA H 101 4.64 47.16 43.15
CA ALA H 101 3.31 46.71 42.74
C ALA H 101 2.38 47.90 42.57
N ALA H 102 2.44 48.85 43.50
CA ALA H 102 1.58 50.03 43.43
C ALA H 102 1.80 50.88 42.19
N ASP H 103 2.93 50.68 41.52
CA ASP H 103 3.28 51.44 40.32
C ASP H 103 3.28 50.60 39.05
N HIS H 104 3.63 49.32 39.17
CA HIS H 104 3.69 48.42 38.03
C HIS H 104 2.60 47.36 38.04
N GLY H 105 1.69 47.44 39.02
CA GLY H 105 0.61 46.47 39.13
C GLY H 105 1.04 45.27 39.95
N ILE H 106 2.25 44.80 39.69
CA ILE H 106 2.81 43.65 40.40
C ILE H 106 4.30 43.90 40.65
N GLY H 107 4.75 43.64 41.87
CA GLY H 107 6.14 43.85 42.18
C GLY H 107 6.82 42.58 42.66
N LEU H 108 8.11 42.45 42.42
CA LEU H 108 8.84 41.26 42.86
C LEU H 108 10.24 41.66 43.30
N VAL H 109 10.64 41.18 44.47
CA VAL H 109 11.96 41.46 45.01
C VAL H 109 12.72 40.15 45.23
N ALA H 110 13.88 40.02 44.62
CA ALA H 110 14.70 38.83 44.77
C ALA H 110 15.84 39.21 45.67
N LEU H 111 15.95 38.53 46.81
CA LEU H 111 16.98 38.83 47.80
C LEU H 111 18.01 37.72 47.97
N ARG H 112 19.29 38.10 47.96
CA ARG H 112 20.37 37.14 48.14
C ARG H 112 21.14 37.43 49.45
N ASN H 113 22.01 36.50 49.82
CA ASN H 113 22.83 36.63 51.03
C ASN H 113 21.99 37.04 52.23
N ALA H 114 20.77 36.51 52.30
CA ALA H 114 19.85 36.81 53.39
C ALA H 114 19.96 35.84 54.55
N ASN H 115 19.26 36.12 55.64
CA ASN H 115 19.26 35.23 56.80
C ASN H 115 17.85 34.72 57.07
N HIS H 116 17.72 33.67 57.88
CA HIS H 116 16.41 33.11 58.17
C HIS H 116 15.41 34.22 58.49
N TRP H 117 14.28 34.24 57.79
CA TRP H 117 13.25 35.25 57.99
C TRP H 117 12.25 34.95 59.10
N ARG H 119 9.26 33.88 60.49
CA ARG H 119 7.91 33.51 60.07
C ARG H 119 7.56 34.14 58.72
N GLY H 120 7.50 33.31 57.70
CA GLY H 120 7.18 33.81 56.37
C GLY H 120 5.79 34.41 56.24
N GLY H 121 4.87 33.95 57.07
CA GLY H 121 3.51 34.46 57.01
C GLY H 121 3.42 35.95 57.28
N SER H 122 4.31 36.44 58.13
CA SER H 122 4.34 37.87 58.46
C SER H 122 4.34 38.72 57.20
N TYR H 123 5.32 38.48 56.35
CA TYR H 123 5.48 39.26 55.13
C TYR H 123 4.30 39.13 54.19
N GLY H 124 3.65 37.98 54.19
CA GLY H 124 2.50 37.82 53.33
C GLY H 124 1.32 38.55 53.94
N TRP H 125 1.25 38.50 55.27
CA TRP H 125 0.18 39.15 55.99
C TRP H 125 0.27 40.65 55.85
N GLN H 126 1.47 41.19 56.04
CA GLN H 126 1.66 42.63 55.93
C GLN H 126 1.24 43.10 54.54
N ALA H 127 1.41 42.24 53.54
CA ALA H 127 1.03 42.59 52.19
C ALA H 127 -0.49 42.60 52.06
N ALA H 128 -1.13 41.55 52.58
CA ALA H 128 -2.59 41.45 52.54
C ALA H 128 -3.25 42.56 53.34
N GLU H 129 -2.63 42.92 54.46
CA GLU H 129 -3.15 43.99 55.31
C GLU H 129 -3.21 45.32 54.58
N LYS H 130 -2.43 45.46 53.52
CA LYS H 130 -2.42 46.69 52.75
C LYS H 130 -3.17 46.54 51.43
N GLY H 131 -4.07 45.56 51.38
CA GLY H 131 -4.87 45.34 50.19
C GLY H 131 -4.22 44.67 49.01
N TYR H 132 -3.00 44.16 49.16
CA TYR H 132 -2.31 43.49 48.06
C TYR H 132 -2.30 41.97 48.29
N ILE H 133 -2.06 41.21 47.24
CA ILE H 133 -1.94 39.77 47.34
C ILE H 133 -0.48 39.59 47.72
N GLY H 134 -0.22 38.86 48.80
CA GLY H 134 1.15 38.66 49.23
C GLY H 134 1.62 37.26 48.91
N ILE H 135 2.71 37.16 48.17
CA ILE H 135 3.27 35.86 47.80
C ILE H 135 4.78 35.92 48.00
N CYS H 136 5.30 35.00 48.81
CA CYS H 136 6.73 34.96 49.09
C CYS H 136 7.17 33.57 49.54
N TRP H 137 8.47 33.30 49.39
CA TRP H 137 9.02 32.03 49.82
C TRP H 137 10.53 32.20 49.97
N THR H 138 11.15 31.26 50.68
CA THR H 138 12.60 31.31 50.92
C THR H 138 13.18 29.92 50.71
N ASN H 139 14.51 29.82 50.63
CA ASN H 139 15.11 28.50 50.51
C ASN H 139 15.88 28.31 51.80
N SER H 140 16.37 27.10 52.04
CA SER H 140 17.10 26.82 53.27
C SER H 140 18.19 25.78 53.08
N ILE H 141 18.65 25.19 54.18
CA ILE H 141 19.69 24.16 54.10
C ILE H 141 19.00 22.83 53.82
N ALA H 142 19.77 21.85 53.39
CA ALA H 142 19.24 20.54 53.08
C ALA H 142 18.88 19.79 54.37
N VAL H 143 17.58 19.65 54.61
CA VAL H 143 17.09 18.94 55.80
C VAL H 143 16.05 17.91 55.40
N PRO H 145 15.19 14.76 52.27
CA PRO H 145 15.61 14.04 51.06
C PRO H 145 14.63 14.19 49.92
N PRO H 146 15.14 14.39 48.69
CA PRO H 146 14.27 14.54 47.53
C PRO H 146 13.57 13.21 47.28
N TRP H 147 12.44 13.26 46.60
CA TRP H 147 11.68 12.04 46.34
C TRP H 147 12.54 11.02 45.59
N GLY H 148 12.65 9.83 46.16
CA GLY H 148 13.45 8.78 45.54
C GLY H 148 14.83 8.66 46.19
N ALA H 149 15.11 9.52 47.16
CA ALA H 149 16.40 9.47 47.86
C ALA H 149 16.19 9.20 49.35
N LYS H 150 17.28 9.05 50.08
CA LYS H 150 17.23 8.80 51.52
C LYS H 150 18.22 9.75 52.18
N GLU H 151 18.84 10.61 51.37
CA GLU H 151 19.79 11.59 51.87
C GLU H 151 19.22 12.97 51.67
N CYS H 152 19.36 13.82 52.67
CA CYS H 152 18.82 15.17 52.58
C CYS H 152 19.53 16.05 51.55
N ARG H 153 18.79 16.51 50.54
CA ARG H 153 19.40 17.35 49.52
C ARG H 153 18.54 18.56 49.15
N ILE H 154 17.30 18.60 49.64
CA ILE H 154 16.41 19.72 49.36
C ILE H 154 15.94 20.42 50.63
N GLY H 155 15.50 21.66 50.49
CA GLY H 155 15.06 22.41 51.66
C GLY H 155 13.56 22.41 51.88
N THR H 156 13.14 22.92 53.04
CA THR H 156 11.73 23.00 53.40
C THR H 156 11.05 24.14 52.64
N ASN H 157 11.86 25.05 52.10
CA ASN H 157 11.40 26.21 51.32
C ASN H 157 9.88 26.50 51.43
N PRO H 158 9.45 27.21 52.49
CA PRO H 158 8.05 27.57 52.74
C PRO H 158 7.48 28.52 51.70
N LEU H 159 6.28 28.23 51.24
CA LEU H 159 5.60 29.06 50.26
C LEU H 159 4.41 29.73 50.97
N ILE H 160 4.37 31.06 50.90
CA ILE H 160 3.31 31.86 51.53
C ILE H 160 2.47 32.57 50.46
N VAL H 161 1.15 32.52 50.63
CA VAL H 161 0.22 33.18 49.72
C VAL H 161 -0.88 33.79 50.60
N ALA H 162 -0.95 35.12 50.65
CA ALA H 162 -1.95 35.81 51.45
C ALA H 162 -2.88 36.64 50.56
N ILE H 163 -4.17 36.51 50.83
CA ILE H 163 -5.21 37.19 50.08
C ILE H 163 -5.80 38.29 50.96
N PRO H 164 -5.93 39.51 50.42
CA PRO H 164 -6.48 40.66 51.14
C PRO H 164 -7.99 40.55 51.34
N SER H 165 -8.43 39.41 51.84
CA SER H 165 -9.84 39.19 52.08
C SER H 165 -10.17 39.57 53.52
N THR H 166 -11.46 39.60 53.83
CA THR H 166 -11.92 39.94 55.16
C THR H 166 -12.69 38.76 55.73
N PRO H 167 -12.08 38.02 56.68
CA PRO H 167 -10.74 38.25 57.22
C PRO H 167 -9.68 37.74 56.25
N ILE H 168 -8.42 38.09 56.49
CA ILE H 168 -7.33 37.65 55.63
C ILE H 168 -7.15 36.14 55.53
N THR H 169 -7.09 35.65 54.29
CA THR H 169 -6.91 34.23 54.03
C THR H 169 -5.48 34.01 53.59
N VAL H 171 -1.99 31.03 53.30
CA VAL H 171 -1.37 29.73 53.47
C VAL H 171 0.11 29.95 53.76
N ASP H 172 0.59 29.32 54.82
CA ASP H 172 1.99 29.41 55.18
C ASP H 172 2.38 27.95 55.38
N SER H 174 5.19 24.61 54.78
CA SER H 174 6.53 24.08 54.57
C SER H 174 6.38 23.01 53.52
N SER H 176 7.75 20.38 53.60
CA SER H 176 7.78 19.08 54.30
C SER H 176 6.42 18.95 54.98
N PHE H 178 5.59 17.61 57.68
CA PHE H 178 5.71 17.95 59.09
C PHE H 178 7.04 18.65 59.28
N SER H 179 7.16 19.37 60.39
CA SER H 179 8.39 20.06 60.73
C SER H 179 9.03 19.24 61.84
N TYR H 180 10.35 19.26 61.90
CA TYR H 180 11.06 18.52 62.94
C TYR H 180 10.57 18.99 64.31
N GLY H 181 10.18 20.25 64.41
CA GLY H 181 9.68 20.78 65.66
C GLY H 181 8.47 19.98 66.10
N LEU H 183 7.85 16.93 65.15
CA LEU H 183 8.27 15.56 65.41
C LEU H 183 8.76 15.38 66.83
N GLU H 184 9.43 16.39 67.37
CA GLU H 184 9.94 16.29 68.73
C GLU H 184 8.79 16.30 69.73
N VAL H 185 7.81 17.17 69.50
CA VAL H 185 6.65 17.27 70.37
C VAL H 185 5.89 15.95 70.41
N ASN H 186 5.72 15.33 69.25
CA ASN H 186 5.02 14.05 69.17
C ASN H 186 5.82 12.92 69.81
N ARG H 187 7.14 12.91 69.57
CA ARG H 187 7.99 11.86 70.13
C ARG H 187 8.09 11.98 71.65
N LEU H 188 8.24 13.20 72.16
CA LEU H 188 8.31 13.42 73.59
C LEU H 188 7.07 12.89 74.29
N ALA H 189 5.92 13.04 73.65
CA ALA H 189 4.66 12.56 74.21
C ALA H 189 4.38 11.12 73.76
N GLY H 190 5.23 10.60 72.88
CA GLY H 190 5.07 9.24 72.40
C GLY H 190 3.85 9.06 71.52
N ARG H 191 3.38 10.16 70.92
CA ARG H 191 2.21 10.13 70.06
C ARG H 191 2.60 10.04 68.58
N GLN H 192 1.94 9.15 67.85
CA GLN H 192 2.19 8.94 66.43
C GLN H 192 1.59 10.08 65.60
N LEU H 193 2.26 10.45 64.51
CA LEU H 193 1.76 11.52 63.65
C LEU H 193 0.40 11.11 63.10
N PRO H 194 -0.49 12.09 62.85
CA PRO H 194 -1.82 11.78 62.32
C PRO H 194 -1.77 11.11 60.93
N VAL H 195 -0.77 11.47 60.14
CA VAL H 195 -0.56 10.90 58.80
C VAL H 195 0.94 10.66 58.62
N ASP H 196 1.29 9.84 57.65
CA ASP H 196 2.69 9.52 57.38
C ASP H 196 3.53 10.79 57.28
N GLY H 197 4.60 10.84 58.07
CA GLY H 197 5.48 11.99 58.06
C GLY H 197 6.91 11.69 57.72
N GLY H 198 7.21 10.44 57.37
CA GLY H 198 8.57 10.11 57.03
C GLY H 198 8.78 8.66 56.69
N PHE H 199 10.04 8.27 56.50
CA PHE H 199 10.37 6.89 56.18
C PHE H 199 11.24 6.34 57.30
N ASP H 200 11.32 5.01 57.40
CA ASP H 200 12.14 4.36 58.40
C ASP H 200 13.47 3.95 57.77
N ASP H 201 14.33 3.30 58.55
CA ASP H 201 15.64 2.86 58.06
C ASP H 201 15.55 1.92 56.85
N GLU H 202 14.45 1.19 56.73
CA GLU H 202 14.26 0.26 55.63
C GLU H 202 13.75 0.98 54.37
N GLY H 203 12.84 1.94 54.57
CA GLY H 203 12.30 2.67 53.44
C GLY H 203 10.79 2.59 53.33
N ASN H 204 10.13 2.45 54.47
CA ASN H 204 8.67 2.37 54.50
C ASN H 204 8.09 3.58 55.21
N LEU H 205 6.97 4.07 54.70
CA LEU H 205 6.29 5.22 55.29
C LEU H 205 5.93 4.89 56.73
N THR H 206 6.13 5.84 57.63
CA THR H 206 5.83 5.64 59.04
C THR H 206 5.28 6.89 59.71
N LYS H 207 4.66 6.70 60.86
CA LYS H 207 4.08 7.78 61.63
C LYS H 207 4.86 7.98 62.93
N GLU H 208 5.90 7.18 63.11
CA GLU H 208 6.72 7.26 64.33
C GLU H 208 7.77 8.35 64.19
N PRO H 209 7.60 9.46 64.92
CA PRO H 209 8.51 10.61 64.91
C PRO H 209 9.97 10.23 65.14
N GLY H 210 10.19 9.44 66.18
CA GLY H 210 11.55 9.02 66.53
C GLY H 210 12.39 8.52 65.39
N VAL H 211 11.83 7.61 64.60
CA VAL H 211 12.53 7.03 63.46
C VAL H 211 13.00 8.11 62.50
N ILE H 212 12.09 9.01 62.17
CA ILE H 212 12.39 10.10 61.25
C ILE H 212 13.45 11.03 61.80
N GLU H 213 13.34 11.36 63.08
CA GLU H 213 14.31 12.24 63.69
C GLU H 213 15.72 11.66 63.66
N LYS H 214 15.82 10.34 63.70
CA LYS H 214 17.11 9.66 63.70
C LYS H 214 17.76 9.58 62.31
N ASN H 215 16.95 9.28 61.30
CA ASN H 215 17.46 9.17 59.95
C ASN H 215 17.29 10.42 59.09
N ARG H 216 16.59 11.42 59.62
CA ARG H 216 16.34 12.68 58.93
C ARG H 216 15.62 12.52 57.58
N ARG H 217 14.79 11.49 57.49
CA ARG H 217 14.05 11.24 56.26
C ARG H 217 12.60 11.72 56.36
N ILE H 218 12.40 13.02 56.60
CA ILE H 218 11.06 13.60 56.70
C ILE H 218 10.32 13.43 55.38
N LEU H 219 9.00 13.31 55.45
CA LEU H 219 8.20 13.13 54.24
C LEU H 219 7.77 14.46 53.62
N PRO H 220 8.09 14.65 52.34
CA PRO H 220 7.70 15.89 51.68
C PRO H 220 6.18 15.94 51.60
N GLY H 222 2.91 15.87 50.14
CA GLY H 222 2.44 15.45 48.83
C GLY H 222 3.44 14.54 48.12
N TYR H 223 4.35 13.95 48.88
CA TYR H 223 5.33 13.02 48.32
C TYR H 223 6.20 13.67 47.23
N TRP H 224 5.98 13.26 45.99
CA TRP H 224 6.77 13.80 44.89
C TRP H 224 6.42 15.24 44.54
N LYS H 225 5.19 15.64 44.87
CA LYS H 225 4.71 16.99 44.59
C LYS H 225 5.44 18.04 45.43
N GLY H 226 5.53 17.79 46.72
CA GLY H 226 6.22 18.71 47.60
C GLY H 226 7.71 18.71 47.28
N SER H 227 8.24 17.53 46.94
CA SER H 227 9.65 17.41 46.61
C SER H 227 9.98 18.26 45.40
N GLY H 228 9.18 18.11 44.34
CA GLY H 228 9.42 18.88 43.14
C GLY H 228 9.25 20.37 43.35
N SER H 230 9.71 22.10 46.11
CA SER H 230 10.87 22.62 46.84
C SER H 230 12.00 22.99 45.88
N ILE H 231 12.30 22.06 44.98
CA ILE H 231 13.36 22.26 43.99
C ILE H 231 13.13 23.45 43.07
N VAL H 232 11.92 23.60 42.52
CA VAL H 232 11.67 24.72 41.62
C VAL H 232 11.66 26.05 42.35
N LEU H 233 11.26 26.06 43.61
CA LEU H 233 11.26 27.28 44.38
C LEU H 233 12.73 27.68 44.67
N ASP H 234 13.60 26.70 44.89
CA ASP H 234 15.01 26.96 45.14
C ASP H 234 15.68 27.49 43.86
N ILE H 236 14.15 29.21 41.35
CA ILE H 236 13.65 30.55 41.09
C ILE H 236 14.36 31.55 41.98
N ALA H 237 14.33 31.27 43.28
CA ALA H 237 14.96 32.13 44.28
C ALA H 237 16.43 32.36 43.94
N THR H 238 17.11 31.27 43.64
CA THR H 238 18.52 31.32 43.27
C THR H 238 18.76 32.17 42.04
N LEU H 239 18.05 31.88 40.95
CA LEU H 239 18.23 32.62 39.72
C LEU H 239 17.94 34.12 39.79
N LEU H 240 16.73 34.48 40.19
CA LEU H 240 16.34 35.88 40.25
C LEU H 240 17.18 36.74 41.19
N SER H 241 17.68 36.14 42.26
CA SER H 241 18.51 36.88 43.21
C SER H 241 19.98 36.67 42.85
N ASP H 242 20.26 35.73 41.96
CA ASP H 242 21.63 35.41 41.57
C ASP H 242 22.34 35.12 42.88
N GLY H 243 21.66 34.37 43.74
CA GLY H 243 22.23 34.04 45.03
C GLY H 243 22.56 32.58 45.15
N ALA H 244 22.62 32.11 46.40
CA ALA H 244 22.95 30.73 46.71
C ALA H 244 21.73 29.85 46.81
N SER H 245 21.88 28.62 46.32
CA SER H 245 20.83 27.64 46.33
C SER H 245 20.97 26.83 47.61
N VAL H 246 20.15 25.80 47.75
CA VAL H 246 20.22 24.96 48.93
C VAL H 246 21.60 24.29 48.97
N ALA H 247 22.05 23.78 47.83
CA ALA H 247 23.34 23.11 47.73
C ALA H 247 24.48 24.03 48.15
N GLU H 248 24.50 25.23 47.59
CA GLU H 248 25.54 26.20 47.89
C GLU H 248 25.56 26.56 49.35
N VAL H 249 24.39 26.89 49.90
CA VAL H 249 24.33 27.25 51.30
C VAL H 249 24.74 26.09 52.20
N THR H 250 24.21 24.90 51.92
CA THR H 250 24.53 23.76 52.76
C THR H 250 26.01 23.39 52.80
N GLN H 251 26.65 23.42 51.64
CA GLN H 251 28.05 23.06 51.53
C GLN H 251 29.06 24.19 51.73
N ASP H 252 28.81 25.32 51.07
CA ASP H 252 29.72 26.45 51.15
C ASP H 252 29.60 27.29 52.43
N ASN H 253 28.60 27.02 53.26
CA ASN H 253 28.43 27.79 54.49
C ASN H 253 28.56 26.92 55.74
N SER H 254 28.99 27.52 56.84
CA SER H 254 29.16 26.79 58.08
C SER H 254 27.82 26.47 58.75
N ASP H 255 26.78 27.22 58.38
CA ASP H 255 25.45 27.02 58.95
C ASP H 255 24.38 27.60 58.02
N GLU H 256 23.14 27.67 58.51
CA GLU H 256 22.05 28.18 57.70
C GLU H 256 22.04 29.71 57.61
N TYR H 257 22.75 30.24 56.62
CA TYR H 257 22.79 31.68 56.42
C TYR H 257 23.16 31.99 54.97
N GLY H 258 22.83 33.20 54.52
CA GLY H 258 23.15 33.57 53.16
C GLY H 258 22.19 32.86 52.20
N ILE H 259 20.94 32.72 52.62
CA ILE H 259 19.93 32.06 51.80
C ILE H 259 19.27 33.05 50.85
N SER H 260 18.42 32.53 49.97
CA SER H 260 17.72 33.35 49.00
C SER H 260 16.22 33.37 49.26
N GLN H 261 15.59 34.52 48.99
CA GLN H 261 14.16 34.71 49.24
C GLN H 261 13.52 35.54 48.14
N ILE H 262 12.22 35.36 47.95
CA ILE H 262 11.48 36.06 46.92
C ILE H 262 10.23 36.67 47.53
N PHE H 263 9.99 37.94 47.25
CA PHE H 263 8.84 38.64 47.78
C PHE H 263 8.05 39.22 46.61
N ILE H 264 6.77 38.86 46.55
CA ILE H 264 5.89 39.31 45.48
C ILE H 264 4.61 39.99 45.99
N ALA H 265 4.27 41.11 45.37
CA ALA H 265 3.07 41.82 45.74
C ALA H 265 2.27 42.08 44.47
N ILE H 266 0.95 41.91 44.56
CA ILE H 266 0.09 42.15 43.41
C ILE H 266 -1.06 43.07 43.82
N GLU H 267 -1.29 44.11 43.03
CA GLU H 267 -2.36 45.06 43.30
C GLU H 267 -3.69 44.41 42.92
N VAL H 268 -4.70 44.65 43.75
CA VAL H 268 -6.02 44.08 43.53
C VAL H 268 -7.09 45.11 43.22
N ASP H 269 -7.20 46.12 44.07
CA ASP H 269 -8.22 47.15 43.93
C ASP H 269 -8.28 47.87 42.58
N LYS H 270 -7.28 47.70 41.71
CA LYS H 270 -7.32 48.35 40.41
C LYS H 270 -7.85 47.45 39.30
N LEU H 271 -7.97 46.15 39.59
CA LEU H 271 -8.45 45.17 38.63
C LEU H 271 -9.87 44.69 38.95
N ILE H 272 -10.29 44.85 40.20
CA ILE H 272 -11.62 44.44 40.63
C ILE H 272 -12.26 45.49 41.55
N ASP H 273 -13.55 45.71 41.36
CA ASP H 273 -14.31 46.68 42.13
C ASP H 273 -14.38 46.30 43.61
N GLY H 274 -14.41 47.30 44.49
CA GLY H 274 -14.49 47.04 45.91
C GLY H 274 -15.65 46.13 46.28
N PRO H 275 -16.88 46.46 45.85
CA PRO H 275 -18.06 45.64 46.14
C PRO H 275 -17.96 44.22 45.54
N THR H 276 -17.51 44.14 44.29
CA THR H 276 -17.36 42.86 43.60
C THR H 276 -16.31 42.01 44.34
N ARG H 277 -15.23 42.65 44.78
CA ARG H 277 -14.18 41.97 45.50
C ARG H 277 -14.73 41.33 46.77
N ASP H 278 -15.43 42.14 47.56
CA ASP H 278 -16.01 41.68 48.81
C ASP H 278 -17.00 40.53 48.60
N ALA H 279 -17.84 40.66 47.58
CA ALA H 279 -18.84 39.66 47.29
C ALA H 279 -18.24 38.36 46.75
N LYS H 280 -17.46 38.47 45.68
CA LYS H 280 -16.85 37.30 45.07
C LYS H 280 -16.05 36.46 46.06
N LEU H 281 -15.25 37.12 46.89
CA LEU H 281 -14.44 36.43 47.88
C LEU H 281 -15.35 35.78 48.92
N GLN H 282 -16.42 36.46 49.30
CA GLN H 282 -17.34 35.93 50.28
C GLN H 282 -18.02 34.67 49.75
N ARG H 283 -18.34 34.67 48.45
CA ARG H 283 -18.98 33.51 47.84
C ARG H 283 -18.04 32.30 47.89
N ILE H 284 -16.74 32.57 47.78
CA ILE H 284 -15.71 31.53 47.82
C ILE H 284 -15.58 30.97 49.23
N ASP H 286 -17.73 31.20 51.74
CA ASP H 286 -18.96 30.57 52.19
C ASP H 286 -19.19 29.23 51.52
N TYR H 287 -18.74 29.11 50.28
CA TYR H 287 -18.91 27.87 49.54
C TYR H 287 -18.10 26.78 50.24
N VAL H 288 -17.01 27.18 50.89
CA VAL H 288 -16.13 26.27 51.62
C VAL H 288 -16.69 25.90 53.00
N THR H 289 -16.94 26.92 53.81
CA THR H 289 -17.48 26.74 55.16
C THR H 289 -18.89 26.16 55.23
N SER H 290 -19.65 26.23 54.14
CA SER H 290 -21.01 25.70 54.16
C SER H 290 -21.04 24.24 53.71
N ALA H 291 -19.90 23.75 53.25
CA ALA H 291 -19.77 22.38 52.78
C ALA H 291 -20.14 21.35 53.82
N GLU H 292 -20.75 20.25 53.38
CA GLU H 292 -21.12 19.18 54.30
C GLU H 292 -19.85 18.68 54.99
N ARG H 293 -19.82 18.84 56.31
CA ARG H 293 -18.67 18.45 57.11
C ARG H 293 -18.47 16.95 57.28
N ALA H 294 -17.22 16.54 57.48
CA ALA H 294 -16.91 15.14 57.70
C ALA H 294 -17.20 14.84 59.17
N ASP H 295 -17.25 15.91 59.97
CA ASP H 295 -17.54 15.83 61.39
C ASP H 295 -18.58 16.91 61.66
N GLU H 296 -19.83 16.49 61.85
CA GLU H 296 -20.96 17.38 62.08
C GLU H 296 -20.71 18.56 63.03
N ASN H 297 -19.82 18.36 64.00
CA ASN H 297 -19.53 19.43 64.95
C ASN H 297 -18.16 20.07 64.78
N GLN H 298 -17.48 19.75 63.68
CA GLN H 298 -16.16 20.31 63.42
C GLN H 298 -16.23 21.26 62.23
N ALA H 299 -16.12 22.56 62.50
CA ALA H 299 -16.19 23.57 61.46
C ALA H 299 -15.13 23.39 60.38
N ILE H 300 -15.44 23.81 59.15
CA ILE H 300 -14.49 23.72 58.05
C ILE H 300 -13.63 24.97 58.10
N ARG H 301 -12.36 24.79 58.45
CA ARG H 301 -11.43 25.91 58.57
C ARG H 301 -10.91 26.46 57.25
N LEU H 302 -10.66 27.76 57.23
CA LEU H 302 -10.09 28.41 56.06
C LEU H 302 -8.65 28.67 56.45
N PRO H 303 -7.71 28.49 55.51
CA PRO H 303 -6.29 28.70 55.77
C PRO H 303 -5.94 30.08 56.32
N GLY H 304 -5.21 30.08 57.44
CA GLY H 304 -4.79 31.32 58.07
C GLY H 304 -5.81 32.07 58.90
N HIS H 305 -7.02 31.53 59.01
CA HIS H 305 -8.08 32.18 59.78
C HIS H 305 -7.95 31.93 61.29
N GLU H 306 -6.93 31.19 61.70
CA GLU H 306 -6.76 30.89 63.11
C GLU H 306 -5.90 31.93 63.85
N PHE H 307 -5.14 32.72 63.10
CA PHE H 307 -4.28 33.73 63.69
C PHE H 307 -5.03 34.90 64.33
N THR H 308 -6.24 35.15 63.86
CA THR H 308 -7.04 36.24 64.39
C THR H 308 -7.39 35.97 65.86
N THR H 309 -7.85 34.75 66.16
CA THR H 309 -8.21 34.39 67.54
C THR H 309 -6.97 34.26 68.41
N LEU H 310 -5.90 33.71 67.84
CA LEU H 310 -4.67 33.54 68.59
C LEU H 310 -4.18 34.89 69.10
N LEU H 311 -4.14 35.87 68.20
CA LEU H 311 -3.67 37.20 68.54
C LEU H 311 -4.53 37.87 69.59
N ALA H 312 -5.83 37.97 69.32
CA ALA H 312 -6.74 38.63 70.25
C ALA H 312 -6.69 37.99 71.63
N GLU H 313 -6.64 36.66 71.65
CA GLU H 313 -6.61 35.92 72.90
C GLU H 313 -5.32 36.13 73.70
N ASN H 314 -4.22 36.41 73.00
CA ASN H 314 -2.95 36.65 73.69
C ASN H 314 -2.86 38.08 74.20
N ARG H 315 -3.75 38.92 73.73
CA ARG H 315 -3.78 40.32 74.16
C ARG H 315 -4.75 40.47 75.33
N ARG H 316 -5.56 39.43 75.54
CA ARG H 316 -6.54 39.42 76.62
C ARG H 316 -5.99 38.79 77.91
N ASN H 317 -5.28 37.68 77.76
CA ASN H 317 -4.71 36.99 78.92
C ASN H 317 -3.20 36.87 78.90
N GLY H 318 -2.53 37.88 78.33
CA GLY H 318 -1.08 37.84 78.26
C GLY H 318 -0.58 36.68 77.42
N ILE H 319 0.73 36.56 77.29
CA ILE H 319 1.34 35.49 76.50
C ILE H 319 1.84 34.34 77.38
N THR H 320 1.69 33.11 76.91
CA THR H 320 2.14 31.95 77.67
C THR H 320 3.35 31.34 76.97
N VAL H 321 4.51 31.48 77.60
CA VAL H 321 5.74 30.95 77.03
C VAL H 321 6.31 29.83 77.91
N ASP H 322 6.98 28.87 77.28
CA ASP H 322 7.57 27.76 78.00
C ASP H 322 8.66 28.30 78.96
N ASP H 323 8.52 27.98 80.23
CA ASP H 323 9.47 28.42 81.25
C ASP H 323 10.90 28.10 80.86
N SER H 324 11.09 26.94 80.26
CA SER H 324 12.41 26.48 79.84
C SER H 324 13.00 27.42 78.78
N VAL H 325 12.16 27.90 77.89
CA VAL H 325 12.63 28.80 76.85
C VAL H 325 12.97 30.16 77.44
N TRP H 326 12.12 30.63 78.35
CA TRP H 326 12.32 31.91 78.99
C TRP H 326 13.60 31.91 79.83
N ALA H 327 13.87 30.79 80.49
CA ALA H 327 15.06 30.68 81.31
C ALA H 327 16.30 30.72 80.43
N LYS H 328 16.19 30.11 79.26
CA LYS H 328 17.29 30.08 78.29
C LYS H 328 17.61 31.52 77.90
N ILE H 329 16.57 32.28 77.55
CA ILE H 329 16.73 33.67 77.16
C ILE H 329 17.31 34.48 78.31
N GLN H 330 16.91 34.15 79.52
CA GLN H 330 17.41 34.85 80.69
C GLN H 330 18.89 34.51 80.89
N ALA H 331 19.24 33.24 80.66
CA ALA H 331 20.60 32.75 80.81
C ALA H 331 21.58 33.43 79.85
N LEU H 332 21.09 33.88 78.70
CA LEU H 332 21.95 34.55 77.73
C LEU H 332 22.52 35.83 78.31
N LEU H 333 21.77 36.46 79.19
CA LEU H 333 22.20 37.70 79.81
C LEU H 333 22.99 37.40 81.08
N GLU H 334 24.06 36.63 80.95
CA GLU H 334 24.90 36.28 82.09
C GLU H 334 24.13 35.47 83.14
#